data_9I9D
#
_entry.id   9I9D
#
_entity_poly.entity_id   1
_entity_poly.type   'polypeptide(L)'
_entity_poly.pdbx_seq_one_letter_code
;GKARTAPQGEAAGTATTASVPGTTTDGMDPGVVATTSVVTAENSSASIATAGIGGPPQQVDQQETWRTNFYYNDVFTWSV
ADAPGSILYTVQHSPQNNPFTAVLSQMYAGWAGGMQFRFIVAGSGVFGGRLVAAVIPPGIEIGPGLEVRQFPHVVIDARS
LEPVTITMPDLRPNMYHPTGDPGLVPTLVLSVYNNLINPFGGSTSAIQVTVETRPSEDFEFVMIRAPSSKTVDSISPAGL
LTTPVLTGVGNDNRWNGQIVGLQPVPGGFSTCNRHWNLNGSTYGWSSPRFADIDHRRGSASYPGNNATNVLQFWYANAGS
AIDNPISQVAPDGFPDMSFVPFNGPGIPAAGWVGFGAIWNSNSGAPNVTTVQAYELGFATGAPGNLQPTTNTSGSQTVAK
SIYAVVTGTAQNPAGLFVMASGVISTPSANAITYTPQPDRIVTTPGTPAAAPVGKNTPIMFASVVRRTGDVNATAGSANG
TQYGTGSQPLPVTIGLSLNNYSSALMPGQFFVWQLTFASGFMEIGLSVDGYFYAGTGASTTLIDLTELIDVRPVGPRPSK
STLVFNLGGTANGFSYV
;
_entity_poly.pdbx_strand_id   A,B,C
#
# COMPACT_ATOMS: atom_id res chain seq x y z
N MET A 28 -50.65 4.27 -4.58
CA MET A 28 -51.27 2.97 -4.47
C MET A 28 -50.25 1.85 -4.68
N ASP A 29 -49.84 1.18 -3.61
CA ASP A 29 -48.94 0.04 -3.73
C ASP A 29 -49.50 -1.22 -3.07
N PRO A 30 -50.70 -1.70 -3.47
CA PRO A 30 -51.31 -2.83 -2.75
C PRO A 30 -50.94 -4.20 -3.32
N GLY A 31 -51.57 -5.23 -2.78
CA GLY A 31 -51.41 -6.59 -3.28
C GLY A 31 -52.47 -6.97 -4.29
N VAL A 32 -52.79 -6.05 -5.20
CA VAL A 32 -53.80 -6.23 -6.24
C VAL A 32 -53.03 -6.51 -7.53
N VAL A 33 -53.73 -6.94 -8.59
CA VAL A 33 -53.22 -7.18 -9.93
C VAL A 33 -52.39 -6.00 -10.43
N ALA A 34 -53.00 -4.81 -10.42
CA ALA A 34 -52.36 -3.48 -10.48
C ALA A 34 -51.76 -3.13 -11.84
N THR A 35 -51.88 -1.86 -12.23
CA THR A 35 -51.23 -1.36 -13.43
C THR A 35 -49.79 -0.94 -13.20
N THR A 36 -49.51 -0.20 -12.13
CA THR A 36 -48.20 0.29 -11.68
C THR A 36 -47.45 1.11 -12.72
N SER A 37 -46.21 1.48 -12.39
CA SER A 37 -45.30 2.16 -13.30
C SER A 37 -43.86 1.95 -12.84
N VAL A 38 -43.12 1.09 -13.51
CA VAL A 38 -41.73 0.80 -13.17
C VAL A 38 -40.89 1.81 -13.96
N VAL A 39 -40.40 2.83 -13.26
CA VAL A 39 -39.76 3.96 -13.93
C VAL A 39 -38.35 3.58 -14.33
N THR A 40 -38.01 3.86 -15.59
CA THR A 40 -36.75 3.44 -16.20
C THR A 40 -35.61 4.40 -15.85
N ALA A 41 -34.48 4.23 -16.55
CA ALA A 41 -33.33 5.09 -16.40
C ALA A 41 -33.07 5.85 -17.71
N GLU A 42 -32.20 6.86 -17.62
CA GLU A 42 -31.91 7.70 -18.77
C GLU A 42 -31.03 7.02 -19.81
N ASN A 43 -30.25 6.01 -19.42
CA ASN A 43 -29.35 5.31 -20.33
C ASN A 43 -29.76 3.85 -20.49
N SER A 44 -31.07 3.60 -20.55
CA SER A 44 -31.57 2.23 -20.55
C SER A 44 -31.34 1.55 -21.90
N SER A 45 -31.35 2.32 -22.99
CA SER A 45 -31.15 1.73 -24.31
C SER A 45 -29.73 1.23 -24.50
N ALA A 46 -28.75 1.90 -23.90
CA ALA A 46 -27.37 1.47 -24.00
C ALA A 46 -26.93 0.58 -22.86
N SER A 47 -27.69 0.53 -21.76
CA SER A 47 -27.32 -0.37 -20.68
C SER A 47 -27.64 -1.83 -21.01
N ILE A 48 -28.80 -2.08 -21.60
CA ILE A 48 -29.19 -3.45 -21.93
C ILE A 48 -28.37 -3.98 -23.11
N ALA A 49 -28.13 -3.13 -24.11
CA ALA A 49 -27.50 -3.58 -25.35
C ALA A 49 -26.04 -3.96 -25.14
N THR A 50 -25.31 -3.19 -24.34
CA THR A 50 -23.91 -3.49 -24.07
C THR A 50 -23.71 -4.50 -22.97
N ALA A 51 -24.75 -4.85 -22.20
CA ALA A 51 -24.65 -5.91 -21.21
C ALA A 51 -24.89 -7.29 -21.81
N GLY A 52 -25.00 -7.38 -23.13
CA GLY A 52 -25.09 -8.65 -23.82
C GLY A 52 -23.77 -9.38 -23.96
N ILE A 53 -22.67 -8.76 -23.50
CA ILE A 53 -21.38 -9.45 -23.47
C ILE A 53 -21.37 -10.60 -22.48
N GLY A 54 -22.23 -10.55 -21.46
CA GLY A 54 -22.41 -11.66 -20.56
C GLY A 54 -23.43 -12.67 -21.00
N GLY A 55 -23.97 -12.52 -22.20
CA GLY A 55 -24.99 -13.41 -22.70
C GLY A 55 -26.35 -12.75 -22.67
N PRO A 56 -27.41 -13.57 -22.55
CA PRO A 56 -28.76 -12.99 -22.44
C PRO A 56 -28.95 -12.37 -21.08
N PRO A 57 -29.83 -11.36 -20.97
CA PRO A 57 -30.15 -10.81 -19.64
C PRO A 57 -30.99 -11.79 -18.85
N GLN A 58 -30.64 -11.95 -17.58
CA GLN A 58 -31.34 -12.88 -16.70
C GLN A 58 -32.08 -12.11 -15.60
N GLN A 59 -33.15 -12.73 -15.11
CA GLN A 59 -34.09 -12.14 -14.15
C GLN A 59 -34.66 -10.81 -14.64
N VAL A 60 -34.90 -10.72 -15.95
CA VAL A 60 -35.62 -9.58 -16.51
C VAL A 60 -37.02 -10.07 -16.87
N ASP A 61 -37.97 -9.57 -16.09
CA ASP A 61 -39.39 -9.85 -16.25
C ASP A 61 -40.10 -8.80 -15.40
N GLN A 62 -40.98 -8.02 -16.00
CA GLN A 62 -41.50 -6.83 -15.35
C GLN A 62 -42.73 -7.10 -14.50
N GLN A 63 -43.25 -8.33 -14.52
CA GLN A 63 -44.39 -8.68 -13.69
C GLN A 63 -43.99 -9.32 -12.37
N GLU A 64 -42.70 -9.49 -12.10
CA GLU A 64 -42.27 -10.07 -10.83
C GLU A 64 -42.46 -9.08 -9.69
N THR A 65 -42.84 -9.60 -8.52
CA THR A 65 -43.16 -8.75 -7.38
C THR A 65 -41.94 -8.40 -6.55
N TRP A 66 -40.75 -8.89 -6.91
CA TRP A 66 -39.54 -8.35 -6.29
C TRP A 66 -39.01 -7.14 -7.06
N ARG A 67 -39.57 -6.84 -8.24
CA ARG A 67 -39.13 -5.72 -9.05
C ARG A 67 -40.12 -4.56 -9.05
N THR A 68 -41.35 -4.77 -8.60
CA THR A 68 -42.39 -3.77 -8.66
C THR A 68 -42.75 -3.21 -7.29
N ASN A 69 -41.91 -3.42 -6.28
CA ASN A 69 -42.17 -2.94 -4.94
C ASN A 69 -40.91 -2.35 -4.34
N PHE A 70 -41.10 -1.42 -3.42
CA PHE A 70 -39.99 -0.83 -2.68
C PHE A 70 -39.79 -1.60 -1.37
N TYR A 71 -38.52 -1.86 -1.05
CA TYR A 71 -38.17 -2.62 0.14
C TYR A 71 -37.11 -1.87 0.93
N TYR A 72 -37.04 -2.19 2.22
CA TYR A 72 -36.20 -1.45 3.15
C TYR A 72 -34.72 -1.70 2.87
N ASN A 73 -33.93 -0.62 2.86
CA ASN A 73 -32.49 -0.71 2.63
C ASN A 73 -31.68 -0.23 3.81
N ASP A 74 -31.92 0.99 4.29
CA ASP A 74 -31.12 1.55 5.36
C ASP A 74 -31.90 2.68 6.04
N VAL A 75 -31.54 2.95 7.28
CA VAL A 75 -32.02 4.11 8.02
C VAL A 75 -30.83 4.92 8.49
N PHE A 76 -30.94 6.24 8.36
CA PHE A 76 -29.89 7.12 8.84
C PHE A 76 -30.54 8.25 9.63
N THR A 77 -29.81 8.72 10.64
CA THR A 77 -30.31 9.73 11.57
C THR A 77 -29.85 11.11 11.10
N TRP A 78 -30.82 12.00 10.89
CA TRP A 78 -30.56 13.40 10.58
C TRP A 78 -30.86 14.20 11.83
N SER A 79 -29.83 14.80 12.41
CA SER A 79 -29.94 15.54 13.65
C SER A 79 -29.91 17.04 13.37
N VAL A 80 -30.29 17.82 14.39
CA VAL A 80 -30.25 19.28 14.29
C VAL A 80 -28.84 19.83 14.32
N ALA A 81 -27.87 19.04 14.80
CA ALA A 81 -26.49 19.48 14.95
C ALA A 81 -25.64 19.27 13.71
N ASP A 82 -26.25 19.27 12.52
CA ASP A 82 -25.51 18.98 11.30
C ASP A 82 -25.51 20.19 10.38
N ALA A 83 -24.37 20.42 9.73
CA ALA A 83 -24.20 21.58 8.87
C ALA A 83 -25.02 21.42 7.58
N PRO A 84 -25.45 22.52 6.98
CA PRO A 84 -26.09 22.45 5.66
C PRO A 84 -25.09 22.08 4.59
N GLY A 85 -25.31 20.93 3.95
CA GLY A 85 -24.36 20.38 3.02
C GLY A 85 -23.49 19.27 3.58
N SER A 86 -23.56 19.00 4.87
CA SER A 86 -22.86 17.85 5.45
C SER A 86 -23.54 16.56 4.99
N ILE A 87 -22.72 15.57 4.66
CA ILE A 87 -23.20 14.32 4.09
C ILE A 87 -23.72 13.42 5.20
N LEU A 88 -24.97 12.98 5.06
CA LEU A 88 -25.58 12.04 5.99
C LEU A 88 -25.53 10.61 5.50
N TYR A 89 -25.95 10.35 4.27
CA TYR A 89 -26.08 9.00 3.74
C TYR A 89 -25.37 8.93 2.41
N THR A 90 -24.33 8.10 2.33
CA THR A 90 -23.66 7.81 1.09
C THR A 90 -23.68 6.31 0.84
N VAL A 91 -23.96 5.92 -0.40
CA VAL A 91 -24.01 4.51 -0.78
C VAL A 91 -23.63 4.41 -2.25
N GLN A 92 -23.00 3.29 -2.60
CA GLN A 92 -22.56 3.05 -3.97
C GLN A 92 -23.58 2.21 -4.71
N HIS A 93 -23.50 2.25 -6.03
CA HIS A 93 -24.37 1.43 -6.86
C HIS A 93 -23.93 -0.04 -6.75
N SER A 94 -24.81 -0.87 -6.19
CA SER A 94 -24.46 -2.23 -5.84
C SER A 94 -25.75 -3.03 -5.68
N PRO A 95 -25.73 -4.33 -5.93
CA PRO A 95 -26.94 -5.13 -5.69
C PRO A 95 -27.19 -5.46 -4.23
N GLN A 96 -26.28 -5.09 -3.33
CA GLN A 96 -26.52 -5.24 -1.90
C GLN A 96 -27.40 -4.13 -1.33
N ASN A 97 -27.79 -3.16 -2.15
CA ASN A 97 -28.67 -2.09 -1.74
C ASN A 97 -30.13 -2.52 -1.67
N ASN A 98 -30.47 -3.68 -2.24
CA ASN A 98 -31.81 -4.23 -2.24
C ASN A 98 -31.76 -5.61 -1.61
N PRO A 99 -32.73 -5.96 -0.76
CA PRO A 99 -32.68 -7.27 -0.09
C PRO A 99 -32.90 -8.45 -1.02
N PHE A 100 -33.48 -8.24 -2.20
CA PHE A 100 -33.74 -9.35 -3.12
C PHE A 100 -32.76 -9.42 -4.27
N THR A 101 -32.13 -8.31 -4.65
CA THR A 101 -31.03 -8.39 -5.60
C THR A 101 -29.76 -8.90 -4.93
N ALA A 102 -29.59 -8.62 -3.63
CA ALA A 102 -28.47 -9.21 -2.90
C ALA A 102 -28.67 -10.70 -2.70
N VAL A 103 -29.92 -11.14 -2.56
CA VAL A 103 -30.22 -12.57 -2.52
C VAL A 103 -29.99 -13.18 -3.90
N LEU A 104 -30.32 -12.45 -4.97
CA LEU A 104 -30.05 -12.96 -6.31
C LEU A 104 -28.58 -12.85 -6.68
N SER A 105 -27.79 -12.07 -5.94
CA SER A 105 -26.41 -11.82 -6.30
C SER A 105 -25.49 -13.02 -6.05
N GLN A 106 -25.87 -13.97 -5.19
CA GLN A 106 -24.97 -15.08 -4.93
C GLN A 106 -25.01 -16.10 -6.05
N MET A 107 -26.04 -16.06 -6.90
CA MET A 107 -26.13 -16.98 -8.03
C MET A 107 -25.94 -16.29 -9.36
N TYR A 108 -25.24 -15.15 -9.39
CA TYR A 108 -24.98 -14.44 -10.63
C TYR A 108 -23.66 -13.70 -10.52
N ALA A 109 -22.76 -14.00 -11.44
CA ALA A 109 -21.43 -13.38 -11.45
C ALA A 109 -21.38 -12.16 -12.37
N GLY A 110 -22.29 -11.21 -12.16
CA GLY A 110 -22.30 -10.02 -12.97
C GLY A 110 -23.66 -9.38 -13.08
N TRP A 111 -23.71 -8.05 -13.00
CA TRP A 111 -24.97 -7.33 -13.04
C TRP A 111 -24.77 -6.04 -13.82
N ALA A 112 -25.89 -5.52 -14.33
CA ALA A 112 -25.90 -4.24 -15.02
C ALA A 112 -27.30 -3.66 -14.94
N GLY A 113 -27.39 -2.35 -14.81
CA GLY A 113 -28.66 -1.67 -14.81
C GLY A 113 -28.81 -0.75 -13.60
N GLY A 114 -29.85 0.08 -13.68
CA GLY A 114 -30.07 1.12 -12.71
C GLY A 114 -30.81 0.63 -11.48
N MET A 115 -31.18 1.60 -10.64
CA MET A 115 -31.87 1.32 -9.39
C MET A 115 -32.65 2.56 -8.99
N GLN A 116 -33.79 2.36 -8.34
CA GLN A 116 -34.66 3.43 -7.90
C GLN A 116 -34.63 3.52 -6.38
N PHE A 117 -34.48 4.73 -5.86
CA PHE A 117 -34.38 4.96 -4.42
C PHE A 117 -35.55 5.80 -3.96
N ARG A 118 -36.16 5.42 -2.84
CA ARG A 118 -37.24 6.16 -2.22
C ARG A 118 -36.85 6.50 -0.79
N PHE A 119 -37.11 7.74 -0.39
CA PHE A 119 -36.71 8.24 0.92
C PHE A 119 -37.95 8.56 1.74
N ILE A 120 -38.08 7.90 2.88
CA ILE A 120 -39.22 8.08 3.78
C ILE A 120 -38.70 8.75 5.04
N VAL A 121 -39.24 9.91 5.35
CA VAL A 121 -38.86 10.64 6.56
C VAL A 121 -39.89 10.38 7.65
N ALA A 122 -39.42 10.13 8.87
CA ALA A 122 -40.31 10.10 10.01
C ALA A 122 -40.94 11.47 10.24
N GLY A 123 -40.10 12.46 10.54
CA GLY A 123 -40.45 13.85 10.57
C GLY A 123 -41.46 14.22 11.64
N SER A 124 -41.95 15.45 11.52
CA SER A 124 -43.09 15.96 12.28
C SER A 124 -43.54 17.24 11.58
N GLY A 125 -44.72 17.72 11.96
CA GLY A 125 -45.17 19.01 11.47
C GLY A 125 -44.34 20.16 11.97
N VAL A 126 -43.86 20.09 13.21
CA VAL A 126 -43.08 21.18 13.79
C VAL A 126 -41.63 21.21 13.31
N PHE A 127 -41.17 20.16 12.64
CA PHE A 127 -39.80 20.12 12.14
C PHE A 127 -39.71 20.73 10.76
N GLY A 128 -38.54 21.25 10.41
CA GLY A 128 -38.34 21.84 9.10
C GLY A 128 -36.89 21.74 8.66
N GLY A 129 -36.71 21.84 7.35
CA GLY A 129 -35.40 21.67 6.75
C GLY A 129 -35.44 20.68 5.61
N ARG A 130 -34.56 20.85 4.62
CA ARG A 130 -34.61 20.03 3.41
C ARG A 130 -33.34 19.21 3.27
N LEU A 131 -33.40 18.23 2.35
CA LEU A 131 -32.26 17.36 2.05
C LEU A 131 -32.05 17.30 0.54
N VAL A 132 -30.84 16.92 0.16
CA VAL A 132 -30.45 16.82 -1.25
C VAL A 132 -30.16 15.36 -1.54
N ALA A 133 -30.81 14.81 -2.56
CA ALA A 133 -30.47 13.49 -3.06
C ALA A 133 -30.04 13.64 -4.51
N ALA A 134 -28.82 13.18 -4.81
CA ALA A 134 -28.30 13.30 -6.16
C ALA A 134 -27.36 12.14 -6.44
N VAL A 135 -27.20 11.82 -7.73
CA VAL A 135 -26.36 10.71 -8.15
C VAL A 135 -25.02 11.28 -8.57
N ILE A 136 -23.97 10.94 -7.82
CA ILE A 136 -22.63 11.42 -8.14
C ILE A 136 -22.04 10.52 -9.22
N PRO A 137 -21.57 11.08 -10.34
CA PRO A 137 -20.91 10.28 -11.36
C PRO A 137 -19.58 9.74 -10.87
N PRO A 138 -19.08 8.65 -11.45
CA PRO A 138 -17.80 8.08 -11.00
C PRO A 138 -16.62 9.00 -11.31
N GLY A 139 -15.61 8.90 -10.45
CA GLY A 139 -14.44 9.75 -10.56
C GLY A 139 -14.47 11.00 -9.73
N ILE A 140 -15.36 11.09 -8.74
CA ILE A 140 -15.48 12.25 -7.86
C ILE A 140 -15.31 11.77 -6.42
N GLU A 141 -14.46 12.47 -5.66
CA GLU A 141 -14.35 12.17 -4.23
C GLU A 141 -15.60 12.62 -3.50
N ILE A 142 -15.93 11.92 -2.43
CA ILE A 142 -17.12 12.16 -1.64
C ILE A 142 -16.68 12.62 -0.25
N GLY A 143 -17.06 13.82 0.14
CA GLY A 143 -16.64 14.36 1.41
C GLY A 143 -17.14 15.75 1.68
N PRO A 144 -16.45 16.47 2.57
CA PRO A 144 -16.88 17.84 2.91
C PRO A 144 -16.76 18.82 1.76
N GLY A 145 -15.80 18.63 0.86
CA GLY A 145 -15.63 19.55 -0.26
C GLY A 145 -16.66 19.39 -1.36
N LEU A 146 -17.36 18.26 -1.39
CA LEU A 146 -18.34 18.02 -2.44
C LEU A 146 -19.59 18.84 -2.21
N GLU A 147 -20.04 19.53 -3.25
CA GLU A 147 -21.23 20.38 -3.19
C GLU A 147 -22.35 19.71 -3.98
N VAL A 148 -23.32 19.16 -3.26
CA VAL A 148 -24.37 18.34 -3.87
C VAL A 148 -25.50 19.19 -4.44
N ARG A 149 -25.68 20.42 -3.95
CA ARG A 149 -26.81 21.25 -4.31
C ARG A 149 -26.77 21.76 -5.74
N GLN A 150 -25.63 21.67 -6.43
CA GLN A 150 -25.52 22.06 -7.82
C GLN A 150 -25.55 20.86 -8.77
N PHE A 151 -25.79 19.66 -8.26
CA PHE A 151 -26.00 18.47 -9.07
C PHE A 151 -27.46 18.41 -9.51
N PRO A 152 -27.78 17.62 -10.54
CA PRO A 152 -29.20 17.31 -10.80
C PRO A 152 -29.80 16.48 -9.68
N HIS A 153 -30.72 17.06 -8.91
CA HIS A 153 -31.08 16.50 -7.61
C HIS A 153 -32.58 16.58 -7.39
N VAL A 154 -33.00 16.07 -6.23
CA VAL A 154 -34.37 16.20 -5.74
C VAL A 154 -34.30 16.70 -4.31
N VAL A 155 -35.39 17.34 -3.87
CA VAL A 155 -35.45 17.99 -2.57
C VAL A 155 -36.43 17.24 -1.68
N ILE A 156 -36.01 16.89 -0.47
CA ILE A 156 -36.80 16.12 0.48
C ILE A 156 -37.01 16.95 1.73
N ASP A 157 -38.26 17.29 2.02
CA ASP A 157 -38.59 17.99 3.24
C ASP A 157 -38.61 17.04 4.44
N ALA A 158 -38.51 17.63 5.63
CA ALA A 158 -38.65 16.85 6.85
C ALA A 158 -40.10 16.48 7.13
N ARG A 159 -41.04 17.35 6.74
CA ARG A 159 -42.45 17.17 7.07
C ARG A 159 -43.25 16.58 5.90
N SER A 160 -42.54 16.04 4.92
CA SER A 160 -43.18 15.51 3.71
C SER A 160 -43.91 14.20 3.99
N LEU A 161 -45.13 14.11 3.48
CA LEU A 161 -45.90 12.87 3.55
C LEU A 161 -45.47 11.88 2.49
N GLU A 162 -45.64 12.26 1.22
CA GLU A 162 -45.40 11.34 0.11
C GLU A 162 -43.90 11.20 -0.09
N PRO A 163 -43.34 9.99 -0.08
CA PRO A 163 -41.89 9.84 -0.13
C PRO A 163 -41.31 10.19 -1.49
N VAL A 164 -40.14 10.82 -1.46
CA VAL A 164 -39.50 11.36 -2.65
C VAL A 164 -38.70 10.27 -3.33
N THR A 165 -38.88 10.11 -4.63
CA THR A 165 -38.25 9.04 -5.40
C THR A 165 -37.18 9.61 -6.31
N ILE A 166 -35.98 9.03 -6.25
CA ILE A 166 -34.92 9.34 -7.18
C ILE A 166 -34.51 8.05 -7.88
N THR A 167 -33.97 8.18 -9.08
CA THR A 167 -33.51 7.05 -9.87
C THR A 167 -32.01 7.14 -10.04
N MET A 168 -31.32 6.03 -9.77
CA MET A 168 -29.89 5.95 -9.96
C MET A 168 -29.58 5.29 -11.30
N PRO A 169 -29.13 6.03 -12.30
CA PRO A 169 -28.73 5.38 -13.56
C PRO A 169 -27.40 4.66 -13.38
N ASP A 170 -27.19 3.67 -14.24
CA ASP A 170 -25.96 2.87 -14.16
C ASP A 170 -24.95 3.49 -15.11
N LEU A 171 -24.21 4.47 -14.59
CA LEU A 171 -23.17 5.15 -15.35
C LEU A 171 -21.85 4.46 -15.05
N ARG A 172 -21.37 3.67 -16.01
CA ARG A 172 -20.21 2.85 -15.74
C ARG A 172 -19.18 2.96 -16.87
N PRO A 173 -17.90 2.86 -16.55
CA PRO A 173 -16.88 2.71 -17.59
C PRO A 173 -16.74 1.31 -18.12
N ASN A 174 -17.41 0.33 -17.51
CA ASN A 174 -17.39 -1.04 -17.97
C ASN A 174 -18.73 -1.39 -18.62
N MET A 175 -18.81 -2.62 -19.15
CA MET A 175 -20.04 -3.09 -19.76
C MET A 175 -20.99 -3.66 -18.73
N TYR A 176 -20.46 -4.28 -17.69
CA TYR A 176 -21.23 -4.84 -16.60
C TYR A 176 -20.33 -4.84 -15.39
N HIS A 177 -20.93 -4.97 -14.22
CA HIS A 177 -20.16 -5.02 -12.99
C HIS A 177 -20.08 -6.46 -12.51
N PRO A 178 -18.93 -7.12 -12.59
CA PRO A 178 -18.81 -8.45 -11.99
C PRO A 178 -18.81 -8.35 -10.48
N THR A 179 -19.50 -9.29 -9.84
CA THR A 179 -19.59 -9.30 -8.39
C THR A 179 -18.26 -9.70 -7.79
N GLY A 180 -17.78 -8.91 -6.81
CA GLY A 180 -16.48 -9.08 -6.21
C GLY A 180 -15.47 -8.04 -6.66
N ASP A 181 -15.67 -7.45 -7.85
CA ASP A 181 -14.82 -6.37 -8.34
C ASP A 181 -15.68 -5.57 -9.33
N PRO A 182 -16.58 -4.73 -8.82
CA PRO A 182 -17.56 -4.08 -9.71
C PRO A 182 -17.01 -2.91 -10.49
N GLY A 183 -15.78 -2.47 -10.22
CA GLY A 183 -15.23 -1.33 -10.94
C GLY A 183 -15.79 -0.02 -10.42
N LEU A 184 -15.83 0.97 -11.31
CA LEU A 184 -16.32 2.29 -10.95
C LEU A 184 -17.84 2.32 -11.01
N VAL A 185 -18.46 2.79 -9.93
CA VAL A 185 -19.91 2.79 -9.80
C VAL A 185 -20.36 4.21 -9.41
N PRO A 186 -21.56 4.63 -9.77
CA PRO A 186 -22.06 5.91 -9.26
C PRO A 186 -22.35 5.85 -7.77
N THR A 187 -22.38 7.02 -7.16
CA THR A 187 -22.60 7.18 -5.73
C THR A 187 -23.81 8.06 -5.49
N LEU A 188 -24.61 7.72 -4.50
CA LEU A 188 -25.77 8.51 -4.10
C LEU A 188 -25.46 9.16 -2.77
N VAL A 189 -25.59 10.48 -2.70
CA VAL A 189 -25.17 11.26 -1.54
C VAL A 189 -26.35 12.06 -1.01
N LEU A 190 -26.61 11.92 0.29
CA LEU A 190 -27.64 12.68 0.97
C LEU A 190 -26.98 13.78 1.80
N SER A 191 -27.27 15.03 1.45
CA SER A 191 -26.69 16.18 2.14
C SER A 191 -27.81 17.11 2.62
N VAL A 192 -27.46 17.96 3.57
CA VAL A 192 -28.44 18.84 4.20
C VAL A 192 -28.59 20.10 3.36
N TYR A 193 -29.80 20.33 2.86
CA TYR A 193 -30.07 21.53 2.07
C TYR A 193 -30.33 22.73 2.97
N ASN A 194 -31.20 22.56 3.97
CA ASN A 194 -31.41 23.51 5.04
C ASN A 194 -31.39 22.74 6.36
N ASN A 195 -30.73 23.30 7.36
CA ASN A 195 -30.50 22.59 8.61
C ASN A 195 -31.81 22.38 9.37
N LEU A 196 -31.85 21.28 10.13
CA LEU A 196 -33.04 20.90 10.87
C LEU A 196 -33.26 21.87 12.02
N ILE A 197 -34.46 22.43 12.12
CA ILE A 197 -34.82 23.36 13.17
C ILE A 197 -35.92 22.74 14.02
N ASN A 198 -35.77 22.86 15.33
CA ASN A 198 -36.80 22.47 16.28
C ASN A 198 -37.15 23.71 17.08
N PRO A 199 -38.34 24.30 16.90
CA PRO A 199 -38.70 25.50 17.65
C PRO A 199 -38.99 25.27 19.11
N PHE A 200 -38.94 24.02 19.59
CA PHE A 200 -39.21 23.73 20.99
C PHE A 200 -38.02 24.12 21.86
N GLY A 201 -36.84 23.58 21.53
CA GLY A 201 -35.70 23.62 22.42
C GLY A 201 -34.98 22.29 22.46
N GLY A 202 -34.98 21.63 23.61
CA GLY A 202 -34.30 20.36 23.75
C GLY A 202 -35.15 19.16 23.43
N SER A 203 -35.06 18.13 24.29
CA SER A 203 -35.73 16.83 24.16
C SER A 203 -35.43 16.16 22.83
N THR A 204 -36.35 16.26 21.87
CA THR A 204 -36.17 15.61 20.57
C THR A 204 -35.29 16.48 19.70
N SER A 205 -34.11 15.96 19.34
CA SER A 205 -33.15 16.72 18.54
C SER A 205 -32.60 15.91 17.38
N ALA A 206 -33.31 14.88 16.94
CA ALA A 206 -32.87 14.07 15.82
C ALA A 206 -34.08 13.48 15.13
N ILE A 207 -33.92 13.08 13.87
CA ILE A 207 -34.99 12.50 13.08
C ILE A 207 -34.44 11.26 12.39
N GLN A 208 -35.32 10.36 11.98
CA GLN A 208 -34.92 9.16 11.25
C GLN A 208 -35.47 9.20 9.84
N VAL A 209 -34.63 8.90 8.86
CA VAL A 209 -35.02 8.84 7.46
C VAL A 209 -34.78 7.43 6.96
N THR A 210 -35.78 6.86 6.30
CA THR A 210 -35.71 5.49 5.81
C THR A 210 -35.53 5.49 4.30
N VAL A 211 -34.55 4.73 3.81
CA VAL A 211 -34.26 4.62 2.39
C VAL A 211 -34.87 3.32 1.88
N GLU A 212 -35.69 3.43 0.84
CA GLU A 212 -36.33 2.28 0.21
C GLU A 212 -35.83 2.14 -1.21
N THR A 213 -35.57 0.90 -1.63
CA THR A 213 -34.81 0.65 -2.84
C THR A 213 -35.55 -0.35 -3.72
N ARG A 214 -35.71 -0.02 -5.00
CA ARG A 214 -36.38 -0.87 -5.97
C ARG A 214 -35.53 -0.90 -7.24
N PRO A 215 -35.37 -2.05 -7.88
CA PRO A 215 -34.65 -2.10 -9.15
C PRO A 215 -35.39 -1.36 -10.25
N SER A 216 -34.63 -0.80 -11.17
CA SER A 216 -35.21 -0.03 -12.26
C SER A 216 -35.60 -0.96 -13.41
N GLU A 217 -35.91 -0.37 -14.56
CA GLU A 217 -36.38 -1.15 -15.70
C GLU A 217 -35.24 -1.96 -16.33
N ASP A 218 -34.04 -1.37 -16.40
CA ASP A 218 -32.93 -1.95 -17.13
C ASP A 218 -32.04 -2.83 -16.26
N PHE A 219 -32.42 -3.08 -15.01
CA PHE A 219 -31.60 -3.93 -14.15
C PHE A 219 -31.68 -5.38 -14.60
N GLU A 220 -30.53 -6.02 -14.70
CA GLU A 220 -30.45 -7.38 -15.17
C GLU A 220 -29.24 -8.05 -14.54
N PHE A 221 -29.29 -9.37 -14.50
CA PHE A 221 -28.17 -10.20 -14.06
C PHE A 221 -27.67 -10.98 -15.26
N VAL A 222 -26.38 -11.33 -15.24
CA VAL A 222 -25.77 -12.11 -16.30
C VAL A 222 -24.84 -13.14 -15.67
N MET A 223 -24.59 -14.21 -16.43
CA MET A 223 -23.50 -15.16 -16.17
C MET A 223 -23.59 -15.85 -14.81
N ILE A 224 -24.57 -16.74 -14.67
CA ILE A 224 -24.87 -17.52 -13.48
C ILE A 224 -23.64 -18.23 -12.91
N ARG A 225 -23.55 -18.31 -11.58
CA ARG A 225 -22.40 -18.89 -10.91
C ARG A 225 -22.91 -19.78 -9.77
N ALA A 226 -22.02 -20.63 -9.28
CA ALA A 226 -22.35 -21.45 -8.12
C ALA A 226 -22.46 -20.58 -6.88
N PRO A 227 -23.46 -20.85 -6.02
CA PRO A 227 -23.64 -20.02 -4.82
C PRO A 227 -22.60 -20.24 -3.74
N SER A 228 -21.70 -21.21 -3.95
CA SER A 228 -20.59 -21.44 -3.00
C SER A 228 -19.67 -20.22 -3.00
N SER A 229 -19.49 -19.59 -4.17
CA SER A 229 -18.64 -18.38 -4.27
C SER A 229 -19.26 -17.26 -3.44
N LYS A 230 -18.46 -16.60 -2.61
CA LYS A 230 -18.97 -15.50 -1.74
C LYS A 230 -18.01 -14.30 -1.81
N THR A 231 -18.54 -13.09 -1.68
CA THR A 231 -17.70 -11.87 -1.76
C THR A 231 -17.65 -11.21 -0.40
N VAL A 232 -18.82 -10.88 0.17
CA VAL A 232 -18.87 -10.18 1.49
C VAL A 232 -18.84 -11.23 2.61
N ASP A 233 -17.71 -11.33 3.32
CA ASP A 233 -17.59 -12.30 4.41
C ASP A 233 -17.46 -11.62 5.78
N SER A 234 -17.47 -10.28 5.73
CA SER A 234 -17.45 -9.48 6.97
C SER A 234 -18.87 -8.92 7.06
N ILE A 235 -19.65 -9.33 8.06
CA ILE A 235 -21.09 -8.92 8.11
C ILE A 235 -21.22 -7.39 8.22
N SER A 236 -20.11 -6.65 8.11
CA SER A 236 -19.78 -5.50 8.99
C SER A 236 -20.17 -5.91 10.41
N PRO A 237 -19.22 -6.35 11.28
CA PRO A 237 -19.55 -6.90 12.62
C PRO A 237 -21.05 -6.85 12.89
N ALA A 238 -21.79 -7.86 12.40
CA ALA A 238 -23.27 -7.86 12.56
C ALA A 238 -23.75 -9.23 13.05
N GLY A 239 -23.77 -10.26 12.18
CA GLY A 239 -24.34 -11.50 12.64
C GLY A 239 -23.71 -12.10 13.88
N LEU A 240 -22.62 -11.52 14.36
CA LEU A 240 -22.00 -12.05 15.58
C LEU A 240 -22.76 -11.66 16.84
N LEU A 241 -23.48 -10.55 16.83
CA LEU A 241 -24.28 -10.11 17.97
C LEU A 241 -25.76 -10.26 17.59
N THR A 242 -26.38 -11.34 18.09
CA THR A 242 -27.81 -11.53 17.88
C THR A 242 -28.53 -11.19 19.17
N THR A 243 -29.78 -11.63 19.33
CA THR A 243 -30.57 -11.24 20.54
C THR A 243 -30.26 -12.14 21.72
N PRO A 244 -30.38 -13.50 21.64
CA PRO A 244 -30.18 -14.38 22.84
C PRO A 244 -28.85 -14.07 23.52
N VAL A 245 -27.85 -13.67 22.74
CA VAL A 245 -26.52 -13.28 23.31
C VAL A 245 -26.77 -12.45 24.58
N LEU A 246 -27.94 -11.81 24.69
CA LEU A 246 -28.21 -10.95 25.83
C LEU A 246 -29.35 -11.40 26.72
N THR A 247 -30.25 -12.25 26.24
CA THR A 247 -31.43 -12.68 26.99
C THR A 247 -31.45 -14.21 27.03
N GLY A 248 -30.29 -14.77 27.40
CA GLY A 248 -30.06 -16.19 27.25
C GLY A 248 -28.61 -16.53 27.51
N VAL A 249 -27.96 -17.22 26.57
CA VAL A 249 -26.54 -17.50 26.70
C VAL A 249 -25.72 -16.22 26.49
N GLY A 250 -24.44 -16.28 26.87
CA GLY A 250 -23.58 -15.13 26.77
C GLY A 250 -22.83 -14.84 28.04
N ASN A 251 -21.51 -14.69 27.94
CA ASN A 251 -20.66 -14.55 29.11
C ASN A 251 -19.73 -13.35 28.93
N ASP A 252 -19.02 -13.02 30.01
CA ASP A 252 -18.15 -11.85 30.07
C ASP A 252 -16.71 -12.24 29.73
N ASN A 253 -15.77 -11.30 29.94
CA ASN A 253 -14.35 -11.56 29.75
C ASN A 253 -13.60 -11.79 31.06
N ARG A 254 -14.23 -11.63 32.21
CA ARG A 254 -13.56 -11.77 33.48
C ARG A 254 -13.97 -13.03 34.23
N TRP A 255 -15.26 -13.23 34.42
CA TRP A 255 -15.83 -14.46 34.92
C TRP A 255 -16.74 -15.01 33.85
N ASN A 256 -17.12 -16.29 33.99
CA ASN A 256 -18.05 -16.91 33.06
C ASN A 256 -19.48 -16.79 33.57
N GLY A 257 -19.90 -15.54 33.79
CA GLY A 257 -21.19 -15.23 34.35
C GLY A 257 -22.16 -14.79 33.29
N GLN A 258 -23.43 -15.09 33.52
CA GLN A 258 -24.48 -14.74 32.56
C GLN A 258 -24.76 -13.25 32.59
N ILE A 259 -24.88 -12.64 31.40
CA ILE A 259 -25.06 -11.21 31.30
C ILE A 259 -26.48 -10.84 31.65
N VAL A 260 -26.64 -10.00 32.68
CA VAL A 260 -27.95 -9.49 33.06
C VAL A 260 -28.05 -7.97 32.93
N GLY A 261 -26.95 -7.25 32.77
CA GLY A 261 -27.06 -5.81 32.72
C GLY A 261 -25.97 -5.18 31.86
N LEU A 262 -26.25 -3.96 31.43
CA LEU A 262 -25.22 -3.05 30.96
C LEU A 262 -25.17 -1.85 31.89
N GLN A 263 -23.98 -1.46 32.32
CA GLN A 263 -23.85 -0.30 33.18
C GLN A 263 -22.90 0.69 32.54
N PRO A 264 -23.29 1.94 32.37
CA PRO A 264 -22.38 2.92 31.77
C PRO A 264 -21.36 3.42 32.78
N VAL A 265 -20.23 3.90 32.25
CA VAL A 265 -19.27 4.65 33.04
C VAL A 265 -18.94 5.97 32.34
N PRO A 266 -19.00 7.10 33.04
CA PRO A 266 -18.55 8.37 32.46
C PRO A 266 -17.10 8.68 32.78
N GLY A 267 -16.31 8.99 31.76
CA GLY A 267 -14.91 9.33 31.97
C GLY A 267 -14.00 8.39 31.23
N GLY A 268 -14.38 7.12 31.16
CA GLY A 268 -13.66 6.14 30.38
C GLY A 268 -13.08 5.03 31.25
N PHE A 269 -12.58 4.01 30.55
CA PHE A 269 -11.97 2.84 31.16
C PHE A 269 -11.08 2.20 30.11
N SER A 270 -10.23 1.28 30.55
CA SER A 270 -9.37 0.53 29.64
C SER A 270 -9.37 -0.94 30.02
N THR A 271 -9.57 -1.81 29.05
CA THR A 271 -9.46 -3.26 29.24
C THR A 271 -8.73 -3.85 28.04
N CYS A 272 -7.81 -4.77 28.32
CA CYS A 272 -6.96 -5.29 27.26
C CYS A 272 -6.68 -6.79 27.42
N ASN A 273 -7.41 -7.47 28.30
CA ASN A 273 -7.09 -8.86 28.59
C ASN A 273 -7.64 -9.81 27.52
N ARG A 274 -8.96 -9.93 27.42
CA ARG A 274 -9.60 -10.69 26.36
C ARG A 274 -10.36 -9.76 25.43
N HIS A 275 -9.91 -8.52 25.33
CA HIS A 275 -10.54 -7.50 24.51
C HIS A 275 -9.85 -7.47 23.14
N TRP A 276 -10.60 -7.87 22.11
CA TRP A 276 -10.10 -7.92 20.74
C TRP A 276 -10.63 -6.74 19.97
N ASN A 277 -9.75 -6.03 19.26
CA ASN A 277 -10.18 -4.93 18.43
C ASN A 277 -10.66 -5.46 17.08
N LEU A 278 -10.99 -4.56 16.15
CA LEU A 278 -11.63 -4.98 14.91
C LEU A 278 -10.67 -5.64 13.93
N ASN A 279 -9.37 -5.43 14.12
CA ASN A 279 -8.40 -6.20 13.34
C ASN A 279 -8.13 -7.53 14.05
N GLY A 280 -7.25 -8.33 13.45
CA GLY A 280 -6.90 -9.61 14.04
C GLY A 280 -5.74 -9.51 15.01
N SER A 281 -5.94 -8.78 16.10
CA SER A 281 -4.87 -8.52 17.05
C SER A 281 -5.46 -8.24 18.42
N THR A 282 -4.59 -8.27 19.43
CA THR A 282 -4.93 -7.87 20.79
C THR A 282 -3.66 -7.36 21.45
N TYR A 283 -3.83 -6.69 22.58
CA TYR A 283 -2.69 -6.21 23.37
C TYR A 283 -2.79 -6.85 24.74
N GLY A 284 -2.34 -8.09 24.85
CA GLY A 284 -2.39 -8.77 26.13
C GLY A 284 -2.27 -10.27 25.97
N TRP A 285 -2.39 -10.93 27.11
CA TRP A 285 -2.32 -12.38 27.25
C TRP A 285 -3.75 -12.94 27.17
N SER A 286 -3.95 -14.18 27.62
CA SER A 286 -5.27 -14.80 27.88
C SER A 286 -6.13 -14.93 26.62
N SER A 287 -5.77 -15.95 25.82
CA SER A 287 -6.60 -16.56 24.77
C SER A 287 -8.04 -16.82 25.25
N PRO A 288 -9.08 -16.68 24.37
CA PRO A 288 -10.47 -16.63 24.86
C PRO A 288 -11.12 -17.95 25.25
N ARG A 289 -10.87 -18.39 26.48
CA ARG A 289 -11.22 -19.69 27.02
C ARG A 289 -10.94 -19.67 28.52
N PHE A 290 -11.91 -20.13 29.31
CA PHE A 290 -11.72 -20.24 30.76
C PHE A 290 -11.32 -21.66 31.11
N ALA A 291 -10.05 -21.99 30.90
CA ALA A 291 -9.57 -23.33 31.21
C ALA A 291 -8.79 -23.41 32.52
N ASP A 292 -7.64 -22.74 32.60
CA ASP A 292 -6.66 -23.09 33.63
C ASP A 292 -5.58 -22.02 33.67
N ILE A 293 -4.99 -21.84 34.85
CA ILE A 293 -3.82 -20.99 35.09
C ILE A 293 -2.74 -21.88 35.67
N ASP A 294 -1.60 -21.95 34.99
CA ASP A 294 -0.54 -22.90 35.37
C ASP A 294 0.77 -22.15 35.15
N HIS A 295 1.57 -22.02 36.20
CA HIS A 295 2.92 -21.48 36.09
C HIS A 295 3.91 -22.34 36.86
N ARG A 296 5.12 -22.45 36.33
CA ARG A 296 6.08 -23.45 36.79
C ARG A 296 7.22 -22.86 37.63
N ARG A 297 7.79 -21.73 37.22
CA ARG A 297 8.94 -21.16 37.90
C ARG A 297 8.55 -19.89 38.65
N GLY A 298 8.96 -19.81 39.91
CA GLY A 298 8.68 -18.64 40.74
C GLY A 298 8.84 -18.94 42.21
N SER A 299 9.06 -17.92 43.04
CA SER A 299 9.45 -18.18 44.42
C SER A 299 8.25 -18.26 45.34
N ALA A 300 8.42 -18.98 46.45
CA ALA A 300 7.38 -19.21 47.44
C ALA A 300 7.91 -18.87 48.82
N SER A 301 7.00 -18.48 49.71
CA SER A 301 7.36 -18.08 51.06
C SER A 301 6.13 -18.21 51.96
N TYR A 302 6.39 -18.09 53.26
CA TYR A 302 5.35 -18.03 54.29
C TYR A 302 5.93 -17.24 55.45
N PRO A 303 5.15 -16.41 56.13
CA PRO A 303 5.67 -15.66 57.27
C PRO A 303 5.60 -16.47 58.56
N GLY A 304 6.33 -15.99 59.56
CA GLY A 304 6.31 -16.61 60.87
C GLY A 304 7.36 -17.69 61.02
N ASN A 305 7.81 -17.85 62.27
CA ASN A 305 8.81 -18.88 62.57
C ASN A 305 8.17 -20.27 62.63
N ASN A 306 6.86 -20.34 62.85
CA ASN A 306 6.17 -21.61 62.94
C ASN A 306 5.56 -21.97 61.59
N ALA A 307 5.78 -23.21 61.15
CA ALA A 307 5.24 -23.70 59.88
C ALA A 307 3.91 -24.41 60.08
N THR A 308 2.98 -23.70 60.71
CA THR A 308 1.66 -24.24 61.02
C THR A 308 0.67 -23.08 61.05
N ASN A 309 -0.38 -23.19 60.22
CA ASN A 309 -1.50 -22.23 60.09
C ASN A 309 -0.99 -20.85 59.68
N VAL A 310 -0.41 -20.80 58.48
CA VAL A 310 0.14 -19.56 57.92
C VAL A 310 -0.56 -19.29 56.59
N LEU A 311 -0.15 -18.20 55.94
CA LEU A 311 -0.68 -17.80 54.64
C LEU A 311 0.44 -17.91 53.62
N GLN A 312 0.29 -18.81 52.65
CA GLN A 312 1.34 -19.02 51.66
C GLN A 312 1.33 -17.89 50.64
N PHE A 313 2.53 -17.39 50.32
CA PHE A 313 2.69 -16.24 49.44
C PHE A 313 3.69 -16.59 48.34
N TRP A 314 3.24 -16.50 47.10
CA TRP A 314 4.02 -16.86 45.92
C TRP A 314 4.20 -15.64 45.04
N TYR A 315 5.38 -15.47 44.47
CA TYR A 315 5.64 -14.30 43.66
C TYR A 315 6.51 -14.66 42.47
N ALA A 316 6.30 -13.93 41.37
CA ALA A 316 7.16 -13.99 40.20
C ALA A 316 7.17 -12.61 39.58
N ASN A 317 8.15 -12.37 38.73
CA ASN A 317 8.24 -11.08 38.06
C ASN A 317 7.46 -11.11 36.74
N ALA A 318 7.27 -9.93 36.16
CA ALA A 318 6.58 -9.81 34.89
C ALA A 318 7.56 -10.03 33.74
N GLY A 319 7.25 -10.98 32.87
CA GLY A 319 8.12 -11.32 31.77
C GLY A 319 8.77 -12.68 31.84
N SER A 320 8.45 -13.49 32.85
CA SER A 320 9.04 -14.82 32.99
C SER A 320 8.16 -15.93 32.44
N ALA A 321 7.02 -15.59 31.83
CA ALA A 321 6.11 -16.60 31.30
C ALA A 321 6.61 -17.01 29.91
N ILE A 322 7.34 -18.12 29.87
CA ILE A 322 7.86 -18.61 28.60
C ILE A 322 6.80 -19.44 27.88
N ASP A 323 5.90 -20.08 28.63
CA ASP A 323 4.98 -21.05 28.05
C ASP A 323 3.83 -20.39 27.31
N ASN A 324 3.54 -19.13 27.59
CA ASN A 324 2.41 -18.46 26.94
C ASN A 324 2.84 -17.92 25.58
N PRO A 325 2.27 -18.41 24.47
CA PRO A 325 2.76 -17.99 23.15
C PRO A 325 2.29 -16.61 22.72
N ILE A 326 1.26 -16.05 23.34
CA ILE A 326 0.78 -14.73 22.95
C ILE A 326 1.63 -13.63 23.57
N SER A 327 1.62 -13.56 24.90
CA SER A 327 2.35 -12.51 25.60
C SER A 327 3.15 -13.13 26.74
N GLN A 328 4.34 -12.58 26.98
CA GLN A 328 5.24 -13.08 28.01
C GLN A 328 4.96 -12.50 29.39
N VAL A 329 4.04 -11.55 29.50
CA VAL A 329 3.90 -10.76 30.73
C VAL A 329 3.15 -11.47 31.84
N ALA A 330 2.46 -12.56 31.53
CA ALA A 330 1.61 -13.24 32.50
C ALA A 330 1.38 -14.67 32.03
N PRO A 331 1.06 -15.59 32.94
CA PRO A 331 0.47 -16.86 32.52
C PRO A 331 -0.93 -16.66 31.99
N ASP A 332 -1.38 -17.63 31.19
CA ASP A 332 -2.66 -17.55 30.49
C ASP A 332 -3.81 -17.72 31.48
N GLY A 333 -4.64 -16.69 31.61
CA GLY A 333 -5.74 -16.72 32.54
C GLY A 333 -5.52 -15.95 33.84
N PHE A 334 -4.40 -15.24 33.96
CA PHE A 334 -4.13 -14.48 35.17
C PHE A 334 -5.02 -13.25 35.24
N PRO A 335 -5.65 -12.97 36.38
CA PRO A 335 -6.56 -11.81 36.46
C PRO A 335 -5.80 -10.49 36.45
N ASP A 336 -6.31 -9.53 35.68
CA ASP A 336 -5.57 -8.24 35.53
C ASP A 336 -6.08 -7.20 36.53
N MET A 337 -6.03 -7.52 37.84
CA MET A 337 -6.46 -6.56 38.88
C MET A 337 -5.28 -6.19 39.78
N SER A 338 -5.39 -5.09 40.52
CA SER A 338 -4.30 -4.65 41.42
C SER A 338 -4.46 -5.30 42.80
N PHE A 339 -3.38 -5.85 43.35
CA PHE A 339 -3.43 -6.48 44.66
C PHE A 339 -3.77 -5.45 45.72
N VAL A 340 -4.63 -5.81 46.65
CA VAL A 340 -4.95 -4.97 47.81
C VAL A 340 -4.07 -5.42 48.97
N PRO A 341 -3.49 -4.48 49.73
CA PRO A 341 -2.63 -4.88 50.86
C PRO A 341 -3.46 -5.17 52.10
N PHE A 342 -3.46 -6.43 52.52
CA PHE A 342 -4.14 -6.84 53.74
C PHE A 342 -3.24 -7.79 54.51
N ASN A 343 -3.45 -7.83 55.82
CA ASN A 343 -2.65 -8.69 56.70
C ASN A 343 -3.52 -9.15 57.85
N GLY A 344 -3.08 -10.23 58.51
CA GLY A 344 -3.80 -10.78 59.62
C GLY A 344 -4.95 -11.67 59.19
N PRO A 345 -5.90 -11.92 60.09
CA PRO A 345 -7.01 -12.84 59.78
C PRO A 345 -8.18 -12.18 59.07
N GLY A 346 -8.07 -10.91 58.67
CA GLY A 346 -9.19 -10.24 58.05
C GLY A 346 -9.33 -10.63 56.59
N ILE A 347 -10.56 -10.94 56.18
CA ILE A 347 -10.86 -11.21 54.77
C ILE A 347 -10.82 -9.88 54.01
N PRO A 348 -10.10 -9.80 52.88
CA PRO A 348 -10.00 -8.54 52.16
C PRO A 348 -11.28 -8.18 51.42
N ALA A 349 -11.51 -6.88 51.28
CA ALA A 349 -12.64 -6.36 50.54
C ALA A 349 -12.32 -6.36 49.05
N ALA A 350 -13.30 -6.79 48.26
CA ALA A 350 -13.14 -6.89 46.79
C ALA A 350 -12.02 -7.85 46.44
N GLY A 351 -11.58 -7.79 45.19
CA GLY A 351 -10.47 -8.62 44.75
C GLY A 351 -10.90 -9.81 43.92
N TRP A 352 -9.93 -10.69 43.69
CA TRP A 352 -10.08 -11.85 42.81
C TRP A 352 -9.49 -13.06 43.50
N VAL A 353 -10.33 -13.98 43.96
CA VAL A 353 -9.84 -15.21 44.57
C VAL A 353 -10.25 -16.41 43.71
N GLY A 354 -9.42 -17.43 43.79
CA GLY A 354 -9.66 -18.67 43.05
C GLY A 354 -9.03 -19.84 43.78
N PHE A 355 -9.61 -21.01 43.57
CA PHE A 355 -9.17 -22.20 44.29
C PHE A 355 -7.95 -22.79 43.61
N GLY A 356 -6.93 -23.14 44.37
CA GLY A 356 -5.71 -23.62 43.74
C GLY A 356 -4.72 -24.21 44.72
N ALA A 357 -3.59 -24.65 44.17
CA ALA A 357 -2.57 -25.34 44.94
C ALA A 357 -1.20 -25.04 44.35
N ILE A 358 -0.16 -25.31 45.14
CA ILE A 358 1.23 -25.11 44.72
C ILE A 358 1.86 -26.45 44.44
N TRP A 359 2.71 -26.51 43.41
CA TRP A 359 3.33 -27.73 42.94
C TRP A 359 4.81 -27.51 42.75
N ASN A 360 5.60 -28.52 43.13
CA ASN A 360 7.04 -28.47 42.89
C ASN A 360 7.36 -28.73 41.43
N SER A 361 8.59 -28.40 41.02
CA SER A 361 9.02 -28.62 39.65
C SER A 361 9.60 -30.02 39.51
N ASN A 362 10.28 -30.28 38.38
CA ASN A 362 10.98 -31.53 38.03
C ASN A 362 10.00 -32.72 38.00
N SER A 363 9.14 -32.69 36.97
CA SER A 363 8.03 -33.62 36.75
C SER A 363 7.04 -33.58 37.92
N GLY A 364 6.36 -32.43 37.98
CA GLY A 364 5.59 -31.98 39.12
C GLY A 364 4.44 -32.82 39.64
N ALA A 365 4.54 -33.19 40.90
CA ALA A 365 3.44 -33.76 41.66
C ALA A 365 3.19 -32.79 42.81
N PRO A 366 1.96 -32.31 43.00
CA PRO A 366 1.72 -31.23 43.97
C PRO A 366 1.73 -31.75 45.40
N ASN A 367 1.96 -30.82 46.32
CA ASN A 367 1.92 -31.15 47.74
C ASN A 367 0.48 -31.31 48.18
N VAL A 368 0.22 -32.38 48.95
CA VAL A 368 -1.13 -32.73 49.36
C VAL A 368 -1.67 -31.72 50.39
N THR A 369 -0.83 -31.29 51.31
CA THR A 369 -1.26 -30.51 52.46
C THR A 369 -1.34 -29.00 52.19
N THR A 370 -1.41 -28.57 50.93
CA THR A 370 -1.69 -27.16 50.62
C THR A 370 -2.58 -27.07 49.37
N VAL A 371 -3.89 -27.01 49.62
CA VAL A 371 -4.89 -26.64 48.62
C VAL A 371 -5.79 -25.61 49.28
N GLN A 372 -5.89 -24.41 48.70
CA GLN A 372 -6.57 -23.32 49.39
C GLN A 372 -7.09 -22.32 48.36
N ALA A 373 -7.96 -21.43 48.84
CA ALA A 373 -8.32 -20.25 48.07
C ALA A 373 -7.17 -19.25 48.10
N TYR A 374 -6.80 -18.73 46.94
CA TYR A 374 -5.71 -17.79 46.81
C TYR A 374 -6.21 -16.53 46.13
N GLU A 375 -5.78 -15.38 46.62
CA GLU A 375 -6.02 -14.11 45.94
C GLU A 375 -4.76 -13.77 45.14
N LEU A 376 -4.93 -13.58 43.84
CA LEU A 376 -3.82 -13.27 42.95
C LEU A 376 -3.89 -11.81 42.53
N GLY A 377 -2.81 -11.32 41.96
CA GLY A 377 -2.83 -9.94 41.50
C GLY A 377 -1.43 -9.42 41.22
N PHE A 378 -1.32 -8.09 41.18
CA PHE A 378 -0.11 -7.39 40.77
C PHE A 378 0.33 -6.48 41.89
N ALA A 379 1.61 -6.55 42.24
CA ALA A 379 2.13 -5.70 43.30
C ALA A 379 3.50 -5.16 42.91
N THR A 380 4.07 -4.41 43.86
CA THR A 380 5.44 -3.92 43.80
C THR A 380 6.05 -4.05 45.19
N GLY A 381 7.35 -4.34 45.23
CA GLY A 381 8.06 -4.41 46.49
C GLY A 381 7.77 -5.64 47.30
N ALA A 382 7.44 -6.74 46.64
CA ALA A 382 7.26 -8.02 47.32
C ALA A 382 8.61 -8.55 47.78
N PRO A 383 8.67 -9.25 48.93
CA PRO A 383 7.62 -9.57 49.91
C PRO A 383 7.61 -8.61 51.09
N GLY A 384 8.14 -7.40 50.93
CA GLY A 384 8.12 -6.43 52.02
C GLY A 384 6.88 -5.55 51.97
N ASN A 385 7.08 -4.25 51.74
CA ASN A 385 5.97 -3.30 51.64
C ASN A 385 5.26 -3.49 50.31
N LEU A 386 4.07 -4.08 50.35
CA LEU A 386 3.31 -4.36 49.14
C LEU A 386 2.42 -3.18 48.78
N GLN A 387 2.58 -2.67 47.56
CA GLN A 387 1.78 -1.57 47.04
C GLN A 387 1.07 -2.01 45.76
N PRO A 388 -0.14 -1.53 45.51
CA PRO A 388 -0.81 -1.84 44.24
C PRO A 388 -0.16 -1.13 43.07
N THR A 389 -0.35 -1.71 41.88
CA THR A 389 0.31 -1.24 40.67
C THR A 389 -0.74 -0.93 39.61
N THR A 390 -0.45 0.06 38.76
CA THR A 390 -1.31 0.39 37.64
C THR A 390 -0.80 -0.13 36.31
N ASN A 391 0.47 0.07 36.00
CA ASN A 391 1.06 -0.36 34.73
C ASN A 391 1.71 -1.71 34.91
N THR A 392 1.67 -2.53 33.86
CA THR A 392 2.21 -3.88 33.94
C THR A 392 3.74 -3.88 33.93
N SER A 393 4.34 -2.88 33.29
CA SER A 393 5.80 -2.77 33.28
C SER A 393 6.30 -2.30 34.64
N GLY A 394 7.29 -3.01 35.17
CA GLY A 394 7.79 -2.71 36.50
C GLY A 394 7.01 -3.34 37.63
N SER A 395 6.07 -4.24 37.32
CA SER A 395 5.22 -4.89 38.30
C SER A 395 5.65 -6.33 38.52
N GLN A 396 5.09 -6.95 39.56
CA GLN A 396 5.37 -8.35 39.84
C GLN A 396 4.13 -9.07 40.33
N THR A 397 3.90 -10.26 39.77
CA THR A 397 2.70 -11.00 40.05
C THR A 397 2.82 -11.69 41.41
N VAL A 398 1.76 -11.57 42.21
CA VAL A 398 1.73 -12.04 43.58
C VAL A 398 0.51 -12.91 43.78
N ALA A 399 0.59 -13.80 44.77
CA ALA A 399 -0.43 -14.81 44.98
C ALA A 399 -0.41 -15.17 46.48
N LYS A 400 -1.34 -14.61 47.24
CA LYS A 400 -1.34 -14.79 48.69
C LYS A 400 -2.62 -15.50 49.11
N SER A 401 -2.47 -16.50 49.99
CA SER A 401 -3.63 -17.23 50.49
C SER A 401 -4.42 -16.38 51.48
N ILE A 402 -5.73 -16.59 51.51
CA ILE A 402 -6.61 -15.83 52.39
C ILE A 402 -6.99 -16.67 53.60
N TYR A 403 -6.83 -17.98 53.51
CA TYR A 403 -7.21 -18.89 54.57
C TYR A 403 -5.98 -19.63 55.07
N ALA A 404 -6.09 -20.16 56.30
CA ALA A 404 -4.96 -20.83 56.93
C ALA A 404 -4.68 -22.18 56.31
N VAL A 405 -3.40 -22.53 56.22
CA VAL A 405 -2.96 -23.80 55.66
C VAL A 405 -1.88 -24.38 56.59
N VAL A 406 -1.97 -25.69 56.84
CA VAL A 406 -1.16 -26.31 57.88
C VAL A 406 0.30 -26.50 57.49
N THR A 407 0.64 -26.41 56.21
CA THR A 407 2.03 -26.48 55.77
C THR A 407 2.35 -25.28 54.90
N GLY A 408 3.58 -24.79 55.03
CA GLY A 408 4.07 -23.71 54.20
C GLY A 408 5.46 -24.00 53.67
N THR A 409 5.60 -24.03 52.36
CA THR A 409 6.88 -24.30 51.73
C THR A 409 7.61 -23.01 51.41
N ALA A 410 8.91 -23.12 51.15
CA ALA A 410 9.71 -21.95 50.78
C ALA A 410 10.71 -22.28 49.68
N GLN A 411 10.43 -23.29 48.85
CA GLN A 411 11.37 -23.68 47.81
C GLN A 411 11.35 -22.69 46.66
N ASN A 412 12.54 -22.42 46.10
CA ASN A 412 12.67 -21.43 45.04
C ASN A 412 12.08 -21.84 43.69
N PRO A 413 12.23 -23.12 43.18
CA PRO A 413 11.38 -23.49 42.03
C PRO A 413 10.03 -24.03 42.50
N ALA A 414 8.98 -23.27 42.24
CA ALA A 414 7.61 -23.66 42.58
C ALA A 414 6.67 -22.90 41.65
N GLY A 415 5.43 -23.40 41.55
CA GLY A 415 4.47 -22.79 40.65
C GLY A 415 3.07 -22.84 41.22
N LEU A 416 2.12 -22.40 40.40
CA LEU A 416 0.71 -22.42 40.76
C LEU A 416 -0.12 -23.15 39.71
N PHE A 417 -1.29 -23.57 40.18
CA PHE A 417 -2.31 -24.23 39.37
C PHE A 417 -3.65 -23.76 39.93
N VAL A 418 -4.21 -22.71 39.33
CA VAL A 418 -5.45 -22.08 39.78
C VAL A 418 -6.47 -22.18 38.67
N MET A 419 -7.70 -22.55 39.07
CA MET A 419 -8.82 -22.66 38.11
C MET A 419 -9.06 -21.27 37.50
N ALA A 420 -9.69 -21.24 36.33
CA ALA A 420 -9.82 -19.97 35.62
C ALA A 420 -10.99 -19.13 36.11
N SER A 421 -12.10 -19.78 36.45
CA SER A 421 -13.26 -19.06 36.97
C SER A 421 -13.03 -18.67 38.42
N GLY A 422 -13.41 -17.43 38.77
CA GLY A 422 -13.10 -16.89 40.07
C GLY A 422 -14.34 -16.33 40.77
N VAL A 423 -14.15 -16.03 42.04
CA VAL A 423 -15.16 -15.42 42.89
C VAL A 423 -14.55 -14.22 43.59
N ILE A 424 -15.38 -13.43 44.27
CA ILE A 424 -14.97 -12.17 44.87
C ILE A 424 -15.00 -12.32 46.39
N SER A 425 -13.89 -11.96 47.05
CA SER A 425 -13.78 -12.08 48.50
C SER A 425 -14.29 -10.83 49.19
N THR A 426 -15.07 -11.03 50.25
CA THR A 426 -15.86 -10.00 50.91
C THR A 426 -15.75 -10.21 52.41
N PRO A 427 -15.66 -9.12 53.22
CA PRO A 427 -15.60 -9.31 54.68
C PRO A 427 -16.90 -9.80 55.31
N SER A 428 -18.00 -9.11 55.03
CA SER A 428 -19.34 -9.51 55.47
C SER A 428 -20.23 -9.52 54.24
N ALA A 429 -21.55 -9.65 54.41
CA ALA A 429 -22.45 -9.78 53.24
C ALA A 429 -22.63 -8.44 52.51
N ASN A 430 -23.84 -7.87 52.56
CA ASN A 430 -24.11 -6.54 51.94
C ASN A 430 -23.72 -6.52 50.45
N ALA A 431 -23.13 -5.42 49.97
CA ALA A 431 -22.79 -5.27 48.56
C ALA A 431 -21.76 -4.14 48.50
N ILE A 432 -20.55 -4.45 48.02
CA ILE A 432 -19.45 -3.48 48.08
C ILE A 432 -19.65 -2.38 47.05
N THR A 433 -19.57 -2.78 45.78
CA THR A 433 -19.65 -1.96 44.57
C THR A 433 -19.57 -2.96 43.42
N TYR A 434 -19.83 -2.49 42.21
CA TYR A 434 -19.58 -3.31 41.04
C TYR A 434 -18.07 -3.43 40.83
N THR A 435 -17.60 -4.64 40.60
CA THR A 435 -16.17 -4.82 40.56
C THR A 435 -15.73 -5.33 39.19
N PRO A 436 -14.72 -4.71 38.57
CA PRO A 436 -13.84 -3.64 39.07
C PRO A 436 -14.35 -2.21 38.93
N GLN A 437 -13.68 -1.30 39.63
CA GLN A 437 -13.75 0.12 39.34
C GLN A 437 -12.88 0.43 38.12
N PRO A 438 -13.16 1.54 37.41
CA PRO A 438 -12.31 1.90 36.26
C PRO A 438 -10.85 2.21 36.56
N ASP A 439 -10.51 2.56 37.80
CA ASP A 439 -9.14 2.94 38.12
C ASP A 439 -8.26 1.77 38.55
N ARG A 440 -8.85 0.67 39.01
CA ARG A 440 -8.08 -0.47 39.50
C ARG A 440 -7.58 -1.38 38.37
N ILE A 441 -8.15 -1.25 37.17
CA ILE A 441 -7.87 -2.16 36.07
C ILE A 441 -6.49 -1.87 35.50
N VAL A 442 -5.62 -2.89 35.48
CA VAL A 442 -4.26 -2.71 34.99
C VAL A 442 -4.27 -2.70 33.47
N THR A 443 -3.36 -1.93 32.88
CA THR A 443 -3.20 -1.83 31.44
C THR A 443 -1.74 -2.07 31.07
N THR A 444 -1.53 -2.69 29.93
CA THR A 444 -0.21 -2.74 29.33
C THR A 444 0.08 -1.41 28.64
N PRO A 445 1.35 -1.08 28.41
CA PRO A 445 1.65 0.11 27.58
C PRO A 445 1.21 -0.08 26.14
N GLY A 446 0.64 0.98 25.57
CA GLY A 446 0.12 0.92 24.22
C GLY A 446 -1.32 0.48 24.10
N THR A 447 -2.17 0.88 25.04
CA THR A 447 -3.55 0.41 25.04
C THR A 447 -4.51 1.53 24.65
N PRO A 448 -5.50 1.25 23.81
CA PRO A 448 -6.49 2.28 23.47
C PRO A 448 -7.52 2.44 24.57
N ALA A 449 -7.79 3.69 24.94
CA ALA A 449 -8.66 4.00 26.05
C ALA A 449 -10.03 4.43 25.54
N ALA A 450 -11.07 4.04 26.27
CA ALA A 450 -12.42 4.48 25.95
C ALA A 450 -12.60 5.94 26.35
N ALA A 451 -13.22 6.72 25.46
CA ALA A 451 -13.46 8.13 25.73
C ALA A 451 -14.90 8.46 25.34
N PRO A 452 -15.63 9.22 26.16
CA PRO A 452 -16.98 9.65 25.76
C PRO A 452 -16.92 10.70 24.66
N VAL A 453 -17.59 10.41 23.56
CA VAL A 453 -17.65 11.32 22.42
C VAL A 453 -19.09 11.81 22.32
N GLY A 454 -19.27 13.13 22.37
CA GLY A 454 -20.60 13.71 22.35
C GLY A 454 -21.34 13.43 23.65
N LYS A 455 -22.63 13.12 23.52
CA LYS A 455 -23.42 12.68 24.67
C LYS A 455 -23.34 11.18 24.88
N ASN A 456 -22.64 10.44 24.01
CA ASN A 456 -22.46 9.01 24.20
C ASN A 456 -21.45 8.74 25.30
N THR A 457 -21.57 7.56 25.91
CA THR A 457 -20.67 7.17 26.97
C THR A 457 -20.47 5.66 26.89
N PRO A 458 -19.34 5.12 27.34
CA PRO A 458 -19.11 3.68 27.23
C PRO A 458 -19.88 2.88 28.28
N ILE A 459 -20.18 1.63 27.92
CA ILE A 459 -20.90 0.71 28.79
C ILE A 459 -19.99 -0.46 29.16
N MET A 460 -20.46 -1.25 30.11
CA MET A 460 -19.69 -2.35 30.67
C MET A 460 -20.68 -3.44 31.08
N PHE A 461 -20.41 -4.68 30.68
CA PHE A 461 -21.39 -5.74 30.79
C PHE A 461 -21.32 -6.42 32.15
N ALA A 462 -22.45 -6.47 32.84
CA ALA A 462 -22.53 -6.95 34.21
C ALA A 462 -23.03 -8.40 34.29
N SER A 463 -22.66 -9.07 35.36
CA SER A 463 -23.02 -10.47 35.59
C SER A 463 -23.07 -10.72 37.09
N VAL A 464 -24.02 -11.54 37.51
CA VAL A 464 -24.19 -11.86 38.92
C VAL A 464 -23.22 -12.98 39.29
N VAL A 465 -22.29 -12.71 40.20
CA VAL A 465 -21.24 -13.65 40.55
C VAL A 465 -21.34 -14.03 42.02
N ARG A 466 -20.89 -15.25 42.31
CA ARG A 466 -20.87 -15.74 43.67
C ARG A 466 -19.75 -15.08 44.47
N ARG A 467 -19.94 -14.98 45.77
CA ARG A 467 -19.00 -14.31 46.65
C ARG A 467 -18.67 -15.22 47.83
N THR A 468 -17.74 -14.77 48.67
CA THR A 468 -17.29 -15.59 49.79
C THR A 468 -18.04 -15.25 51.08
N GLY A 469 -18.57 -14.03 51.17
CA GLY A 469 -19.32 -13.66 52.36
C GLY A 469 -20.70 -14.28 52.40
N ASP A 470 -21.21 -14.68 51.23
CA ASP A 470 -22.55 -15.26 51.10
C ASP A 470 -22.54 -16.17 49.87
N VAL A 471 -22.49 -17.49 50.10
CA VAL A 471 -22.49 -18.45 49.00
C VAL A 471 -23.84 -18.47 48.28
N ASN A 472 -24.94 -18.34 49.03
CA ASN A 472 -26.28 -18.36 48.45
C ASN A 472 -26.72 -16.97 47.98
N ALA A 473 -26.02 -16.49 46.95
CA ALA A 473 -26.30 -15.18 46.35
C ALA A 473 -27.21 -15.34 45.14
N THR A 474 -28.35 -15.97 45.40
CA THR A 474 -29.45 -16.01 44.45
C THR A 474 -30.04 -14.60 44.35
N ALA A 475 -30.46 -14.21 43.14
CA ALA A 475 -30.98 -12.87 42.86
C ALA A 475 -32.42 -12.74 43.38
N GLY A 476 -32.52 -12.44 44.67
CA GLY A 476 -33.78 -12.28 45.36
C GLY A 476 -33.68 -11.27 46.49
N SER A 477 -34.08 -11.68 47.69
CA SER A 477 -33.99 -10.85 48.88
C SER A 477 -32.61 -11.01 49.53
N ALA A 478 -32.49 -10.51 50.78
CA ALA A 478 -31.27 -10.51 51.59
C ALA A 478 -30.12 -9.78 50.90
N ASN A 479 -30.31 -8.46 50.75
CA ASN A 479 -29.41 -7.44 50.18
C ASN A 479 -29.17 -7.61 48.67
N GLY A 480 -28.63 -6.57 48.05
CA GLY A 480 -28.37 -6.63 46.63
C GLY A 480 -27.19 -7.55 46.32
N THR A 481 -27.37 -8.38 45.31
CA THR A 481 -26.36 -9.36 44.92
C THR A 481 -25.19 -8.66 44.23
N GLN A 482 -24.04 -9.33 44.28
CA GLN A 482 -22.81 -8.73 43.76
C GLN A 482 -22.78 -8.79 42.23
N TYR A 483 -22.34 -7.69 41.62
CA TYR A 483 -22.26 -7.56 40.17
C TYR A 483 -20.79 -7.43 39.77
N GLY A 484 -20.36 -8.25 38.82
CA GLY A 484 -19.03 -8.14 38.24
C GLY A 484 -19.14 -7.78 36.77
N THR A 485 -18.24 -6.89 36.33
CA THR A 485 -18.37 -6.26 35.02
C THR A 485 -17.15 -6.55 34.16
N GLY A 486 -17.41 -7.06 32.95
CA GLY A 486 -16.41 -7.21 31.92
C GLY A 486 -16.65 -6.26 30.77
N SER A 487 -15.73 -6.32 29.79
CA SER A 487 -15.69 -5.28 28.77
C SER A 487 -16.65 -5.55 27.61
N GLN A 488 -16.52 -6.71 26.97
CA GLN A 488 -17.28 -7.05 25.76
C GLN A 488 -17.78 -8.49 25.88
N PRO A 489 -18.84 -8.87 25.15
CA PRO A 489 -19.29 -10.26 25.24
C PRO A 489 -18.31 -11.24 24.61
N LEU A 490 -18.26 -12.45 25.18
CA LEU A 490 -17.29 -13.47 24.69
C LEU A 490 -17.66 -13.92 23.27
N PRO A 491 -18.92 -14.29 22.95
CA PRO A 491 -19.33 -14.64 21.55
C PRO A 491 -18.70 -13.65 20.58
N VAL A 492 -18.63 -12.37 20.96
CA VAL A 492 -18.07 -11.35 20.09
C VAL A 492 -16.55 -11.53 19.97
N THR A 493 -15.90 -11.91 21.08
CA THR A 493 -14.46 -12.19 21.08
C THR A 493 -14.12 -13.41 20.23
N ILE A 494 -14.93 -14.48 20.34
CA ILE A 494 -14.72 -15.69 19.53
C ILE A 494 -14.96 -15.39 18.05
N GLY A 495 -16.06 -14.72 17.73
CA GLY A 495 -16.38 -14.46 16.33
C GLY A 495 -15.55 -13.36 15.70
N LEU A 496 -14.80 -12.61 16.50
CA LEU A 496 -13.94 -11.53 15.97
C LEU A 496 -12.51 -12.05 15.81
N SER A 497 -12.10 -12.98 16.68
CA SER A 497 -10.71 -13.44 16.64
C SER A 497 -10.30 -13.98 15.27
N LEU A 498 -11.19 -14.70 14.59
CA LEU A 498 -10.81 -15.36 13.34
C LEU A 498 -10.80 -14.42 12.15
N ASN A 499 -11.77 -13.52 12.06
CA ASN A 499 -11.95 -12.71 10.86
C ASN A 499 -11.30 -11.35 11.00
N ASN A 500 -10.95 -10.77 9.85
CA ASN A 500 -10.35 -9.44 9.76
C ASN A 500 -11.39 -8.45 9.26
N TYR A 501 -11.54 -7.35 9.99
CA TYR A 501 -12.57 -6.34 9.73
C TYR A 501 -11.92 -4.97 9.58
N SER A 502 -10.88 -4.89 8.76
CA SER A 502 -10.14 -3.65 8.62
C SER A 502 -10.89 -2.63 7.77
N SER A 503 -11.79 -3.10 6.91
CA SER A 503 -12.61 -2.22 6.10
C SER A 503 -14.10 -2.41 6.34
N ALA A 504 -14.48 -3.29 7.28
CA ALA A 504 -15.88 -3.58 7.50
C ALA A 504 -16.61 -2.47 8.24
N LEU A 505 -15.87 -1.61 8.96
CA LEU A 505 -16.45 -0.46 9.62
C LEU A 505 -15.54 0.73 9.35
N MET A 506 -16.12 1.81 8.81
CA MET A 506 -15.33 3.01 8.44
C MET A 506 -14.99 3.82 9.68
N PRO A 507 -13.69 4.05 9.99
CA PRO A 507 -13.30 4.76 11.22
C PRO A 507 -13.90 6.15 11.33
N GLY A 508 -14.19 6.55 12.57
CA GLY A 508 -14.98 7.72 12.86
C GLY A 508 -16.44 7.44 13.11
N GLN A 509 -16.89 6.22 12.85
CA GLN A 509 -18.27 5.79 13.03
C GLN A 509 -18.31 4.59 13.97
N PHE A 510 -19.52 4.11 14.26
CA PHE A 510 -19.69 2.82 14.92
C PHE A 510 -20.86 2.07 14.29
N PHE A 511 -20.80 0.75 14.38
CA PHE A 511 -21.89 -0.10 13.93
C PHE A 511 -22.95 -0.17 15.02
N VAL A 512 -24.22 0.05 14.66
CA VAL A 512 -25.27 0.25 15.64
C VAL A 512 -26.33 -0.84 15.51
N TRP A 513 -26.66 -1.48 16.64
CA TRP A 513 -27.79 -2.39 16.80
C TRP A 513 -28.92 -1.70 17.55
N GLN A 514 -30.11 -2.29 17.44
CA GLN A 514 -31.34 -1.70 17.93
C GLN A 514 -32.01 -2.67 18.90
N LEU A 515 -31.78 -2.48 20.20
CA LEU A 515 -32.42 -3.32 21.21
C LEU A 515 -33.84 -2.84 21.44
N THR A 516 -34.78 -3.78 21.51
CA THR A 516 -36.19 -3.49 21.75
C THR A 516 -36.62 -4.24 23.01
N PHE A 517 -36.97 -3.49 24.05
CA PHE A 517 -37.47 -4.04 25.31
C PHE A 517 -38.97 -4.28 25.19
N ALA A 518 -39.62 -4.52 26.33
CA ALA A 518 -41.07 -4.59 26.37
C ALA A 518 -41.73 -3.23 26.41
N SER A 519 -41.02 -2.19 26.88
CA SER A 519 -41.59 -0.86 27.00
C SER A 519 -40.61 0.23 26.56
N GLY A 520 -39.86 -0.02 25.49
CA GLY A 520 -38.92 0.99 25.01
C GLY A 520 -37.94 0.37 24.04
N PHE A 521 -36.90 1.14 23.73
CA PHE A 521 -35.88 0.73 22.77
C PHE A 521 -34.62 1.58 22.98
N MET A 522 -33.52 1.09 22.42
CA MET A 522 -32.20 1.68 22.64
C MET A 522 -31.31 1.35 21.45
N GLU A 523 -30.35 2.23 21.16
CA GLU A 523 -29.34 1.99 20.14
C GLU A 523 -27.98 1.74 20.81
N ILE A 524 -27.30 0.68 20.37
CA ILE A 524 -26.03 0.23 20.97
C ILE A 524 -24.97 0.20 19.87
N GLY A 525 -23.87 0.92 20.07
CA GLY A 525 -22.83 1.02 19.07
C GLY A 525 -21.61 0.16 19.32
N LEU A 526 -20.76 0.02 18.30
CA LEU A 526 -19.55 -0.80 18.36
C LEU A 526 -18.49 -0.16 17.47
N SER A 527 -17.40 0.30 18.07
CA SER A 527 -16.39 1.12 17.41
C SER A 527 -15.31 0.26 16.76
N VAL A 528 -14.21 0.88 16.37
CA VAL A 528 -13.07 0.21 15.74
C VAL A 528 -12.14 -0.39 16.78
N ASP A 529 -12.44 -0.18 18.06
CA ASP A 529 -11.59 -0.63 19.15
C ASP A 529 -12.21 -1.72 19.99
N GLY A 530 -13.43 -2.17 19.67
CA GLY A 530 -14.10 -3.18 20.45
C GLY A 530 -14.97 -2.68 21.58
N TYR A 531 -15.01 -1.37 21.81
CA TYR A 531 -15.82 -0.82 22.88
C TYR A 531 -17.27 -0.66 22.45
N PHE A 532 -18.17 -0.66 23.43
CA PHE A 532 -19.59 -0.55 23.20
C PHE A 532 -20.12 0.74 23.82
N TYR A 533 -21.01 1.43 23.09
CA TYR A 533 -21.47 2.77 23.45
C TYR A 533 -22.98 2.80 23.59
N ALA A 534 -23.46 3.60 24.53
CA ALA A 534 -24.87 3.96 24.64
C ALA A 534 -25.00 5.43 25.01
N GLY A 535 -26.05 6.06 24.51
CA GLY A 535 -26.23 7.49 24.72
C GLY A 535 -26.96 7.86 25.99
N THR A 536 -26.51 7.31 27.12
CA THR A 536 -27.17 7.61 28.39
C THR A 536 -26.78 8.98 28.91
N GLY A 537 -25.56 9.44 28.61
CA GLY A 537 -25.07 10.71 29.10
C GLY A 537 -24.31 10.54 30.41
N ALA A 538 -24.59 11.41 31.38
CA ALA A 538 -23.93 11.37 32.68
C ALA A 538 -24.83 10.66 33.70
N SER A 539 -24.94 9.34 33.52
CA SER A 539 -25.74 8.52 34.43
C SER A 539 -24.99 7.22 34.71
N THR A 540 -25.09 6.76 35.95
CA THR A 540 -24.44 5.53 36.41
C THR A 540 -25.45 4.51 36.89
N THR A 541 -26.54 4.34 36.15
CA THR A 541 -27.62 3.44 36.55
C THR A 541 -27.59 2.18 35.70
N LEU A 542 -27.72 1.04 36.39
CA LEU A 542 -27.70 -0.27 35.68
C LEU A 542 -28.98 -0.44 34.86
N ILE A 543 -28.85 -0.95 33.65
CA ILE A 543 -29.96 -1.17 32.74
C ILE A 543 -30.17 -2.68 32.62
N ASP A 544 -31.36 -3.16 32.96
CA ASP A 544 -31.63 -4.58 33.10
C ASP A 544 -32.15 -5.16 31.78
N LEU A 545 -31.56 -6.26 31.34
CA LEU A 545 -32.11 -7.04 30.22
C LEU A 545 -32.98 -8.18 30.74
N THR A 546 -34.01 -7.82 31.49
CA THR A 546 -35.04 -8.76 31.89
C THR A 546 -36.17 -8.81 30.88
N GLU A 547 -36.63 -7.64 30.42
CA GLU A 547 -37.71 -7.53 29.46
C GLU A 547 -37.22 -7.39 28.03
N LEU A 548 -35.94 -7.66 27.76
CA LEU A 548 -35.41 -7.52 26.41
C LEU A 548 -35.89 -8.68 25.55
N ILE A 549 -36.22 -8.37 24.29
CA ILE A 549 -36.80 -9.37 23.40
C ILE A 549 -35.89 -9.60 22.20
N ASP A 550 -35.65 -8.57 21.40
CA ASP A 550 -34.94 -8.76 20.14
C ASP A 550 -34.00 -7.60 19.86
N VAL A 551 -32.97 -7.90 19.05
CA VAL A 551 -32.03 -6.91 18.52
C VAL A 551 -32.14 -6.93 16.99
N ARG A 552 -31.58 -5.90 16.36
CA ARG A 552 -31.65 -5.79 14.90
C ARG A 552 -30.49 -4.95 14.37
N PRO A 553 -29.79 -5.41 13.32
CA PRO A 553 -28.71 -4.59 12.75
C PRO A 553 -29.25 -3.37 12.00
N VAL A 554 -28.44 -2.33 11.97
CA VAL A 554 -28.77 -1.10 11.25
C VAL A 554 -27.65 -0.78 10.26
N GLY A 555 -26.42 -0.70 10.76
CA GLY A 555 -25.29 -0.40 9.92
C GLY A 555 -24.28 0.52 10.58
N PRO A 556 -23.40 1.12 9.78
CA PRO A 556 -22.53 2.17 10.32
C PRO A 556 -23.28 3.49 10.46
N ARG A 557 -22.96 4.21 11.55
CA ARG A 557 -23.55 5.50 11.84
C ARG A 557 -22.48 6.31 12.56
N PRO A 558 -22.36 7.62 12.29
CA PRO A 558 -21.23 8.39 12.81
C PRO A 558 -21.35 8.67 14.30
N SER A 559 -20.22 9.07 14.88
CA SER A 559 -20.12 9.28 16.32
C SER A 559 -20.80 10.57 16.78
N LYS A 560 -21.05 11.50 15.86
CA LYS A 560 -21.72 12.74 16.24
C LYS A 560 -23.21 12.54 16.51
N SER A 561 -23.80 11.49 15.96
CA SER A 561 -25.21 11.20 16.20
C SER A 561 -25.38 10.54 17.56
N THR A 562 -26.31 11.07 18.36
CA THR A 562 -26.57 10.53 19.69
C THR A 562 -27.47 9.31 19.58
N LEU A 563 -27.05 8.21 20.20
CA LEU A 563 -27.88 7.01 20.27
C LEU A 563 -29.08 7.25 21.17
N VAL A 564 -30.23 6.69 20.79
CA VAL A 564 -31.49 7.04 21.42
C VAL A 564 -31.61 6.37 22.80
N PHE A 565 -32.37 7.00 23.67
CA PHE A 565 -32.58 6.55 25.04
C PHE A 565 -34.05 6.65 25.42
N ASN A 566 -34.92 6.14 24.55
CA ASN A 566 -36.36 6.09 24.85
C ASN A 566 -36.63 4.79 25.61
N LEU A 567 -36.27 4.80 26.90
CA LEU A 567 -36.45 3.64 27.75
C LEU A 567 -37.80 3.67 28.44
N GLY A 568 -38.06 2.65 29.24
CA GLY A 568 -39.29 2.56 30.00
C GLY A 568 -39.22 3.31 31.32
N GLY A 569 -39.24 4.63 31.26
CA GLY A 569 -39.18 5.45 32.46
C GLY A 569 -39.38 6.93 32.18
N ALA B 18 -14.71 28.97 -56.43
CA ALA B 18 -14.05 30.28 -56.30
C ALA B 18 -12.55 30.11 -56.01
N SER B 19 -11.95 30.80 -55.00
CA SER B 19 -10.46 30.67 -54.86
C SER B 19 -9.70 31.26 -53.65
N VAL B 20 -9.26 30.46 -52.68
CA VAL B 20 -8.26 30.84 -51.68
C VAL B 20 -6.88 30.55 -52.24
N PRO B 21 -5.86 31.34 -51.89
CA PRO B 21 -4.52 31.06 -52.41
C PRO B 21 -3.78 30.00 -51.62
N GLY B 22 -4.26 29.71 -50.41
CA GLY B 22 -3.60 28.82 -49.48
C GLY B 22 -2.79 29.56 -48.42
N THR B 23 -2.46 30.82 -48.68
CA THR B 23 -1.77 31.64 -47.69
C THR B 23 -2.69 32.08 -46.56
N THR B 24 -3.99 32.20 -46.83
CA THR B 24 -4.97 32.54 -45.81
C THR B 24 -5.94 31.37 -45.63
N THR B 25 -6.07 30.90 -44.39
CA THR B 25 -6.95 29.79 -44.07
C THR B 25 -7.95 30.25 -43.01
N ASP B 26 -9.21 29.84 -43.18
CA ASP B 26 -10.25 30.16 -42.23
C ASP B 26 -10.08 29.34 -40.94
N GLY B 27 -10.77 29.77 -39.89
CA GLY B 27 -10.80 28.99 -38.66
C GLY B 27 -11.58 27.70 -38.82
N MET B 28 -12.54 27.67 -39.74
CA MET B 28 -13.27 26.45 -40.07
C MET B 28 -12.61 25.65 -41.18
N ASP B 29 -11.46 26.09 -41.67
CA ASP B 29 -10.79 25.41 -42.76
C ASP B 29 -9.78 24.41 -42.22
N PRO B 30 -9.93 23.12 -42.50
CA PRO B 30 -8.89 22.16 -42.11
C PRO B 30 -7.68 22.17 -43.02
N GLY B 31 -7.86 22.39 -44.31
CA GLY B 31 -6.73 22.28 -45.23
C GLY B 31 -6.64 20.88 -45.77
N VAL B 32 -5.50 20.23 -45.53
CA VAL B 32 -5.29 18.85 -45.94
C VAL B 32 -5.47 17.94 -44.73
N VAL B 33 -6.29 16.90 -44.89
CA VAL B 33 -6.60 15.98 -43.82
C VAL B 33 -5.76 14.72 -44.01
N ALA B 34 -5.00 14.35 -42.99
CA ALA B 34 -4.14 13.18 -43.02
C ALA B 34 -4.55 12.23 -41.90
N THR B 35 -5.12 11.10 -42.26
CA THR B 35 -5.49 10.04 -41.33
C THR B 35 -4.46 8.92 -41.45
N THR B 36 -3.90 8.49 -40.32
CA THR B 36 -2.73 7.62 -40.40
C THR B 36 -3.14 6.17 -40.65
N SER B 37 -3.68 5.50 -39.64
CA SER B 37 -4.37 4.22 -39.84
C SER B 37 -5.48 3.98 -38.84
N VAL B 38 -5.76 4.91 -37.93
CA VAL B 38 -6.68 4.66 -36.82
C VAL B 38 -7.98 5.41 -36.97
N VAL B 39 -8.09 6.34 -37.92
CA VAL B 39 -9.32 7.07 -38.16
C VAL B 39 -10.15 6.23 -39.12
N THR B 40 -10.94 5.33 -38.57
CA THR B 40 -11.85 4.51 -39.34
C THR B 40 -13.28 4.85 -38.96
N ALA B 41 -14.19 4.60 -39.89
CA ALA B 41 -15.59 4.98 -39.68
C ALA B 41 -16.27 4.06 -38.68
N GLU B 42 -15.96 2.77 -38.70
CA GLU B 42 -16.63 1.86 -37.78
C GLU B 42 -16.05 1.98 -36.37
N ASN B 43 -14.85 2.55 -36.24
CA ASN B 43 -14.35 2.95 -34.93
C ASN B 43 -15.21 4.08 -34.37
N SER B 44 -15.56 5.06 -35.21
CA SER B 44 -16.43 6.14 -34.78
C SER B 44 -17.84 5.63 -34.47
N SER B 45 -18.31 4.64 -35.23
CA SER B 45 -19.61 4.05 -34.95
C SER B 45 -19.61 3.25 -33.64
N ALA B 46 -18.52 2.54 -33.35
CA ALA B 46 -18.41 1.83 -32.09
C ALA B 46 -18.11 2.76 -30.92
N SER B 47 -17.68 3.99 -31.19
CA SER B 47 -17.52 4.96 -30.11
C SER B 47 -18.79 5.75 -29.83
N ILE B 48 -19.60 6.03 -30.85
CA ILE B 48 -20.81 6.82 -30.66
C ILE B 48 -21.86 6.03 -29.88
N ALA B 49 -22.06 4.77 -30.25
CA ALA B 49 -23.09 3.95 -29.61
C ALA B 49 -22.66 3.50 -28.22
N THR B 50 -21.36 3.49 -27.95
CA THR B 50 -20.85 3.12 -26.64
C THR B 50 -21.13 4.21 -25.61
N ALA B 51 -20.94 5.47 -25.99
CA ALA B 51 -21.00 6.60 -25.07
C ALA B 51 -22.41 6.97 -24.64
N GLY B 52 -23.42 6.19 -25.01
CA GLY B 52 -24.76 6.38 -24.49
C GLY B 52 -25.00 5.81 -23.11
N ILE B 53 -23.95 5.28 -22.47
CA ILE B 53 -24.07 4.79 -21.11
C ILE B 53 -24.18 5.93 -20.11
N GLY B 54 -23.83 7.15 -20.51
CA GLY B 54 -24.04 8.32 -19.69
C GLY B 54 -25.38 8.99 -19.89
N GLY B 55 -26.28 8.37 -20.64
CA GLY B 55 -27.56 8.97 -20.96
C GLY B 55 -27.52 9.55 -22.37
N PRO B 56 -28.28 10.61 -22.59
CA PRO B 56 -28.18 11.32 -23.87
C PRO B 56 -26.86 12.06 -23.95
N PRO B 57 -26.27 12.15 -25.14
CA PRO B 57 -25.01 12.90 -25.28
C PRO B 57 -25.24 14.39 -25.16
N GLN B 58 -24.43 15.03 -24.34
CA GLN B 58 -24.55 16.46 -24.06
C GLN B 58 -23.53 17.23 -24.88
N GLN B 59 -23.92 18.45 -25.26
CA GLN B 59 -23.14 19.36 -26.11
C GLN B 59 -22.74 18.72 -27.43
N VAL B 60 -23.65 17.95 -28.02
CA VAL B 60 -23.43 17.53 -29.40
C VAL B 60 -24.43 18.28 -30.28
N ASP B 61 -23.88 19.19 -31.08
CA ASP B 61 -24.63 19.98 -32.06
C ASP B 61 -23.59 20.53 -33.02
N GLN B 62 -23.55 20.00 -34.25
CA GLN B 62 -22.47 20.39 -35.15
C GLN B 62 -22.76 21.68 -35.92
N GLN B 63 -23.26 22.69 -35.23
CA GLN B 63 -23.44 24.04 -35.73
C GLN B 63 -22.80 25.08 -34.81
N GLU B 64 -22.46 24.71 -33.58
CA GLU B 64 -21.93 25.66 -32.62
C GLU B 64 -20.53 26.11 -33.00
N THR B 65 -20.20 27.33 -32.66
CA THR B 65 -18.92 27.90 -33.04
C THR B 65 -17.77 27.43 -32.15
N TRP B 66 -18.05 26.72 -31.05
CA TRP B 66 -16.96 26.19 -30.25
C TRP B 66 -16.45 24.86 -30.78
N ARG B 67 -17.18 24.22 -31.70
CA ARG B 67 -16.77 22.90 -32.20
C ARG B 67 -16.68 22.86 -33.72
N THR B 68 -16.80 23.99 -34.39
CA THR B 68 -16.58 24.05 -35.83
C THR B 68 -15.33 24.83 -36.21
N ASN B 69 -14.77 25.60 -35.30
CA ASN B 69 -13.58 26.39 -35.56
C ASN B 69 -12.39 25.79 -34.82
N PHE B 70 -11.21 25.96 -35.41
CA PHE B 70 -9.97 25.56 -34.76
C PHE B 70 -9.50 26.65 -33.83
N TYR B 71 -8.96 26.26 -32.67
CA TYR B 71 -8.56 27.21 -31.66
C TYR B 71 -7.17 26.86 -31.14
N TYR B 72 -6.49 27.86 -30.60
CA TYR B 72 -5.10 27.71 -30.17
C TYR B 72 -5.00 26.79 -28.96
N ASN B 73 -4.05 25.85 -29.02
CA ASN B 73 -3.77 24.96 -27.91
C ASN B 73 -2.37 25.20 -27.34
N ASP B 74 -1.33 25.09 -28.16
CA ASP B 74 0.03 25.32 -27.73
C ASP B 74 0.89 25.57 -28.95
N VAL B 75 1.87 26.45 -28.80
CA VAL B 75 2.87 26.71 -29.83
C VAL B 75 4.22 26.24 -29.27
N PHE B 76 5.09 25.81 -30.18
CA PHE B 76 6.38 25.29 -29.76
C PHE B 76 7.40 25.55 -30.86
N THR B 77 8.66 25.59 -30.47
CA THR B 77 9.75 25.86 -31.39
C THR B 77 10.32 24.56 -31.92
N TRP B 78 11.02 24.67 -33.06
CA TRP B 78 11.65 23.53 -33.72
C TRP B 78 13.03 24.02 -34.17
N SER B 79 14.05 23.70 -33.39
CA SER B 79 15.38 24.19 -33.68
C SER B 79 16.13 23.22 -34.59
N VAL B 80 17.25 23.67 -35.14
CA VAL B 80 18.07 22.82 -35.99
C VAL B 80 18.91 21.83 -35.20
N ALA B 81 18.97 21.98 -33.87
CA ALA B 81 19.78 21.10 -33.03
C ALA B 81 19.02 19.87 -32.55
N ASP B 82 17.75 19.73 -32.89
CA ASP B 82 16.95 18.60 -32.48
C ASP B 82 17.23 17.41 -33.39
N ALA B 83 17.69 16.31 -32.80
CA ALA B 83 17.96 15.09 -33.53
C ALA B 83 16.66 14.45 -34.02
N PRO B 84 16.72 13.60 -35.04
CA PRO B 84 15.53 12.80 -35.40
C PRO B 84 15.08 11.90 -34.25
N GLY B 85 13.77 11.85 -34.07
CA GLY B 85 13.18 11.12 -32.97
C GLY B 85 13.04 11.91 -31.68
N SER B 86 13.55 13.13 -31.63
CA SER B 86 13.41 13.95 -30.43
C SER B 86 11.97 14.46 -30.33
N ILE B 87 11.41 14.38 -29.13
CA ILE B 87 9.99 14.65 -28.94
C ILE B 87 9.79 16.16 -28.86
N LEU B 88 8.93 16.69 -29.73
CA LEU B 88 8.63 18.11 -29.72
C LEU B 88 7.33 18.45 -29.02
N TYR B 89 6.27 17.70 -29.28
CA TYR B 89 4.95 18.06 -28.74
C TYR B 89 4.16 16.77 -28.57
N THR B 90 3.85 16.43 -27.32
CA THR B 90 3.04 15.27 -27.01
C THR B 90 1.96 15.66 -26.00
N VAL B 91 0.71 15.33 -26.31
CA VAL B 91 -0.41 15.51 -25.40
C VAL B 91 -1.22 14.22 -25.33
N GLN B 92 -1.84 14.01 -24.18
CA GLN B 92 -2.74 12.89 -23.99
C GLN B 92 -4.14 13.28 -24.44
N HIS B 93 -4.99 12.28 -24.61
CA HIS B 93 -6.36 12.57 -25.03
C HIS B 93 -7.15 13.10 -23.84
N SER B 94 -7.51 14.37 -23.91
CA SER B 94 -8.13 15.06 -22.79
C SER B 94 -8.96 16.21 -23.33
N PRO B 95 -9.94 16.70 -22.57
CA PRO B 95 -10.59 17.97 -22.94
C PRO B 95 -9.69 19.19 -22.78
N GLN B 96 -8.58 19.06 -22.07
CA GLN B 96 -7.67 20.19 -21.83
C GLN B 96 -6.87 20.57 -23.07
N ASN B 97 -6.92 19.78 -24.15
CA ASN B 97 -6.24 20.14 -25.38
C ASN B 97 -6.97 21.20 -26.18
N ASN B 98 -8.22 21.49 -25.84
CA ASN B 98 -9.00 22.55 -26.47
C ASN B 98 -9.52 23.48 -25.39
N PRO B 99 -9.47 24.80 -25.60
CA PRO B 99 -9.82 25.72 -24.50
C PRO B 99 -11.29 25.70 -24.12
N PHE B 100 -12.19 25.67 -25.10
CA PHE B 100 -13.61 25.61 -24.80
C PHE B 100 -14.03 24.25 -24.29
N THR B 101 -13.39 23.19 -24.78
CA THR B 101 -13.62 21.88 -24.20
C THR B 101 -13.05 21.78 -22.78
N ALA B 102 -11.96 22.48 -22.48
CA ALA B 102 -11.48 22.54 -21.11
C ALA B 102 -12.38 23.38 -20.23
N VAL B 103 -13.08 24.35 -20.80
CA VAL B 103 -14.05 25.13 -20.03
C VAL B 103 -15.28 24.25 -19.71
N LEU B 104 -15.75 23.50 -20.70
CA LEU B 104 -16.87 22.59 -20.47
C LEU B 104 -16.48 21.35 -19.67
N SER B 105 -15.18 21.08 -19.53
CA SER B 105 -14.73 19.94 -18.73
C SER B 105 -15.02 20.12 -17.25
N GLN B 106 -14.94 21.34 -16.74
CA GLN B 106 -15.38 21.58 -15.37
C GLN B 106 -16.89 21.66 -15.26
N MET B 107 -17.59 21.80 -16.39
CA MET B 107 -19.03 21.81 -16.42
C MET B 107 -19.61 20.39 -16.48
N TYR B 108 -18.83 19.40 -16.94
CA TYR B 108 -19.34 18.06 -17.18
C TYR B 108 -18.52 17.03 -16.42
N ALA B 109 -18.99 15.78 -16.43
CA ALA B 109 -18.45 14.72 -15.60
C ALA B 109 -18.12 13.48 -16.41
N GLY B 110 -17.61 13.66 -17.62
CA GLY B 110 -17.25 12.53 -18.45
C GLY B 110 -17.33 12.86 -19.91
N TRP B 111 -16.47 12.24 -20.73
CA TRP B 111 -16.39 12.58 -22.14
C TRP B 111 -16.00 11.35 -22.93
N ALA B 112 -16.31 11.39 -24.23
CA ALA B 112 -15.94 10.34 -25.15
C ALA B 112 -15.96 10.90 -26.57
N GLY B 113 -14.93 10.58 -27.35
CA GLY B 113 -14.86 11.00 -28.72
C GLY B 113 -13.47 11.51 -29.10
N GLY B 114 -13.26 11.63 -30.40
CA GLY B 114 -11.99 12.03 -30.94
C GLY B 114 -11.78 13.53 -30.92
N MET B 115 -10.68 13.95 -31.52
CA MET B 115 -10.29 15.36 -31.53
C MET B 115 -9.38 15.59 -32.73
N GLN B 116 -9.53 16.75 -33.36
CA GLN B 116 -8.74 17.10 -34.53
C GLN B 116 -7.61 18.06 -34.14
N PHE B 117 -6.39 17.74 -34.55
CA PHE B 117 -5.22 18.54 -34.24
C PHE B 117 -4.66 19.10 -35.55
N ARG B 118 -4.77 20.42 -35.71
CA ARG B 118 -4.31 21.09 -36.92
C ARG B 118 -2.97 21.76 -36.66
N PHE B 119 -1.99 21.46 -37.51
CA PHE B 119 -0.64 21.94 -37.34
C PHE B 119 -0.31 22.95 -38.43
N ILE B 120 0.23 24.10 -38.03
CA ILE B 120 0.63 25.16 -38.94
C ILE B 120 2.12 25.38 -38.74
N VAL B 121 2.88 25.33 -39.84
CA VAL B 121 4.33 25.44 -39.80
C VAL B 121 4.73 26.82 -40.32
N ALA B 122 5.41 27.58 -39.48
CA ALA B 122 5.89 28.91 -39.87
C ALA B 122 7.29 28.79 -40.47
N GLY B 123 7.31 28.31 -41.72
CA GLY B 123 8.55 28.14 -42.44
C GLY B 123 8.43 28.65 -43.86
N SER B 124 9.54 29.17 -44.37
CA SER B 124 9.61 29.64 -45.73
C SER B 124 9.92 28.48 -46.67
N GLY B 125 10.02 28.77 -47.96
CA GLY B 125 10.37 27.74 -48.92
C GLY B 125 11.84 27.38 -48.95
N VAL B 126 12.68 28.14 -48.25
CA VAL B 126 14.12 27.85 -48.21
C VAL B 126 14.49 26.91 -47.09
N PHE B 127 13.56 26.61 -46.18
CA PHE B 127 13.82 25.65 -45.12
C PHE B 127 13.64 24.23 -45.64
N GLY B 128 14.13 23.27 -44.87
CA GLY B 128 13.97 21.86 -45.20
C GLY B 128 13.97 21.04 -43.93
N GLY B 129 13.29 19.90 -44.00
CA GLY B 129 13.15 19.04 -42.84
C GLY B 129 11.70 18.65 -42.62
N ARG B 130 11.47 17.46 -42.07
CA ARG B 130 10.13 16.91 -41.98
C ARG B 130 9.76 16.68 -40.52
N LEU B 131 8.46 16.63 -40.27
CA LEU B 131 7.90 16.42 -38.94
C LEU B 131 6.95 15.23 -38.97
N VAL B 132 7.19 14.25 -38.10
CA VAL B 132 6.37 13.04 -38.07
C VAL B 132 5.26 13.26 -37.05
N ALA B 133 4.18 12.48 -37.19
CA ALA B 133 3.03 12.60 -36.30
C ALA B 133 2.33 11.25 -36.25
N ALA B 134 2.29 10.64 -35.07
CA ALA B 134 1.70 9.33 -34.89
C ALA B 134 0.74 9.35 -33.71
N VAL B 135 -0.24 8.46 -33.75
CA VAL B 135 -1.22 8.32 -32.68
C VAL B 135 -0.88 7.07 -31.90
N ILE B 136 -0.42 7.25 -30.66
CA ILE B 136 0.03 6.15 -29.84
C ILE B 136 -1.17 5.45 -29.21
N PRO B 137 -1.26 4.13 -29.30
CA PRO B 137 -2.32 3.38 -28.61
C PRO B 137 -2.19 3.50 -27.10
N PRO B 138 -3.29 3.33 -26.35
CA PRO B 138 -3.28 3.71 -24.92
C PRO B 138 -2.42 2.82 -24.03
N GLY B 139 -2.11 1.60 -24.44
CA GLY B 139 -1.35 0.74 -23.55
C GLY B 139 0.14 0.91 -23.58
N ILE B 140 0.65 1.86 -24.35
CA ILE B 140 2.09 2.00 -24.59
C ILE B 140 2.64 3.03 -23.62
N GLU B 141 3.63 2.63 -22.82
CA GLU B 141 4.35 3.56 -21.98
C GLU B 141 5.26 4.43 -22.84
N ILE B 142 5.23 5.74 -22.60
CA ILE B 142 5.97 6.69 -23.42
C ILE B 142 7.14 7.22 -22.60
N GLY B 143 8.35 7.08 -23.14
CA GLY B 143 9.55 7.50 -22.45
C GLY B 143 10.75 7.54 -23.36
N PRO B 144 11.90 7.09 -22.85
CA PRO B 144 13.12 7.15 -23.67
C PRO B 144 13.16 6.10 -24.76
N GLY B 145 12.75 4.87 -24.48
CA GLY B 145 12.86 3.77 -25.41
C GLY B 145 11.79 3.69 -26.47
N LEU B 146 10.83 4.62 -26.47
CA LEU B 146 9.75 4.62 -27.45
C LEU B 146 10.28 5.08 -28.81
N GLU B 147 10.01 4.29 -29.84
CA GLU B 147 10.31 4.67 -31.22
C GLU B 147 8.99 5.05 -31.89
N VAL B 148 8.91 6.29 -32.36
CA VAL B 148 7.64 6.83 -32.81
C VAL B 148 7.41 6.49 -34.29
N ARG B 149 8.48 6.52 -35.09
CA ARG B 149 8.37 6.36 -36.53
C ARG B 149 8.07 4.92 -36.96
N GLN B 150 8.03 3.97 -36.04
CA GLN B 150 7.62 2.61 -36.34
C GLN B 150 6.13 2.38 -36.10
N PHE B 151 5.39 3.44 -35.78
CA PHE B 151 3.94 3.45 -35.68
C PHE B 151 3.33 3.93 -36.98
N PRO B 152 2.04 3.72 -37.22
CA PRO B 152 1.37 4.37 -38.36
C PRO B 152 1.38 5.88 -38.20
N HIS B 153 2.01 6.56 -39.16
CA HIS B 153 2.32 7.97 -39.03
C HIS B 153 2.10 8.68 -40.36
N VAL B 154 2.23 10.00 -40.32
CA VAL B 154 2.36 10.85 -41.49
C VAL B 154 3.58 11.73 -41.27
N VAL B 155 4.09 12.29 -42.36
CA VAL B 155 5.17 13.27 -42.27
C VAL B 155 4.64 14.61 -42.74
N ILE B 156 5.16 15.69 -42.16
CA ILE B 156 4.79 17.05 -42.52
C ILE B 156 6.08 17.82 -42.78
N ASP B 157 6.20 18.38 -43.98
CA ASP B 157 7.39 19.12 -44.35
C ASP B 157 7.39 20.49 -43.67
N ALA B 158 8.59 21.05 -43.53
CA ALA B 158 8.72 22.40 -42.98
C ALA B 158 8.31 23.46 -43.99
N ARG B 159 8.20 23.10 -45.27
CA ARG B 159 7.70 23.99 -46.30
C ARG B 159 6.20 23.90 -46.47
N SER B 160 5.47 23.46 -45.45
CA SER B 160 4.03 23.29 -45.52
C SER B 160 3.36 24.66 -45.45
N LEU B 161 2.69 25.05 -46.53
CA LEU B 161 1.91 26.27 -46.54
C LEU B 161 0.50 26.02 -46.03
N GLU B 162 -0.16 24.99 -46.56
CA GLU B 162 -1.48 24.62 -46.07
C GLU B 162 -1.37 23.92 -44.71
N PRO B 163 -2.34 24.11 -43.83
CA PRO B 163 -2.30 23.41 -42.54
C PRO B 163 -2.68 21.95 -42.69
N VAL B 164 -2.11 21.11 -41.83
CA VAL B 164 -2.35 19.67 -41.85
C VAL B 164 -3.07 19.31 -40.56
N THR B 165 -4.21 18.64 -40.69
CA THR B 165 -4.97 18.18 -39.53
C THR B 165 -4.76 16.70 -39.32
N ILE B 166 -4.48 16.32 -38.06
CA ILE B 166 -4.32 14.88 -37.70
C ILE B 166 -5.35 14.56 -36.61
N THR B 167 -6.42 13.88 -36.96
CA THR B 167 -7.50 13.60 -35.98
C THR B 167 -7.08 12.48 -35.05
N MET B 168 -6.99 12.77 -33.74
CA MET B 168 -6.69 11.70 -32.76
C MET B 168 -8.02 11.09 -32.30
N PRO B 169 -8.30 9.80 -32.58
CA PRO B 169 -9.59 9.14 -32.23
C PRO B 169 -9.62 8.79 -30.75
N ASP B 170 -10.77 8.26 -30.28
CA ASP B 170 -10.86 7.84 -28.88
C ASP B 170 -10.80 6.32 -28.84
N LEU B 171 -9.58 5.80 -28.79
CA LEU B 171 -9.35 4.39 -28.55
C LEU B 171 -9.33 4.17 -27.05
N ARG B 172 -10.22 3.32 -26.54
CA ARG B 172 -10.29 3.17 -25.11
C ARG B 172 -10.78 1.77 -24.77
N PRO B 173 -10.23 1.13 -23.73
CA PRO B 173 -10.83 -0.09 -23.22
C PRO B 173 -12.03 0.16 -22.32
N ASN B 174 -12.32 1.41 -21.99
CA ASN B 174 -13.44 1.78 -21.14
C ASN B 174 -14.62 2.24 -21.98
N MET B 175 -15.76 2.41 -21.32
CA MET B 175 -16.97 2.90 -21.98
C MET B 175 -16.82 4.36 -22.37
N TYR B 176 -16.69 5.23 -21.38
CA TYR B 176 -16.46 6.65 -21.54
C TYR B 176 -15.25 7.00 -20.69
N HIS B 177 -14.76 8.23 -20.85
CA HIS B 177 -13.66 8.68 -20.03
C HIS B 177 -14.20 9.58 -18.93
N PRO B 178 -14.15 9.16 -17.66
CA PRO B 178 -14.43 10.11 -16.57
C PRO B 178 -13.36 11.19 -16.53
N THR B 179 -13.79 12.41 -16.19
CA THR B 179 -12.84 13.51 -16.08
C THR B 179 -11.96 13.37 -14.85
N GLY B 180 -12.47 12.68 -13.82
CA GLY B 180 -11.66 12.41 -12.64
C GLY B 180 -10.68 11.28 -12.79
N ASP B 181 -11.03 10.24 -13.54
CA ASP B 181 -10.16 9.08 -13.72
C ASP B 181 -10.36 8.55 -15.14
N PRO B 182 -9.66 9.13 -16.13
CA PRO B 182 -9.87 8.71 -17.51
C PRO B 182 -9.31 7.33 -17.85
N GLY B 183 -8.41 6.80 -17.02
CA GLY B 183 -7.83 5.51 -17.29
C GLY B 183 -6.79 5.55 -18.40
N LEU B 184 -7.04 4.82 -19.48
CA LEU B 184 -6.11 4.70 -20.59
C LEU B 184 -6.62 5.54 -21.77
N VAL B 185 -5.78 6.47 -22.23
CA VAL B 185 -6.14 7.38 -23.31
C VAL B 185 -5.08 7.30 -24.39
N PRO B 186 -5.43 7.49 -25.66
CA PRO B 186 -4.39 7.53 -26.70
C PRO B 186 -3.59 8.82 -26.62
N THR B 187 -2.43 8.81 -27.26
CA THR B 187 -1.49 9.93 -27.19
C THR B 187 -1.06 10.32 -28.59
N LEU B 188 -1.13 11.61 -28.90
CA LEU B 188 -0.57 12.15 -30.13
C LEU B 188 0.86 12.59 -29.85
N VAL B 189 1.80 12.10 -30.63
CA VAL B 189 3.20 12.49 -30.51
C VAL B 189 3.64 13.04 -31.84
N LEU B 190 4.10 14.29 -31.84
CA LEU B 190 4.66 14.94 -33.02
C LEU B 190 6.14 15.17 -32.76
N SER B 191 6.98 14.30 -33.29
CA SER B 191 8.41 14.35 -33.04
C SER B 191 9.15 14.65 -34.34
N VAL B 192 10.45 14.86 -34.21
CA VAL B 192 11.29 15.24 -35.34
C VAL B 192 11.52 14.03 -36.23
N TYR B 193 11.07 14.12 -37.48
CA TYR B 193 11.31 13.08 -38.46
C TYR B 193 12.67 13.25 -39.12
N ASN B 194 13.00 14.47 -39.52
CA ASN B 194 14.26 14.78 -40.15
C ASN B 194 14.78 16.10 -39.58
N ASN B 195 16.10 16.27 -39.66
CA ASN B 195 16.73 17.47 -39.14
C ASN B 195 16.28 18.70 -39.90
N LEU B 196 15.79 19.70 -39.18
CA LEU B 196 15.43 20.96 -39.81
C LEU B 196 16.70 21.66 -40.24
N ILE B 197 16.83 21.90 -41.53
CA ILE B 197 18.02 22.57 -42.05
C ILE B 197 17.66 24.01 -42.37
N ASN B 198 18.59 24.90 -41.99
CA ASN B 198 18.44 26.33 -42.37
C ASN B 198 19.71 26.63 -43.16
N PRO B 199 19.85 26.25 -44.46
CA PRO B 199 21.15 26.42 -45.20
C PRO B 199 21.55 27.88 -45.34
N PHE B 200 21.81 28.55 -44.22
CA PHE B 200 22.11 30.01 -44.27
C PHE B 200 23.05 30.42 -43.13
N GLY B 201 23.32 29.54 -42.17
CA GLY B 201 24.12 29.96 -41.04
C GLY B 201 23.37 31.03 -40.25
N GLY B 202 24.13 31.80 -39.49
CA GLY B 202 23.57 32.97 -38.85
C GLY B 202 22.72 32.66 -37.63
N SER B 203 22.00 33.69 -37.19
CA SER B 203 21.24 33.62 -35.94
C SER B 203 19.94 32.84 -36.08
N THR B 204 19.38 32.74 -37.29
CA THR B 204 18.12 32.04 -37.47
C THR B 204 18.37 30.54 -37.46
N SER B 205 17.95 29.87 -36.39
CA SER B 205 18.15 28.43 -36.27
C SER B 205 16.93 27.72 -35.70
N ALA B 206 15.75 28.32 -35.80
CA ALA B 206 14.54 27.71 -35.27
C ALA B 206 13.33 28.29 -36.00
N ILE B 207 12.29 27.46 -36.15
CA ILE B 207 11.00 27.94 -36.60
C ILE B 207 9.96 27.57 -35.55
N GLN B 208 8.70 27.91 -35.79
CA GLN B 208 7.64 27.69 -34.83
C GLN B 208 6.50 26.92 -35.48
N VAL B 209 5.93 25.97 -34.74
CA VAL B 209 4.77 25.20 -35.19
C VAL B 209 3.64 25.43 -34.21
N THR B 210 2.47 25.79 -34.72
CA THR B 210 1.30 26.08 -33.90
C THR B 210 0.29 24.94 -34.03
N VAL B 211 -0.26 24.50 -32.92
CA VAL B 211 -1.23 23.41 -32.89
C VAL B 211 -2.61 24.01 -32.67
N GLU B 212 -3.50 23.80 -33.63
CA GLU B 212 -4.91 24.16 -33.50
C GLU B 212 -5.72 22.92 -33.17
N THR B 213 -6.77 23.12 -32.39
CA THR B 213 -7.53 22.00 -31.85
C THR B 213 -9.02 22.25 -32.00
N ARG B 214 -9.73 21.28 -32.58
CA ARG B 214 -11.17 21.31 -32.73
C ARG B 214 -11.68 19.92 -32.38
N PRO B 215 -12.74 19.83 -31.56
CA PRO B 215 -13.32 18.51 -31.27
C PRO B 215 -13.94 17.89 -32.51
N SER B 216 -13.86 16.58 -32.58
CA SER B 216 -14.27 15.85 -33.76
C SER B 216 -15.80 15.76 -33.84
N GLU B 217 -16.28 15.01 -34.83
CA GLU B 217 -17.72 14.89 -35.02
C GLU B 217 -18.37 13.97 -33.99
N ASP B 218 -17.58 13.18 -33.27
CA ASP B 218 -18.11 12.23 -32.30
C ASP B 218 -17.79 12.61 -30.86
N PHE B 219 -17.40 13.86 -30.60
CA PHE B 219 -17.16 14.28 -29.24
C PHE B 219 -18.47 14.55 -28.52
N GLU B 220 -18.53 14.17 -27.26
CA GLU B 220 -19.74 14.35 -26.45
C GLU B 220 -19.37 14.33 -24.98
N PHE B 221 -20.21 14.96 -24.18
CA PHE B 221 -20.17 14.87 -22.73
C PHE B 221 -21.42 14.13 -22.25
N VAL B 222 -21.37 13.56 -21.04
CA VAL B 222 -22.36 12.58 -20.61
C VAL B 222 -23.06 12.98 -19.30
N MET B 223 -22.31 13.30 -18.26
CA MET B 223 -22.90 13.61 -16.96
C MET B 223 -22.51 15.01 -16.52
N ILE B 224 -23.20 15.50 -15.49
CA ILE B 224 -23.19 16.94 -15.20
C ILE B 224 -22.13 17.30 -14.16
N ARG B 225 -22.32 16.89 -12.89
CA ARG B 225 -21.53 17.30 -11.72
C ARG B 225 -21.52 18.82 -11.45
N ALA B 226 -21.12 19.18 -10.22
CA ALA B 226 -21.09 20.62 -9.86
C ALA B 226 -19.92 21.30 -10.57
N PRO B 227 -20.03 22.59 -10.93
CA PRO B 227 -18.95 23.33 -11.66
C PRO B 227 -17.61 23.07 -10.98
N SER B 228 -16.64 22.50 -11.62
CA SER B 228 -15.39 22.32 -10.87
C SER B 228 -15.66 21.65 -9.52
N SER B 229 -16.03 20.36 -9.52
CA SER B 229 -16.25 19.54 -8.33
C SER B 229 -14.91 18.85 -8.17
N LYS B 230 -14.47 18.47 -6.98
CA LYS B 230 -13.12 17.87 -6.95
C LYS B 230 -13.15 16.59 -7.75
N THR B 231 -11.98 16.08 -8.15
CA THR B 231 -11.96 14.89 -9.04
C THR B 231 -10.76 14.02 -8.71
N VAL B 232 -10.81 12.74 -9.10
CA VAL B 232 -9.66 11.82 -8.86
C VAL B 232 -8.43 12.38 -9.58
N ASP B 233 -8.63 13.00 -10.75
CA ASP B 233 -7.49 13.54 -11.54
C ASP B 233 -6.83 14.67 -10.78
N SER B 234 -5.61 14.44 -10.28
CA SER B 234 -4.86 15.52 -9.61
C SER B 234 -5.03 16.80 -10.43
N ILE B 235 -5.44 17.91 -9.81
CA ILE B 235 -5.72 19.10 -10.69
C ILE B 235 -4.41 19.59 -11.33
N SER B 236 -4.51 20.27 -12.47
CA SER B 236 -3.30 20.85 -13.11
C SER B 236 -2.70 21.91 -12.18
N PRO B 237 -1.40 21.84 -11.84
CA PRO B 237 -0.78 22.79 -10.86
C PRO B 237 -0.50 24.14 -11.51
N ALA B 238 -1.52 24.74 -12.15
CA ALA B 238 -1.32 26.08 -12.70
C ALA B 238 -1.68 27.17 -11.70
N GLY B 239 -2.36 26.82 -10.61
CA GLY B 239 -2.82 27.80 -9.65
C GLY B 239 -1.89 28.07 -8.49
N LEU B 240 -0.90 27.20 -8.26
CA LEU B 240 0.01 27.39 -7.14
C LEU B 240 1.13 28.37 -7.43
N LEU B 241 1.33 28.74 -8.70
CA LEU B 241 2.38 29.68 -9.10
C LEU B 241 1.69 30.72 -9.98
N THR B 242 1.53 31.94 -9.44
CA THR B 242 0.97 33.04 -10.25
C THR B 242 2.06 34.07 -10.46
N THR B 243 1.69 35.31 -10.76
CA THR B 243 2.69 36.39 -10.93
C THR B 243 3.10 36.96 -9.59
N PRO B 244 2.19 37.42 -8.69
CA PRO B 244 2.61 38.07 -7.41
C PRO B 244 3.71 37.27 -6.73
N VAL B 245 3.62 35.94 -6.78
CA VAL B 245 4.62 35.15 -6.09
C VAL B 245 6.03 35.67 -6.35
N LEU B 246 6.33 36.07 -7.57
CA LEU B 246 7.67 36.54 -7.92
C LEU B 246 7.90 38.01 -7.58
N THR B 247 6.87 38.85 -7.71
CA THR B 247 7.03 40.29 -7.54
C THR B 247 6.15 40.82 -6.41
N GLY B 248 6.16 40.14 -5.28
CA GLY B 248 5.32 40.50 -4.15
C GLY B 248 5.52 39.51 -3.02
N VAL B 249 4.42 39.01 -2.46
CA VAL B 249 4.49 38.05 -1.37
C VAL B 249 5.02 36.71 -1.87
N GLY B 250 5.41 35.85 -0.94
CA GLY B 250 6.05 34.61 -1.30
C GLY B 250 7.49 34.58 -0.82
N ASN B 251 7.83 33.57 -0.03
CA ASN B 251 9.08 33.57 0.71
C ASN B 251 9.88 32.33 0.33
N ASP B 252 10.98 32.10 1.02
CA ASP B 252 11.89 31.01 0.70
C ASP B 252 11.66 29.83 1.65
N ASN B 253 12.51 28.82 1.55
CA ASN B 253 12.43 27.62 2.39
C ASN B 253 13.39 27.66 3.57
N ARG B 254 14.56 28.29 3.42
CA ARG B 254 15.49 28.37 4.54
C ARG B 254 15.25 29.63 5.36
N TRP B 255 14.83 30.71 4.72
CA TRP B 255 14.66 32.00 5.37
C TRP B 255 13.34 32.62 4.96
N ASN B 256 12.87 33.59 5.74
CA ASN B 256 11.63 34.29 5.44
C ASN B 256 11.94 35.66 4.82
N GLY B 257 12.36 35.63 3.56
CA GLY B 257 12.56 36.84 2.79
C GLY B 257 11.89 36.82 1.42
N GLN B 258 11.66 38.01 0.84
CA GLN B 258 11.19 38.10 -0.54
C GLN B 258 12.20 37.61 -1.55
N ILE B 259 11.70 36.87 -2.54
CA ILE B 259 12.53 36.31 -3.60
C ILE B 259 12.90 37.41 -4.57
N VAL B 260 14.17 37.83 -4.54
CA VAL B 260 14.65 38.91 -5.40
C VAL B 260 15.27 38.41 -6.68
N GLY B 261 15.48 37.10 -6.83
CA GLY B 261 16.03 36.60 -8.07
C GLY B 261 16.17 35.08 -8.04
N LEU B 262 16.52 34.54 -9.19
CA LEU B 262 16.81 33.13 -9.37
C LEU B 262 18.25 33.00 -9.81
N GLN B 263 18.95 31.98 -9.32
CA GLN B 263 20.32 31.76 -9.75
C GLN B 263 20.48 30.32 -10.21
N PRO B 264 21.06 30.10 -11.38
CA PRO B 264 21.29 28.72 -11.85
C PRO B 264 22.59 28.13 -11.35
N VAL B 265 22.48 26.93 -10.79
CA VAL B 265 23.64 26.18 -10.31
C VAL B 265 24.03 25.17 -11.39
N PRO B 266 25.24 25.23 -11.93
CA PRO B 266 25.69 24.21 -12.90
C PRO B 266 26.28 23.01 -12.17
N GLY B 267 25.64 21.85 -12.35
CA GLY B 267 26.08 20.64 -11.69
C GLY B 267 24.99 19.96 -10.90
N GLY B 268 24.09 20.76 -10.34
CA GLY B 268 22.96 20.26 -9.59
C GLY B 268 23.15 20.44 -8.09
N PHE B 269 22.07 20.16 -7.36
CA PHE B 269 22.05 20.28 -5.92
C PHE B 269 21.06 19.26 -5.37
N SER B 270 20.90 19.23 -4.05
CA SER B 270 19.98 18.31 -3.40
C SER B 270 19.55 18.92 -2.07
N THR B 271 18.26 19.25 -1.98
CA THR B 271 17.66 19.78 -0.76
C THR B 271 16.49 18.89 -0.36
N CYS B 272 16.51 18.42 0.88
CA CYS B 272 15.47 17.49 1.36
C CYS B 272 15.06 17.83 2.78
N ASN B 273 14.89 19.12 3.08
CA ASN B 273 14.35 19.51 4.39
C ASN B 273 12.87 19.85 4.31
N ARG B 274 12.51 20.88 3.55
CA ARG B 274 11.11 21.26 3.39
C ARG B 274 10.64 20.98 1.98
N HIS B 275 11.11 19.88 1.40
CA HIS B 275 10.88 19.57 0.00
C HIS B 275 9.80 18.50 -0.13
N TRP B 276 8.75 18.82 -0.87
CA TRP B 276 7.66 17.91 -1.15
C TRP B 276 7.65 17.61 -2.64
N ASN B 277 7.46 16.34 -2.99
CA ASN B 277 7.47 15.93 -4.43
C ASN B 277 6.05 16.04 -5.00
N LEU B 278 5.90 15.88 -6.31
CA LEU B 278 4.54 15.91 -6.93
C LEU B 278 3.65 14.98 -6.11
N ASN B 279 4.05 13.71 -5.95
CA ASN B 279 3.28 12.80 -5.06
C ASN B 279 3.50 13.30 -3.64
N GLY B 280 2.44 13.70 -2.94
CA GLY B 280 2.61 14.31 -1.63
C GLY B 280 3.36 13.42 -0.65
N SER B 281 4.63 13.76 -0.41
CA SER B 281 5.53 13.02 0.45
C SER B 281 6.73 13.91 0.73
N THR B 282 7.34 13.74 1.91
CA THR B 282 8.59 14.38 2.23
C THR B 282 9.61 13.34 2.66
N TYR B 283 10.88 13.60 2.37
CA TYR B 283 11.98 12.77 2.84
C TYR B 283 12.79 13.62 3.79
N GLY B 284 12.36 13.70 5.03
CA GLY B 284 13.03 14.54 6.00
C GLY B 284 12.04 15.10 7.02
N TRP B 285 12.60 15.89 7.92
CA TRP B 285 11.95 16.49 9.08
C TRP B 285 11.37 17.85 8.65
N SER B 286 11.02 18.70 9.63
CA SER B 286 10.77 20.14 9.47
C SER B 286 9.59 20.45 8.55
N SER B 287 8.38 20.25 9.12
CA SER B 287 7.07 20.72 8.64
C SER B 287 7.12 22.18 8.18
N PRO B 288 6.40 22.57 7.08
CA PRO B 288 6.62 23.88 6.42
C PRO B 288 5.97 25.08 7.11
N ARG B 289 6.66 25.57 8.14
CA ARG B 289 6.26 26.71 8.96
C ARG B 289 7.46 27.18 9.76
N PHE B 290 7.76 28.48 9.70
CA PHE B 290 8.88 29.04 10.49
C PHE B 290 8.40 29.34 11.91
N ALA B 291 8.47 28.34 12.79
CA ALA B 291 7.98 28.53 14.19
C ALA B 291 9.15 28.74 15.13
N ASP B 292 9.71 27.64 15.67
CA ASP B 292 10.88 27.73 16.60
C ASP B 292 11.59 26.37 16.67
N ILE B 293 12.76 26.33 17.30
CA ILE B 293 13.52 25.05 17.45
C ILE B 293 13.57 24.69 18.93
N ASP B 294 13.09 23.49 19.30
CA ASP B 294 13.06 23.10 20.70
C ASP B 294 13.49 21.65 20.84
N HIS B 295 14.32 21.38 21.83
CA HIS B 295 14.77 20.02 22.16
C HIS B 295 14.79 19.93 23.69
N ARG B 296 14.71 18.72 24.22
CA ARG B 296 14.72 18.48 25.66
C ARG B 296 15.92 17.67 26.12
N ARG B 297 16.34 16.68 25.36
CA ARG B 297 17.47 15.82 25.73
C ARG B 297 18.69 16.21 24.91
N GLY B 298 19.83 16.36 25.59
CA GLY B 298 21.07 16.75 24.96
C GLY B 298 22.00 17.37 25.99
N SER B 299 23.31 17.22 25.83
CA SER B 299 24.22 17.63 26.88
C SER B 299 24.87 18.96 26.57
N ALA B 300 25.15 19.72 27.62
CA ALA B 300 25.81 21.01 27.56
C ALA B 300 27.16 20.95 28.28
N SER B 301 28.15 21.62 27.71
CA SER B 301 29.51 21.63 28.24
C SER B 301 30.20 22.92 27.80
N TYR B 302 31.34 23.20 28.42
CA TYR B 302 32.08 24.43 28.17
C TYR B 302 33.57 24.12 28.29
N PRO B 303 34.42 24.79 27.53
CA PRO B 303 35.86 24.66 27.76
C PRO B 303 36.35 25.66 28.80
N GLY B 304 37.55 25.41 29.29
CA GLY B 304 38.18 26.31 30.25
C GLY B 304 37.88 25.95 31.69
N ASN B 305 38.85 26.26 32.56
CA ASN B 305 38.69 25.98 33.98
C ASN B 305 37.84 27.02 34.69
N ASN B 306 37.67 28.20 34.09
CA ASN B 306 36.86 29.27 34.67
C ASN B 306 35.50 29.32 33.98
N ALA B 307 34.44 29.44 34.77
CA ALA B 307 33.08 29.53 34.23
C ALA B 307 32.65 30.99 34.03
N THR B 308 33.44 31.73 33.26
CA THR B 308 33.20 33.15 33.02
C THR B 308 33.83 33.50 31.67
N ASN B 309 33.03 34.13 30.79
CA ASN B 309 33.40 34.51 29.42
C ASN B 309 33.83 33.30 28.60
N VAL B 310 32.91 32.35 28.47
CA VAL B 310 33.18 31.10 27.76
C VAL B 310 32.25 30.98 26.56
N LEU B 311 32.33 29.85 25.85
CA LEU B 311 31.40 29.59 24.72
C LEU B 311 30.67 28.28 25.02
N GLN B 312 29.35 28.33 25.24
CA GLN B 312 28.58 27.11 25.60
C GLN B 312 28.67 26.09 24.45
N PHE B 313 28.58 24.79 24.78
CA PHE B 313 28.69 23.73 23.75
C PHE B 313 27.61 22.69 23.97
N TRP B 314 26.60 22.66 23.11
CA TRP B 314 25.50 21.71 23.23
C TRP B 314 25.60 20.70 22.10
N TYR B 315 25.37 19.42 22.43
CA TYR B 315 25.21 18.43 21.38
C TYR B 315 24.21 17.36 21.78
N ALA B 316 23.57 16.79 20.78
CA ALA B 316 22.74 15.60 20.94
C ALA B 316 22.95 14.72 19.72
N ASN B 317 22.56 13.45 19.81
CA ASN B 317 22.75 12.53 18.70
C ASN B 317 21.58 12.60 17.74
N ALA B 318 21.85 12.23 16.48
CA ALA B 318 20.80 12.24 15.46
C ALA B 318 19.88 11.05 15.67
N GLY B 319 18.72 11.29 16.27
CA GLY B 319 17.78 10.23 16.60
C GLY B 319 17.07 10.41 17.93
N SER B 320 17.39 11.45 18.71
CA SER B 320 16.76 11.68 19.99
C SER B 320 15.57 12.64 19.89
N ALA B 321 15.13 12.96 18.67
CA ALA B 321 13.95 13.81 18.48
C ALA B 321 12.70 12.94 18.55
N ILE B 322 12.32 12.60 19.78
CA ILE B 322 11.14 11.77 20.01
C ILE B 322 9.87 12.57 19.76
N ASP B 323 9.89 13.87 20.09
CA ASP B 323 8.72 14.72 19.94
C ASP B 323 8.44 15.10 18.49
N ASN B 324 9.38 14.88 17.58
CA ASN B 324 9.17 15.13 16.17
C ASN B 324 8.28 14.04 15.60
N PRO B 325 7.10 14.37 15.05
CA PRO B 325 6.22 13.34 14.50
C PRO B 325 6.48 12.96 13.05
N ILE B 326 7.41 13.64 12.38
CA ILE B 326 7.67 13.35 10.97
C ILE B 326 8.80 12.33 10.83
N SER B 327 9.99 12.67 11.33
CA SER B 327 11.11 11.76 11.36
C SER B 327 11.95 12.06 12.59
N GLN B 328 12.69 11.05 13.03
CA GLN B 328 13.39 11.13 14.30
C GLN B 328 14.76 11.78 14.21
N VAL B 329 15.28 12.04 13.00
CA VAL B 329 16.71 12.30 12.84
C VAL B 329 17.12 13.72 13.22
N ALA B 330 16.16 14.64 13.38
CA ALA B 330 16.49 16.02 13.72
C ALA B 330 15.31 16.65 14.43
N PRO B 331 15.51 17.64 15.30
CA PRO B 331 14.37 18.38 15.84
C PRO B 331 13.73 19.27 14.78
N ASP B 332 12.49 19.69 15.05
CA ASP B 332 11.72 20.45 14.08
C ASP B 332 12.25 21.87 13.94
N GLY B 333 12.63 22.24 12.73
CA GLY B 333 13.18 23.55 12.46
C GLY B 333 14.69 23.63 12.51
N PHE B 334 15.38 22.52 12.75
CA PHE B 334 16.83 22.53 12.80
C PHE B 334 17.40 22.64 11.40
N PRO B 335 18.29 23.59 11.13
CA PRO B 335 18.72 23.83 9.74
C PRO B 335 19.67 22.77 9.22
N ASP B 336 19.65 22.60 7.90
CA ASP B 336 20.44 21.57 7.22
C ASP B 336 21.77 22.13 6.73
N MET B 337 22.49 22.78 7.64
CA MET B 337 23.79 23.37 7.35
C MET B 337 24.86 22.55 8.05
N SER B 338 25.87 22.11 7.28
CA SER B 338 27.02 21.43 7.85
C SER B 338 27.83 22.40 8.70
N PHE B 339 28.38 21.91 9.79
CA PHE B 339 29.03 22.80 10.75
C PHE B 339 30.38 23.27 10.25
N VAL B 340 30.61 24.58 10.36
CA VAL B 340 31.91 25.18 10.07
C VAL B 340 32.71 25.23 11.38
N PRO B 341 33.82 24.51 11.49
CA PRO B 341 34.55 24.44 12.77
C PRO B 341 35.38 25.69 13.00
N PHE B 342 35.22 26.29 14.17
CA PHE B 342 35.94 27.51 14.52
C PHE B 342 36.32 27.46 15.99
N ASN B 343 37.30 28.28 16.35
CA ASN B 343 37.83 28.29 17.71
C ASN B 343 38.42 29.67 17.93
N GLY B 344 38.03 30.32 19.03
CA GLY B 344 38.61 31.58 19.42
C GLY B 344 37.70 32.77 19.19
N PRO B 345 38.25 33.98 19.26
CA PRO B 345 37.43 35.18 19.05
C PRO B 345 37.09 35.47 17.61
N GLY B 346 37.71 34.77 16.65
CA GLY B 346 37.38 34.95 15.25
C GLY B 346 36.05 34.30 14.93
N ILE B 347 35.09 35.10 14.45
CA ILE B 347 33.77 34.61 14.08
C ILE B 347 33.88 33.78 12.80
N PRO B 348 33.08 32.73 12.62
CA PRO B 348 33.25 31.85 11.46
C PRO B 348 32.76 32.48 10.17
N ALA B 349 33.15 31.83 9.07
CA ALA B 349 32.73 32.23 7.73
C ALA B 349 31.43 31.53 7.38
N ALA B 350 30.38 32.34 7.18
CA ALA B 350 28.99 31.96 6.95
C ALA B 350 28.43 31.05 8.05
N GLY B 351 27.37 30.31 7.75
CA GLY B 351 26.72 29.47 8.72
C GLY B 351 25.35 30.00 9.12
N TRP B 352 24.73 29.28 10.04
CA TRP B 352 23.37 29.57 10.51
C TRP B 352 23.44 29.89 11.99
N VAL B 353 23.40 31.18 12.32
CA VAL B 353 23.30 31.64 13.70
C VAL B 353 21.87 32.07 13.95
N GLY B 354 21.54 32.18 15.24
CA GLY B 354 20.20 32.56 15.64
C GLY B 354 20.18 32.98 17.09
N PHE B 355 19.30 33.93 17.40
CA PHE B 355 19.17 34.44 18.76
C PHE B 355 18.41 33.42 19.60
N GLY B 356 19.06 32.88 20.62
CA GLY B 356 18.42 31.83 21.40
C GLY B 356 18.94 31.71 22.82
N ALA B 357 18.53 30.63 23.49
CA ALA B 357 18.88 30.43 24.89
C ALA B 357 18.91 28.94 25.20
N ILE B 358 19.40 28.62 26.39
CA ILE B 358 19.48 27.26 26.91
C ILE B 358 18.35 27.10 27.93
N TRP B 359 17.90 25.87 28.16
CA TRP B 359 16.94 25.60 29.22
C TRP B 359 17.08 24.17 29.71
N ASN B 360 16.77 23.97 30.99
CA ASN B 360 16.86 22.69 31.68
C ASN B 360 15.52 21.98 31.72
N SER B 361 15.56 20.66 31.92
CA SER B 361 14.35 19.85 31.90
C SER B 361 13.70 19.83 33.29
N ASN B 362 12.76 18.90 33.48
CA ASN B 362 11.97 18.69 34.70
C ASN B 362 11.19 19.94 35.11
N SER B 363 10.22 20.31 34.28
CA SER B 363 9.42 21.54 34.53
C SER B 363 10.39 22.71 34.81
N GLY B 364 11.34 22.96 33.90
CA GLY B 364 12.34 24.02 34.13
C GLY B 364 12.17 25.18 33.17
N ALA B 365 12.27 26.41 33.68
CA ALA B 365 12.19 27.62 32.83
C ALA B 365 13.59 27.96 32.30
N PRO B 366 13.77 28.84 31.29
CA PRO B 366 15.10 29.08 30.73
C PRO B 366 15.92 29.98 31.64
N ASN B 367 17.24 29.83 31.53
CA ASN B 367 18.15 30.54 32.43
C ASN B 367 18.29 31.99 31.98
N VAL B 368 18.29 32.91 32.95
CA VAL B 368 18.25 34.34 32.68
C VAL B 368 19.58 34.82 32.10
N THR B 369 20.69 34.36 32.66
CA THR B 369 21.99 34.96 32.39
C THR B 369 22.66 34.42 31.12
N THR B 370 22.03 33.50 30.40
CA THR B 370 22.58 33.00 29.13
C THR B 370 21.54 33.06 28.00
N VAL B 371 21.50 34.21 27.32
CA VAL B 371 20.75 34.39 26.07
C VAL B 371 21.73 35.00 25.08
N GLN B 372 21.98 34.31 23.97
CA GLN B 372 23.03 34.72 23.05
C GLN B 372 22.73 34.21 21.66
N ALA B 373 23.50 34.68 20.68
CA ALA B 373 23.44 34.17 19.33
C ALA B 373 24.26 32.88 19.25
N TYR B 374 23.60 31.79 18.88
CA TYR B 374 24.22 30.48 18.75
C TYR B 374 24.20 30.06 17.29
N GLU B 375 25.31 29.49 16.83
CA GLU B 375 25.36 28.87 15.51
C GLU B 375 25.09 27.38 15.66
N LEU B 376 24.23 26.87 14.77
CA LEU B 376 23.79 25.48 14.82
C LEU B 376 24.37 24.72 13.63
N GLY B 377 24.46 23.39 13.77
CA GLY B 377 24.96 22.60 12.67
C GLY B 377 25.00 21.13 13.00
N PHE B 378 25.56 20.36 12.06
CA PHE B 378 25.78 18.92 12.21
C PHE B 378 27.28 18.65 12.23
N ALA B 379 27.76 17.95 13.26
CA ALA B 379 29.17 17.68 13.42
C ALA B 379 29.40 16.18 13.57
N THR B 380 30.67 15.81 13.59
CA THR B 380 31.11 14.44 13.83
C THR B 380 32.34 14.49 14.73
N GLY B 381 32.33 13.67 15.78
CA GLY B 381 33.44 13.62 16.70
C GLY B 381 33.43 14.69 17.77
N ALA B 382 32.26 15.22 18.12
CA ALA B 382 32.15 16.16 19.21
C ALA B 382 32.36 15.46 20.55
N PRO B 383 32.98 16.13 21.55
CA PRO B 383 33.50 17.50 21.60
C PRO B 383 34.99 17.63 21.28
N GLY B 384 35.57 16.66 20.55
CA GLY B 384 36.96 16.74 20.19
C GLY B 384 37.19 17.47 18.88
N ASN B 385 37.74 16.78 17.89
CA ASN B 385 37.97 17.36 16.58
C ASN B 385 36.64 17.46 15.83
N LEU B 386 36.07 18.66 15.79
CA LEU B 386 34.78 18.87 15.14
C LEU B 386 34.96 18.96 13.63
N GLN B 387 34.24 18.09 12.91
CA GLN B 387 34.34 18.01 11.46
C GLN B 387 32.98 18.28 10.83
N PRO B 388 32.94 18.88 9.64
CA PRO B 388 31.67 19.02 8.93
C PRO B 388 31.13 17.69 8.45
N THR B 389 29.81 17.61 8.32
CA THR B 389 29.12 16.36 8.02
C THR B 389 28.30 16.50 6.74
N THR B 390 28.38 15.49 5.88
CA THR B 390 27.68 15.50 4.60
C THR B 390 26.37 14.70 4.64
N ASN B 391 26.40 13.50 5.20
CA ASN B 391 25.23 12.64 5.29
C ASN B 391 24.60 12.77 6.67
N THR B 392 23.26 12.67 6.72
CA THR B 392 22.56 12.84 7.98
C THR B 392 22.71 11.62 8.88
N SER B 393 22.82 10.43 8.28
CA SER B 393 22.92 9.19 9.04
C SER B 393 24.29 9.05 9.69
N GLY B 394 24.28 8.57 10.94
CA GLY B 394 25.51 8.41 11.70
C GLY B 394 26.17 9.71 12.11
N SER B 395 25.39 10.71 12.51
CA SER B 395 25.89 12.03 12.86
C SER B 395 25.31 12.47 14.20
N GLN B 396 25.55 13.75 14.53
CA GLN B 396 25.07 14.33 15.77
C GLN B 396 24.90 15.82 15.57
N THR B 397 23.84 16.38 16.15
CA THR B 397 23.54 17.80 16.04
C THR B 397 24.27 18.57 17.14
N VAL B 398 24.69 19.79 16.80
CA VAL B 398 25.60 20.57 17.63
C VAL B 398 25.19 22.04 17.55
N ALA B 399 25.48 22.77 18.62
CA ALA B 399 25.15 24.20 18.71
C ALA B 399 26.12 24.88 19.66
N LYS B 400 26.72 25.99 19.22
CA LYS B 400 27.59 26.73 20.12
C LYS B 400 27.54 28.23 19.86
N SER B 401 27.81 28.99 20.91
CA SER B 401 27.72 30.44 20.87
C SER B 401 28.87 31.05 20.08
N ILE B 402 28.59 32.17 19.42
CA ILE B 402 29.62 32.90 18.70
C ILE B 402 30.17 34.08 19.51
N TYR B 403 29.48 34.50 20.57
CA TYR B 403 29.89 35.60 21.41
C TYR B 403 30.18 35.10 22.82
N ALA B 404 30.40 36.03 23.74
CA ALA B 404 30.81 35.70 25.11
C ALA B 404 29.61 35.78 26.06
N VAL B 405 29.50 34.78 26.92
CA VAL B 405 28.49 34.72 27.98
C VAL B 405 29.18 34.27 29.26
N VAL B 406 28.90 34.97 30.36
CA VAL B 406 29.64 34.83 31.62
C VAL B 406 29.25 33.61 32.44
N THR B 407 28.36 32.76 31.93
CA THR B 407 27.89 31.62 32.70
C THR B 407 27.83 30.38 31.79
N GLY B 408 28.00 29.22 32.40
CA GLY B 408 27.80 27.96 31.69
C GLY B 408 27.19 26.91 32.59
N THR B 409 26.27 26.12 32.04
CA THR B 409 25.66 25.00 32.75
C THR B 409 26.18 23.69 32.20
N ALA B 410 26.19 22.65 33.04
CA ALA B 410 26.78 21.38 32.65
C ALA B 410 25.89 20.19 33.02
N GLN B 411 24.57 20.38 33.09
CA GLN B 411 23.67 19.26 33.36
C GLN B 411 23.54 18.37 32.14
N ASN B 412 23.42 17.06 32.38
CA ASN B 412 23.18 16.12 31.29
C ASN B 412 21.84 16.29 30.58
N PRO B 413 20.66 16.52 31.26
CA PRO B 413 19.49 16.93 30.47
C PRO B 413 19.44 18.43 30.25
N ALA B 414 19.51 18.85 28.99
CA ALA B 414 19.48 20.25 28.61
C ALA B 414 18.94 20.36 27.18
N GLY B 415 18.46 21.55 26.83
CA GLY B 415 17.89 21.77 25.52
C GLY B 415 18.02 23.21 25.08
N LEU B 416 17.72 23.42 23.80
CA LEU B 416 17.77 24.73 23.16
C LEU B 416 16.40 25.38 23.08
N PHE B 417 16.43 26.70 22.86
CA PHE B 417 15.28 27.43 22.35
C PHE B 417 15.84 28.48 21.39
N VAL B 418 15.71 28.21 20.09
CA VAL B 418 16.25 29.05 19.04
C VAL B 418 15.10 29.53 18.17
N MET B 419 15.13 30.84 17.88
CA MET B 419 14.12 31.42 16.96
C MET B 419 14.31 30.72 15.62
N ALA B 420 13.25 30.66 14.82
CA ALA B 420 13.34 29.88 13.59
C ALA B 420 13.94 30.66 12.43
N SER B 421 13.79 31.98 12.42
CA SER B 421 14.42 32.80 11.41
C SER B 421 15.91 32.90 11.65
N GLY B 422 16.70 32.88 10.57
CA GLY B 422 18.14 32.81 10.69
C GLY B 422 18.84 33.80 9.79
N VAL B 423 20.10 34.07 10.16
CA VAL B 423 20.98 34.99 9.44
C VAL B 423 22.34 34.32 9.27
N ILE B 424 23.24 35.03 8.59
CA ILE B 424 24.55 34.50 8.21
C ILE B 424 25.64 35.36 8.82
N SER B 425 26.56 34.72 9.55
CA SER B 425 27.63 35.40 10.26
C SER B 425 28.85 35.54 9.36
N THR B 426 29.19 36.78 9.00
CA THR B 426 30.29 37.06 8.09
C THR B 426 31.36 37.89 8.78
N PRO B 427 32.66 37.51 8.67
CA PRO B 427 33.72 38.22 9.42
C PRO B 427 34.02 39.65 8.96
N SER B 428 34.27 39.83 7.67
CA SER B 428 34.59 41.15 7.13
C SER B 428 33.46 41.74 6.29
N ALA B 429 32.74 40.87 5.58
CA ALA B 429 31.43 41.14 4.95
C ALA B 429 31.51 42.23 3.88
N ASN B 430 32.11 41.87 2.74
CA ASN B 430 32.15 42.81 1.58
C ASN B 430 31.22 42.27 0.49
N ALA B 431 31.73 41.41 -0.41
CA ALA B 431 30.89 40.77 -1.45
C ALA B 431 30.57 39.34 -1.02
N ILE B 432 31.61 38.58 -0.65
CA ILE B 432 31.42 37.18 -0.10
C ILE B 432 30.94 36.18 -1.16
N THR B 433 29.87 35.42 -0.88
CA THR B 433 29.40 34.33 -1.73
C THR B 433 28.01 34.00 -1.20
N TYR B 434 27.08 33.68 -2.11
CA TYR B 434 25.75 33.21 -1.74
C TYR B 434 25.81 31.96 -0.87
N THR B 435 24.98 31.92 0.17
CA THR B 435 24.94 30.83 1.12
C THR B 435 23.56 30.18 1.15
N PRO B 436 23.47 28.86 1.29
CA PRO B 436 24.55 27.85 1.30
C PRO B 436 24.96 27.43 -0.10
N GLN B 437 26.19 26.94 -0.24
CA GLN B 437 26.69 26.41 -1.48
C GLN B 437 26.14 25.01 -1.72
N PRO B 438 26.18 24.51 -2.97
CA PRO B 438 25.77 23.11 -3.21
C PRO B 438 26.65 22.05 -2.55
N ASP B 439 27.88 22.39 -2.15
CA ASP B 439 28.75 21.46 -1.45
C ASP B 439 28.56 21.50 0.06
N ARG B 440 27.55 22.23 0.56
CA ARG B 440 27.37 22.45 1.98
C ARG B 440 26.00 22.03 2.50
N ILE B 441 25.14 21.47 1.65
CA ILE B 441 23.79 21.08 2.04
C ILE B 441 23.80 19.61 2.42
N VAL B 442 23.35 19.30 3.64
CA VAL B 442 23.31 17.92 4.11
C VAL B 442 22.12 17.21 3.47
N THR B 443 22.23 15.89 3.35
CA THR B 443 21.22 15.08 2.68
C THR B 443 20.94 13.83 3.50
N THR B 444 19.65 13.49 3.62
CA THR B 444 19.25 12.20 4.15
C THR B 444 19.55 11.11 3.11
N PRO B 445 19.78 9.86 3.54
CA PRO B 445 19.94 8.77 2.57
C PRO B 445 18.64 8.49 1.82
N GLY B 446 18.79 8.09 0.56
CA GLY B 446 17.66 7.86 -0.30
C GLY B 446 17.04 9.11 -0.88
N THR B 447 17.83 10.16 -1.07
CA THR B 447 17.28 11.40 -1.62
C THR B 447 17.34 11.38 -3.15
N PRO B 448 16.39 11.99 -3.85
CA PRO B 448 16.58 12.21 -5.29
C PRO B 448 17.49 13.40 -5.54
N ALA B 449 18.30 13.29 -6.59
CA ALA B 449 19.31 14.27 -6.91
C ALA B 449 18.96 14.99 -8.21
N ALA B 450 19.04 16.32 -8.19
CA ALA B 450 18.80 17.10 -9.39
C ALA B 450 19.98 17.01 -10.33
N ALA B 451 19.71 16.76 -11.60
CA ALA B 451 20.74 16.63 -12.60
C ALA B 451 20.42 17.50 -13.81
N PRO B 452 21.43 18.11 -14.44
CA PRO B 452 21.18 18.91 -15.65
C PRO B 452 20.88 18.00 -16.84
N VAL B 453 19.68 18.15 -17.40
CA VAL B 453 19.24 17.37 -18.55
C VAL B 453 19.26 18.28 -19.76
N GLY B 454 20.15 17.98 -20.71
CA GLY B 454 20.29 18.81 -21.90
C GLY B 454 20.94 20.14 -21.56
N LYS B 455 20.32 21.22 -22.04
CA LYS B 455 20.76 22.57 -21.71
C LYS B 455 20.05 23.14 -20.49
N ASN B 456 19.11 22.39 -19.91
CA ASN B 456 18.38 22.87 -18.75
C ASN B 456 19.14 22.56 -17.47
N THR B 457 19.37 23.60 -16.66
CA THR B 457 20.06 23.51 -15.39
C THR B 457 19.08 23.77 -14.25
N PRO B 458 19.29 23.16 -13.09
CA PRO B 458 18.46 23.50 -11.93
C PRO B 458 18.77 24.90 -11.42
N ILE B 459 17.74 25.56 -10.91
CA ILE B 459 17.84 26.92 -10.42
C ILE B 459 17.44 26.94 -8.95
N MET B 460 17.73 28.06 -8.29
CA MET B 460 17.57 28.14 -6.84
C MET B 460 17.35 29.60 -6.47
N PHE B 461 16.36 29.85 -5.59
CA PHE B 461 15.79 31.18 -5.41
C PHE B 461 16.52 31.94 -4.31
N ALA B 462 16.98 33.14 -4.63
CA ALA B 462 17.73 33.96 -3.69
C ALA B 462 16.81 34.97 -2.99
N SER B 463 17.32 35.52 -1.89
CA SER B 463 16.62 36.51 -1.09
C SER B 463 17.66 37.32 -0.34
N VAL B 464 17.24 38.46 0.18
CA VAL B 464 18.13 39.30 0.98
C VAL B 464 18.00 38.92 2.45
N VAL B 465 19.16 38.68 3.09
CA VAL B 465 19.23 38.22 4.47
C VAL B 465 20.29 39.08 5.16
N ARG B 466 19.96 39.52 6.38
CA ARG B 466 20.85 40.32 7.22
C ARG B 466 22.09 39.51 7.62
N ARG B 467 23.12 40.24 8.04
CA ARG B 467 24.38 39.63 8.47
C ARG B 467 24.77 40.17 9.83
N THR B 468 25.59 39.40 10.55
CA THR B 468 25.97 39.80 11.90
C THR B 468 27.00 40.91 11.88
N GLY B 469 27.81 40.99 10.82
CA GLY B 469 28.80 42.05 10.74
C GLY B 469 28.20 43.42 10.42
N ASP B 470 27.14 43.44 9.62
CA ASP B 470 26.51 44.69 9.18
C ASP B 470 25.01 44.55 9.34
N VAL B 471 24.41 45.38 10.19
CA VAL B 471 22.96 45.35 10.40
C VAL B 471 22.25 45.87 9.16
N ASN B 472 22.80 46.90 8.52
CA ASN B 472 22.24 47.48 7.30
C ASN B 472 22.66 46.65 6.07
N ALA B 473 21.96 45.55 5.86
CA ALA B 473 22.12 44.73 4.66
C ALA B 473 21.06 45.08 3.62
N THR B 474 21.04 46.35 3.24
CA THR B 474 20.06 46.88 2.32
C THR B 474 20.57 46.80 0.88
N ALA B 475 19.63 46.64 -0.05
CA ALA B 475 19.93 46.56 -1.48
C ALA B 475 20.08 47.97 -2.03
N GLY B 476 21.29 48.51 -1.87
CA GLY B 476 21.60 49.86 -2.34
C GLY B 476 23.08 50.06 -2.45
N SER B 477 23.57 51.20 -1.97
CA SER B 477 24.99 51.48 -1.91
C SER B 477 25.58 50.85 -0.64
N ALA B 478 26.83 51.22 -0.33
CA ALA B 478 27.64 50.69 0.78
C ALA B 478 27.74 49.15 0.71
N ASN B 479 28.53 48.65 -0.26
CA ASN B 479 28.83 47.19 -0.41
C ASN B 479 27.68 46.34 -0.99
N GLY B 480 28.01 45.32 -1.79
CA GLY B 480 26.99 44.41 -2.27
C GLY B 480 26.45 43.51 -1.18
N THR B 481 25.22 43.03 -1.42
CA THR B 481 24.45 42.33 -0.41
C THR B 481 24.78 40.84 -0.39
N GLN B 482 24.32 40.18 0.67
CA GLN B 482 24.42 38.73 0.80
C GLN B 482 23.09 38.11 0.37
N TYR B 483 23.16 37.20 -0.60
CA TYR B 483 21.97 36.54 -1.13
C TYR B 483 21.86 35.15 -0.53
N GLY B 484 20.87 34.96 0.34
CA GLY B 484 20.59 33.66 0.91
C GLY B 484 19.65 32.90 0.00
N THR B 485 19.96 31.63 -0.25
CA THR B 485 19.34 30.87 -1.32
C THR B 485 18.59 29.67 -0.78
N GLY B 486 17.41 29.40 -1.36
CA GLY B 486 16.60 28.28 -0.97
C GLY B 486 16.07 27.54 -2.20
N SER B 487 15.53 26.35 -1.94
CA SER B 487 15.23 25.42 -3.03
C SER B 487 13.94 25.79 -3.77
N GLN B 488 12.83 25.87 -3.07
CA GLN B 488 11.52 26.12 -3.67
C GLN B 488 10.79 27.12 -2.78
N PRO B 489 9.84 27.88 -3.34
CA PRO B 489 9.12 28.85 -2.52
C PRO B 489 8.15 28.21 -1.55
N LEU B 490 7.89 28.95 -0.45
CA LEU B 490 7.02 28.44 0.62
C LEU B 490 5.52 28.43 0.30
N PRO B 491 4.93 29.38 -0.47
CA PRO B 491 3.54 29.14 -0.94
C PRO B 491 3.37 27.91 -1.81
N VAL B 492 4.39 27.55 -2.61
CA VAL B 492 4.35 26.32 -3.39
C VAL B 492 4.34 25.10 -2.47
N THR B 493 5.17 25.12 -1.42
CA THR B 493 5.22 24.01 -0.46
C THR B 493 3.93 23.94 0.36
N ILE B 494 3.35 25.09 0.71
CA ILE B 494 2.09 25.13 1.46
C ILE B 494 0.93 24.60 0.61
N GLY B 495 0.86 25.02 -0.65
CA GLY B 495 -0.19 24.51 -1.53
C GLY B 495 0.03 23.09 -2.04
N LEU B 496 1.25 22.56 -1.92
CA LEU B 496 1.56 21.25 -2.44
C LEU B 496 1.79 20.21 -1.35
N SER B 497 1.78 20.62 -0.08
CA SER B 497 1.85 19.66 1.03
C SER B 497 0.52 18.96 1.29
N LEU B 498 -0.59 19.45 0.74
CA LEU B 498 -1.90 18.83 0.94
C LEU B 498 -2.37 18.06 -0.27
N ASN B 499 -2.34 18.65 -1.46
CA ASN B 499 -2.88 18.01 -2.65
C ASN B 499 -1.92 16.94 -3.17
N ASN B 500 -2.49 15.98 -3.90
CA ASN B 500 -1.73 14.91 -4.54
C ASN B 500 -1.80 15.11 -6.05
N TYR B 501 -0.64 15.10 -6.70
CA TYR B 501 -0.53 15.34 -8.13
C TYR B 501 0.23 14.20 -8.81
N SER B 502 -0.14 12.96 -8.49
CA SER B 502 0.55 11.81 -9.06
C SER B 502 0.15 11.58 -10.51
N SER B 503 -1.08 11.90 -10.88
CA SER B 503 -1.56 11.75 -12.24
C SER B 503 -1.72 13.06 -12.98
N ALA B 504 -1.31 14.18 -12.37
CA ALA B 504 -1.48 15.48 -13.00
C ALA B 504 -0.46 15.70 -14.12
N LEU B 505 0.77 15.24 -13.92
CA LEU B 505 1.84 15.47 -14.88
C LEU B 505 2.51 14.13 -15.19
N MET B 506 2.68 13.85 -16.47
CA MET B 506 3.24 12.57 -16.92
C MET B 506 4.76 12.64 -16.69
N PRO B 507 5.36 11.67 -16.01
CA PRO B 507 6.79 11.76 -15.67
C PRO B 507 7.72 11.69 -16.87
N GLY B 508 8.83 12.42 -16.79
CA GLY B 508 9.70 12.63 -17.92
C GLY B 508 9.53 13.98 -18.59
N GLN B 509 8.47 14.70 -18.26
CA GLN B 509 8.22 16.06 -18.72
C GLN B 509 8.20 17.01 -17.53
N PHE B 510 7.95 18.29 -17.80
CA PHE B 510 7.77 19.27 -16.74
C PHE B 510 6.66 20.24 -17.11
N PHE B 511 6.01 20.79 -16.09
CA PHE B 511 5.00 21.81 -16.27
C PHE B 511 5.68 23.17 -16.41
N VAL B 512 5.62 23.73 -17.63
CA VAL B 512 6.33 24.96 -17.96
C VAL B 512 5.33 26.12 -17.91
N TRP B 513 5.78 27.25 -17.34
CA TRP B 513 5.09 28.51 -17.33
C TRP B 513 5.74 29.47 -18.32
N GLN B 514 5.31 30.72 -18.28
CA GLN B 514 5.85 31.76 -19.15
C GLN B 514 5.90 33.08 -18.37
N LEU B 515 7.08 33.45 -17.91
CA LEU B 515 7.30 34.74 -17.28
C LEU B 515 7.50 35.79 -18.37
N THR B 516 6.91 36.96 -18.18
CA THR B 516 6.99 38.05 -19.16
C THR B 516 7.60 39.27 -18.47
N PHE B 517 8.83 39.60 -18.84
CA PHE B 517 9.52 40.77 -18.30
C PHE B 517 9.19 41.99 -19.15
N ALA B 518 9.88 43.10 -18.89
CA ALA B 518 9.66 44.33 -19.64
C ALA B 518 10.39 44.33 -20.99
N SER B 519 11.33 43.42 -21.20
CA SER B 519 12.08 43.39 -22.45
C SER B 519 12.33 41.96 -22.95
N GLY B 520 11.68 40.95 -22.39
CA GLY B 520 11.92 39.60 -22.83
C GLY B 520 11.00 38.62 -22.14
N PHE B 521 11.37 37.34 -22.21
CA PHE B 521 10.60 36.28 -21.59
C PHE B 521 11.51 35.10 -21.28
N MET B 522 11.15 34.36 -20.23
CA MET B 522 11.92 33.20 -19.80
C MET B 522 10.96 32.11 -19.36
N GLU B 523 11.20 30.89 -19.82
CA GLU B 523 10.36 29.73 -19.51
C GLU B 523 10.97 28.96 -18.35
N ILE B 524 10.14 28.63 -17.35
CA ILE B 524 10.57 27.91 -16.16
C ILE B 524 9.74 26.63 -16.07
N GLY B 525 10.42 25.49 -15.99
CA GLY B 525 9.76 24.20 -15.89
C GLY B 525 9.82 23.65 -14.46
N LEU B 526 8.84 22.84 -14.11
CA LEU B 526 8.74 22.21 -12.79
C LEU B 526 8.61 20.71 -12.97
N SER B 527 9.62 19.97 -12.55
CA SER B 527 9.68 18.53 -12.78
C SER B 527 8.88 17.78 -11.71
N VAL B 528 8.94 16.44 -11.75
CA VAL B 528 8.23 15.62 -10.78
C VAL B 528 8.96 15.49 -9.45
N ASP B 529 10.19 15.99 -9.36
CA ASP B 529 10.96 15.95 -8.12
C ASP B 529 10.71 17.16 -7.23
N GLY B 530 9.99 18.16 -7.73
CA GLY B 530 9.81 19.42 -7.03
C GLY B 530 10.84 20.48 -7.34
N TYR B 531 11.76 20.22 -8.26
CA TYR B 531 12.79 21.17 -8.63
C TYR B 531 12.37 21.98 -9.85
N PHE B 532 13.05 23.09 -10.05
CA PHE B 532 12.76 24.02 -11.14
C PHE B 532 13.92 24.04 -12.12
N TYR B 533 13.59 24.10 -13.41
CA TYR B 533 14.57 24.04 -14.49
C TYR B 533 14.43 25.26 -15.39
N ALA B 534 15.57 25.78 -15.84
CA ALA B 534 15.64 26.88 -16.79
C ALA B 534 16.73 26.62 -17.82
N GLY B 535 16.51 27.10 -19.04
CA GLY B 535 17.47 26.90 -20.11
C GLY B 535 18.48 28.03 -20.26
N THR B 536 19.13 28.41 -19.16
CA THR B 536 20.11 29.48 -19.22
C THR B 536 21.42 29.02 -19.83
N GLY B 537 21.76 27.73 -19.65
CA GLY B 537 23.03 27.23 -20.13
C GLY B 537 24.11 27.23 -19.06
N ALA B 538 25.37 27.32 -19.47
CA ALA B 538 26.49 27.31 -18.54
C ALA B 538 26.85 28.73 -18.10
N SER B 539 25.92 29.32 -17.34
CA SER B 539 26.10 30.66 -16.81
C SER B 539 25.69 30.69 -15.34
N THR B 540 26.40 31.51 -14.56
CA THR B 540 26.10 31.68 -13.14
C THR B 540 25.61 33.10 -12.84
N THR B 541 24.97 33.73 -13.82
CA THR B 541 24.52 35.11 -13.67
C THR B 541 23.17 35.13 -12.94
N LEU B 542 23.09 35.96 -11.90
CA LEU B 542 21.84 36.12 -11.17
C LEU B 542 20.87 36.96 -12.00
N ILE B 543 19.65 36.45 -12.16
CA ILE B 543 18.62 37.13 -12.95
C ILE B 543 17.69 37.86 -12.00
N ASP B 544 17.57 39.17 -12.17
CA ASP B 544 16.85 40.03 -11.22
C ASP B 544 15.36 40.09 -11.60
N LEU B 545 14.50 39.77 -10.63
CA LEU B 545 13.05 39.96 -10.79
C LEU B 545 12.64 41.31 -10.23
N THR B 546 12.88 42.35 -11.04
CA THR B 546 12.39 43.69 -10.78
C THR B 546 11.39 44.16 -11.82
N GLU B 547 11.61 43.80 -13.08
CA GLU B 547 10.76 44.21 -14.19
C GLU B 547 9.77 43.13 -14.62
N LEU B 548 9.59 42.08 -13.82
CA LEU B 548 8.64 41.02 -14.16
C LEU B 548 7.22 41.52 -13.97
N ILE B 549 6.34 41.20 -14.92
CA ILE B 549 5.01 41.79 -14.95
C ILE B 549 3.94 40.74 -14.63
N ASP B 550 3.84 39.70 -15.46
CA ASP B 550 2.76 38.73 -15.31
C ASP B 550 3.25 37.34 -15.68
N VAL B 551 2.53 36.34 -15.19
CA VAL B 551 2.86 34.93 -15.40
C VAL B 551 1.65 34.24 -16.03
N ARG B 552 1.88 33.60 -17.19
CA ARG B 552 0.83 32.87 -17.89
C ARG B 552 1.25 31.41 -18.04
N PRO B 553 0.42 30.45 -17.64
CA PRO B 553 0.82 29.04 -17.72
C PRO B 553 0.78 28.51 -19.14
N VAL B 554 1.65 27.52 -19.41
CA VAL B 554 1.71 26.88 -20.71
C VAL B 554 1.25 25.43 -20.58
N GLY B 555 1.93 24.66 -19.73
CA GLY B 555 1.48 23.30 -19.48
C GLY B 555 2.56 22.24 -19.63
N PRO B 556 2.19 21.03 -20.04
CA PRO B 556 3.18 19.96 -20.15
C PRO B 556 4.03 20.08 -21.41
N ARG B 557 5.34 19.93 -21.22
CA ARG B 557 6.33 19.98 -22.30
C ARG B 557 7.47 19.04 -21.93
N PRO B 558 7.97 18.24 -22.87
CA PRO B 558 8.98 17.21 -22.52
C PRO B 558 10.36 17.81 -22.29
N SER B 559 11.26 16.96 -21.81
CA SER B 559 12.60 17.40 -21.41
C SER B 559 13.53 17.59 -22.60
N LYS B 560 13.17 17.09 -23.78
CA LYS B 560 14.02 17.30 -24.96
C LYS B 560 13.92 18.72 -25.49
N SER B 561 12.80 19.40 -25.23
CA SER B 561 12.63 20.78 -25.67
C SER B 561 13.41 21.72 -24.77
N THR B 562 14.15 22.65 -25.38
CA THR B 562 14.94 23.63 -24.65
C THR B 562 14.11 24.87 -24.39
N LEU B 563 14.11 25.33 -23.14
CA LEU B 563 13.39 26.55 -22.77
C LEU B 563 14.11 27.78 -23.31
N VAL B 564 13.33 28.82 -23.62
CA VAL B 564 13.89 30.02 -24.22
C VAL B 564 14.58 30.87 -23.16
N PHE B 565 15.52 31.70 -23.61
CA PHE B 565 16.27 32.60 -22.75
C PHE B 565 16.42 33.97 -23.40
N ASN B 566 15.31 34.49 -23.94
CA ASN B 566 15.31 35.80 -24.59
C ASN B 566 15.33 36.88 -23.50
N LEU B 567 16.51 37.42 -23.24
CA LEU B 567 16.69 38.44 -22.21
C LEU B 567 17.29 39.69 -22.83
N GLY B 568 16.87 40.85 -22.32
CA GLY B 568 17.35 42.12 -22.81
C GLY B 568 18.73 42.47 -22.29
N ALA C 18 -17.17 -43.00 -47.12
CA ALA C 18 -15.69 -43.28 -47.02
C ALA C 18 -15.20 -42.62 -45.73
N SER C 19 -14.66 -43.41 -44.81
CA SER C 19 -14.47 -42.80 -43.47
C SER C 19 -13.10 -42.56 -42.91
N VAL C 20 -13.08 -41.75 -41.87
CA VAL C 20 -11.92 -41.53 -40.96
C VAL C 20 -12.18 -42.22 -39.62
N PRO C 21 -11.34 -43.18 -39.19
CA PRO C 21 -11.49 -43.85 -37.86
C PRO C 21 -11.33 -42.84 -36.73
N GLY C 22 -12.33 -42.76 -35.85
CA GLY C 22 -12.27 -41.81 -34.72
C GLY C 22 -10.91 -41.84 -34.06
N THR C 23 -10.29 -43.03 -33.98
CA THR C 23 -9.01 -43.17 -33.31
C THR C 23 -8.02 -42.09 -33.75
N THR C 24 -8.02 -41.75 -35.03
CA THR C 24 -7.10 -40.75 -35.56
C THR C 24 -7.84 -39.46 -35.93
N THR C 25 -7.29 -38.33 -35.48
CA THR C 25 -7.90 -37.04 -35.71
C THR C 25 -6.91 -36.11 -36.38
N ASP C 26 -7.41 -35.29 -37.30
CA ASP C 26 -6.62 -34.25 -37.93
C ASP C 26 -6.41 -33.11 -36.95
N GLY C 27 -5.35 -32.32 -37.18
CA GLY C 27 -5.08 -31.16 -36.35
C GLY C 27 -6.09 -30.05 -36.49
N MET C 28 -6.80 -29.99 -37.62
CA MET C 28 -7.88 -29.03 -37.81
C MET C 28 -9.23 -29.58 -37.38
N ASP C 29 -9.29 -30.82 -36.93
CA ASP C 29 -10.55 -31.46 -36.55
C ASP C 29 -10.90 -31.10 -35.11
N PRO C 30 -12.00 -30.39 -34.86
CA PRO C 30 -12.37 -30.09 -33.46
C PRO C 30 -12.92 -31.28 -32.72
N GLY C 31 -13.47 -32.26 -33.41
CA GLY C 31 -14.12 -33.38 -32.74
C GLY C 31 -15.59 -33.10 -32.55
N VAL C 32 -16.09 -33.30 -31.34
CA VAL C 32 -17.47 -32.97 -30.99
C VAL C 32 -17.48 -31.61 -30.32
N VAL C 33 -18.29 -30.69 -30.84
CA VAL C 33 -18.32 -29.31 -30.37
C VAL C 33 -19.34 -29.25 -29.23
N ALA C 34 -18.84 -29.22 -28.00
CA ALA C 34 -19.68 -29.13 -26.82
C ALA C 34 -19.95 -27.66 -26.53
N THR C 35 -21.22 -27.30 -26.48
CA THR C 35 -21.59 -25.92 -26.19
C THR C 35 -21.88 -25.74 -24.71
N THR C 36 -21.83 -24.49 -24.27
CA THR C 36 -22.08 -24.12 -22.90
C THR C 36 -22.98 -22.89 -22.94
N SER C 37 -23.78 -22.68 -21.88
CA SER C 37 -24.74 -21.58 -21.83
C SER C 37 -24.08 -20.21 -21.84
N VAL C 38 -22.80 -20.11 -21.48
CA VAL C 38 -22.11 -18.83 -21.58
C VAL C 38 -21.77 -18.49 -23.03
N VAL C 39 -21.75 -19.47 -23.92
CA VAL C 39 -21.45 -19.27 -25.34
C VAL C 39 -22.77 -19.00 -26.05
N THR C 40 -22.96 -17.75 -26.49
CA THR C 40 -24.19 -17.33 -27.13
C THR C 40 -23.86 -16.50 -28.36
N ALA C 41 -24.90 -16.23 -29.15
CA ALA C 41 -24.73 -15.38 -30.34
C ALA C 41 -24.64 -13.91 -29.97
N GLU C 42 -25.40 -13.48 -28.96
CA GLU C 42 -25.37 -12.08 -28.55
C GLU C 42 -24.03 -11.70 -27.92
N ASN C 43 -23.41 -12.63 -27.20
CA ASN C 43 -22.08 -12.40 -26.65
C ASN C 43 -21.04 -12.21 -27.74
N SER C 44 -21.10 -13.03 -28.79
CA SER C 44 -20.15 -12.89 -29.91
C SER C 44 -20.40 -11.61 -30.69
N SER C 45 -21.67 -11.28 -30.95
CA SER C 45 -22.00 -10.06 -31.69
C SER C 45 -21.59 -8.82 -30.91
N ALA C 46 -21.82 -8.82 -29.59
CA ALA C 46 -21.34 -7.73 -28.76
C ALA C 46 -19.82 -7.67 -28.71
N SER C 47 -19.15 -8.84 -28.73
CA SER C 47 -17.69 -8.86 -28.71
C SER C 47 -17.09 -8.21 -29.95
N ILE C 48 -17.61 -8.53 -31.12
CA ILE C 48 -17.11 -7.88 -32.34
C ILE C 48 -17.51 -6.40 -32.39
N ALA C 49 -18.77 -6.09 -32.04
CA ALA C 49 -19.28 -4.72 -32.18
C ALA C 49 -18.56 -3.76 -31.24
N THR C 50 -18.20 -4.21 -30.05
CA THR C 50 -17.45 -3.38 -29.13
C THR C 50 -15.94 -3.61 -29.17
N ALA C 51 -15.45 -4.58 -29.93
CA ALA C 51 -14.04 -4.64 -30.23
C ALA C 51 -13.67 -3.83 -31.47
N GLY C 52 -14.67 -3.38 -32.23
CA GLY C 52 -14.38 -2.53 -33.38
C GLY C 52 -13.90 -1.12 -33.04
N ILE C 53 -13.92 -0.72 -31.76
CA ILE C 53 -13.45 0.61 -31.39
C ILE C 53 -11.93 0.72 -31.54
N GLY C 54 -11.21 -0.39 -31.43
CA GLY C 54 -9.80 -0.41 -31.72
C GLY C 54 -9.44 -0.41 -33.18
N GLY C 55 -10.41 -0.35 -34.08
CA GLY C 55 -10.15 -0.30 -35.49
C GLY C 55 -10.62 -1.55 -36.19
N PRO C 56 -10.11 -1.80 -37.40
CA PRO C 56 -10.47 -3.04 -38.09
C PRO C 56 -9.81 -4.23 -37.44
N PRO C 57 -10.39 -5.42 -37.56
CA PRO C 57 -9.76 -6.60 -36.98
C PRO C 57 -8.53 -7.02 -37.76
N GLN C 58 -7.45 -7.26 -37.03
CA GLN C 58 -6.19 -7.69 -37.61
C GLN C 58 -5.95 -9.17 -37.31
N GLN C 59 -5.21 -9.82 -38.21
CA GLN C 59 -4.95 -11.27 -38.17
C GLN C 59 -6.25 -12.07 -38.13
N VAL C 60 -7.15 -11.73 -39.05
CA VAL C 60 -8.50 -12.27 -39.07
C VAL C 60 -8.69 -13.21 -40.27
N ASP C 61 -7.64 -13.45 -41.04
CA ASP C 61 -7.71 -14.32 -42.21
C ASP C 61 -7.91 -15.76 -41.74
N GLN C 62 -9.03 -16.36 -42.16
CA GLN C 62 -9.46 -17.64 -41.62
C GLN C 62 -8.75 -18.84 -42.24
N GLN C 63 -7.91 -18.64 -43.24
CA GLN C 63 -7.21 -19.74 -43.89
C GLN C 63 -5.75 -19.84 -43.46
N GLU C 64 -5.36 -19.14 -42.41
CA GLU C 64 -4.00 -19.25 -41.90
C GLU C 64 -3.81 -20.58 -41.18
N THR C 65 -2.54 -21.01 -41.08
CA THR C 65 -2.23 -22.26 -40.42
C THR C 65 -2.36 -22.14 -38.91
N TRP C 66 -2.04 -20.97 -38.34
CA TRP C 66 -2.11 -20.79 -36.90
C TRP C 66 -3.54 -20.62 -36.39
N ARG C 67 -4.49 -20.33 -37.28
CA ARG C 67 -5.86 -20.11 -36.84
C ARG C 67 -6.73 -21.36 -36.96
N THR C 68 -6.33 -22.32 -37.79
CA THR C 68 -7.14 -23.50 -38.03
C THR C 68 -6.69 -24.72 -37.25
N ASN C 69 -5.39 -24.85 -36.98
CA ASN C 69 -4.86 -26.03 -36.32
C ASN C 69 -4.85 -25.86 -34.82
N PHE C 70 -4.93 -26.98 -34.11
CA PHE C 70 -4.86 -27.01 -32.67
C PHE C 70 -3.42 -27.24 -32.24
N TYR C 71 -2.97 -26.48 -31.24
CA TYR C 71 -1.60 -26.56 -30.76
C TYR C 71 -1.59 -26.78 -29.25
N TYR C 72 -0.54 -27.45 -28.78
CA TYR C 72 -0.47 -27.97 -27.42
C TYR C 72 -0.42 -26.86 -26.39
N ASN C 73 -1.23 -27.00 -25.34
CA ASN C 73 -1.30 -26.02 -24.27
C ASN C 73 -0.77 -26.63 -22.99
N ASP C 74 -1.37 -27.72 -22.51
CA ASP C 74 -0.89 -28.41 -21.32
C ASP C 74 -1.43 -29.83 -21.32
N VAL C 75 -0.78 -30.68 -20.52
CA VAL C 75 -1.25 -32.03 -20.25
C VAL C 75 -1.30 -32.17 -18.72
N PHE C 76 -2.16 -33.05 -18.22
CA PHE C 76 -2.32 -33.23 -16.79
C PHE C 76 -2.80 -34.65 -16.50
N THR C 77 -2.56 -35.08 -15.27
CA THR C 77 -2.81 -36.45 -14.86
C THR C 77 -4.08 -36.53 -14.04
N TRP C 78 -4.97 -37.45 -14.42
CA TRP C 78 -6.18 -37.75 -13.69
C TRP C 78 -6.03 -39.15 -13.10
N SER C 79 -6.10 -39.26 -11.79
CA SER C 79 -5.91 -40.53 -11.10
C SER C 79 -7.16 -40.90 -10.32
N VAL C 80 -7.11 -42.09 -9.69
CA VAL C 80 -8.24 -42.56 -8.90
C VAL C 80 -8.23 -42.01 -7.48
N ALA C 81 -7.16 -41.32 -7.09
CA ALA C 81 -7.06 -40.75 -5.75
C ALA C 81 -7.65 -39.35 -5.67
N ASP C 82 -8.17 -38.82 -6.76
CA ASP C 82 -8.76 -37.49 -6.78
C ASP C 82 -10.26 -37.59 -6.51
N ALA C 83 -10.71 -36.89 -5.47
CA ALA C 83 -12.12 -36.88 -5.11
C ALA C 83 -12.91 -36.09 -6.16
N PRO C 84 -14.23 -36.31 -6.25
CA PRO C 84 -15.06 -35.45 -7.09
C PRO C 84 -15.05 -34.00 -6.59
N GLY C 85 -15.05 -33.07 -7.53
CA GLY C 85 -14.90 -31.67 -7.22
C GLY C 85 -13.48 -31.18 -7.11
N SER C 86 -12.49 -32.06 -7.23
CA SER C 86 -11.10 -31.64 -7.16
C SER C 86 -10.64 -31.14 -8.53
N ILE C 87 -10.10 -29.93 -8.54
CA ILE C 87 -9.75 -29.26 -9.80
C ILE C 87 -8.40 -29.78 -10.28
N LEU C 88 -8.38 -30.31 -11.50
CA LEU C 88 -7.15 -30.83 -12.10
C LEU C 88 -6.45 -29.83 -13.00
N TYR C 89 -7.20 -29.04 -13.76
CA TYR C 89 -6.63 -28.16 -14.77
C TYR C 89 -7.32 -26.81 -14.71
N THR C 90 -6.54 -25.74 -14.84
CA THR C 90 -7.06 -24.38 -14.75
C THR C 90 -6.30 -23.51 -15.74
N VAL C 91 -7.02 -22.88 -16.66
CA VAL C 91 -6.41 -21.98 -17.62
C VAL C 91 -7.15 -20.64 -17.59
N GLN C 92 -6.39 -19.57 -17.39
CA GLN C 92 -6.92 -18.21 -17.49
C GLN C 92 -6.96 -17.80 -18.96
N HIS C 93 -7.96 -17.01 -19.31
CA HIS C 93 -8.11 -16.56 -20.69
C HIS C 93 -7.06 -15.52 -21.01
N SER C 94 -6.20 -15.84 -21.98
CA SER C 94 -5.04 -15.03 -22.31
C SER C 94 -4.56 -15.45 -23.69
N PRO C 95 -3.93 -14.55 -24.45
CA PRO C 95 -3.33 -14.98 -25.72
C PRO C 95 -2.00 -15.70 -25.55
N GLN C 96 -1.49 -15.82 -24.33
CA GLN C 96 -0.30 -16.61 -24.07
C GLN C 96 -0.59 -18.11 -23.98
N ASN C 97 -1.87 -18.51 -24.03
CA ASN C 97 -2.20 -19.92 -24.06
C ASN C 97 -1.78 -20.55 -25.38
N ASN C 98 -2.08 -19.90 -26.49
CA ASN C 98 -1.65 -20.34 -27.81
C ASN C 98 -0.22 -19.88 -28.05
N PRO C 99 0.64 -20.71 -28.64
CA PRO C 99 2.01 -20.26 -28.89
C PRO C 99 2.16 -19.32 -30.08
N PHE C 100 1.09 -19.11 -30.86
CA PHE C 100 1.14 -18.22 -32.01
C PHE C 100 0.44 -16.89 -31.78
N THR C 101 -0.55 -16.84 -30.89
CA THR C 101 -1.09 -15.56 -30.48
C THR C 101 -0.20 -14.88 -29.44
N ALA C 102 0.69 -15.62 -28.79
CA ALA C 102 1.67 -15.00 -27.90
C ALA C 102 2.78 -14.33 -28.70
N VAL C 103 2.98 -14.77 -29.94
CA VAL C 103 3.99 -14.18 -30.82
C VAL C 103 3.37 -13.02 -31.61
N LEU C 104 2.07 -13.09 -31.87
CA LEU C 104 1.42 -11.97 -32.53
C LEU C 104 1.07 -10.85 -31.57
N SER C 105 1.13 -11.10 -30.26
CA SER C 105 0.82 -10.07 -29.28
C SER C 105 1.98 -9.12 -29.01
N GLN C 106 3.17 -9.39 -29.55
CA GLN C 106 4.27 -8.46 -29.39
C GLN C 106 4.17 -7.27 -30.32
N MET C 107 3.33 -7.34 -31.35
CA MET C 107 3.20 -6.26 -32.31
C MET C 107 1.80 -5.64 -32.31
N TYR C 108 0.92 -6.05 -31.42
CA TYR C 108 -0.41 -5.49 -31.33
C TYR C 108 -0.66 -5.01 -29.91
N ALA C 109 -1.37 -3.89 -29.80
CA ALA C 109 -1.57 -3.22 -28.52
C ALA C 109 -2.83 -3.67 -27.80
N GLY C 110 -3.56 -4.61 -28.36
CA GLY C 110 -4.75 -5.11 -27.70
C GLY C 110 -5.30 -6.32 -28.41
N TRP C 111 -6.05 -7.12 -27.66
CA TRP C 111 -6.65 -8.33 -28.19
C TRP C 111 -8.07 -8.44 -27.65
N ALA C 112 -8.92 -9.11 -28.43
CA ALA C 112 -10.29 -9.38 -28.01
C ALA C 112 -10.79 -10.59 -28.79
N GLY C 113 -11.63 -11.39 -28.13
CA GLY C 113 -12.25 -12.53 -28.77
C GLY C 113 -12.03 -13.81 -27.99
N GLY C 114 -12.62 -14.88 -28.52
CA GLY C 114 -12.66 -16.16 -27.84
C GLY C 114 -11.50 -17.08 -28.21
N MET C 115 -11.53 -18.27 -27.61
CA MET C 115 -10.51 -19.28 -27.81
C MET C 115 -11.13 -20.65 -27.58
N GLN C 116 -10.76 -21.62 -28.42
CA GLN C 116 -11.29 -22.98 -28.32
C GLN C 116 -10.23 -23.90 -27.72
N PHE C 117 -10.67 -24.77 -26.81
CA PHE C 117 -9.81 -25.71 -26.14
C PHE C 117 -10.25 -27.13 -26.48
N ARG C 118 -9.33 -27.94 -26.99
CA ARG C 118 -9.63 -29.32 -27.37
C ARG C 118 -9.04 -30.27 -26.34
N PHE C 119 -9.86 -31.18 -25.83
CA PHE C 119 -9.45 -32.12 -24.80
C PHE C 119 -9.48 -33.52 -25.37
N ILE C 120 -8.36 -34.23 -25.22
CA ILE C 120 -8.25 -35.63 -25.63
C ILE C 120 -8.00 -36.44 -24.38
N VAL C 121 -8.91 -37.36 -24.07
CA VAL C 121 -8.82 -38.20 -22.89
C VAL C 121 -8.28 -39.56 -23.33
N ALA C 122 -7.09 -39.90 -22.87
CA ALA C 122 -6.42 -41.13 -23.30
C ALA C 122 -6.79 -42.28 -22.37
N GLY C 123 -8.07 -42.65 -22.41
CA GLY C 123 -8.58 -43.79 -21.68
C GLY C 123 -9.08 -44.88 -22.61
N SER C 124 -9.28 -46.05 -22.01
CA SER C 124 -9.79 -47.21 -22.73
C SER C 124 -11.25 -47.41 -22.38
N GLY C 125 -11.85 -48.45 -22.96
CA GLY C 125 -13.24 -48.76 -22.68
C GLY C 125 -13.47 -49.39 -21.32
N VAL C 126 -12.42 -49.88 -20.66
CA VAL C 126 -12.57 -50.52 -19.37
C VAL C 126 -12.54 -49.55 -18.21
N PHE C 127 -12.26 -48.27 -18.46
CA PHE C 127 -12.21 -47.27 -17.42
C PHE C 127 -13.59 -46.69 -17.16
N GLY C 128 -13.71 -45.98 -16.04
CA GLY C 128 -14.97 -45.33 -15.69
C GLY C 128 -14.69 -44.02 -14.98
N GLY C 129 -15.73 -43.22 -14.87
CA GLY C 129 -15.58 -41.89 -14.30
C GLY C 129 -15.64 -40.82 -15.36
N ARG C 130 -15.95 -39.61 -14.92
CA ARG C 130 -16.18 -38.51 -15.86
C ARG C 130 -15.48 -37.24 -15.38
N LEU C 131 -15.10 -36.42 -16.34
CA LEU C 131 -14.62 -35.07 -16.11
C LEU C 131 -15.78 -34.09 -16.24
N VAL C 132 -15.54 -32.86 -15.83
CA VAL C 132 -16.51 -31.79 -16.01
C VAL C 132 -15.74 -30.58 -16.51
N ALA C 133 -16.42 -29.69 -17.23
CA ALA C 133 -15.78 -28.56 -17.87
C ALA C 133 -16.73 -27.38 -17.89
N ALA C 134 -16.36 -26.32 -17.18
CA ALA C 134 -17.20 -25.13 -17.08
C ALA C 134 -16.35 -23.88 -17.20
N VAL C 135 -16.93 -22.84 -17.79
CA VAL C 135 -16.25 -21.57 -17.98
C VAL C 135 -16.66 -20.65 -16.83
N ILE C 136 -15.71 -20.35 -15.95
CA ILE C 136 -15.96 -19.49 -14.80
C ILE C 136 -15.95 -18.04 -15.26
N PRO C 137 -16.98 -17.26 -14.94
CA PRO C 137 -16.96 -15.82 -15.24
C PRO C 137 -15.92 -15.11 -14.39
N PRO C 138 -15.41 -13.96 -14.85
CA PRO C 138 -14.36 -13.27 -14.09
C PRO C 138 -14.88 -12.67 -12.80
N GLY C 139 -13.95 -12.51 -11.85
CA GLY C 139 -14.28 -12.02 -10.53
C GLY C 139 -14.49 -13.08 -9.48
N ILE C 140 -14.42 -14.36 -9.85
CA ILE C 140 -14.66 -15.47 -8.93
C ILE C 140 -13.31 -16.07 -8.55
N GLU C 141 -13.10 -16.28 -7.26
CA GLU C 141 -11.88 -16.90 -6.79
C GLU C 141 -11.83 -18.36 -7.22
N ILE C 142 -10.62 -18.84 -7.53
CA ILE C 142 -10.41 -20.19 -8.04
C ILE C 142 -9.57 -20.94 -7.03
N GLY C 143 -10.02 -22.13 -6.65
CA GLY C 143 -9.31 -22.96 -5.71
C GLY C 143 -10.18 -24.07 -5.18
N PRO C 144 -9.78 -24.68 -4.06
CA PRO C 144 -10.63 -25.68 -3.41
C PRO C 144 -11.90 -25.04 -2.86
N GLY C 145 -12.98 -25.81 -2.87
CA GLY C 145 -14.28 -25.30 -2.48
C GLY C 145 -15.06 -24.66 -3.61
N LEU C 146 -14.46 -24.50 -4.79
CA LEU C 146 -15.17 -23.99 -5.95
C LEU C 146 -15.94 -25.14 -6.58
N GLU C 147 -17.27 -25.03 -6.58
CA GLU C 147 -18.12 -26.10 -7.10
C GLU C 147 -18.28 -25.90 -8.59
N VAL C 148 -17.48 -26.63 -9.39
CA VAL C 148 -17.57 -26.56 -10.83
C VAL C 148 -18.88 -27.16 -11.34
N ARG C 149 -19.38 -28.19 -10.67
CA ARG C 149 -20.55 -28.91 -11.14
C ARG C 149 -21.86 -28.15 -10.98
N GLN C 150 -21.85 -27.00 -10.30
CA GLN C 150 -23.02 -26.15 -10.19
C GLN C 150 -22.98 -24.97 -11.17
N PHE C 151 -21.99 -24.94 -12.05
CA PHE C 151 -21.94 -24.00 -13.17
C PHE C 151 -22.60 -24.61 -14.39
N PRO C 152 -22.89 -23.83 -15.42
CA PRO C 152 -23.17 -24.43 -16.73
C PRO C 152 -21.96 -25.20 -17.23
N HIS C 153 -22.13 -26.51 -17.39
CA HIS C 153 -21.00 -27.41 -17.51
C HIS C 153 -21.28 -28.48 -18.54
N VAL C 154 -20.20 -29.09 -19.03
CA VAL C 154 -20.23 -30.22 -19.94
C VAL C 154 -19.45 -31.35 -19.30
N VAL C 155 -20.06 -32.53 -19.21
CA VAL C 155 -19.37 -33.69 -18.66
C VAL C 155 -18.66 -34.42 -19.81
N ILE C 156 -17.51 -35.01 -19.51
CA ILE C 156 -16.66 -35.68 -20.48
C ILE C 156 -16.29 -37.04 -19.91
N ASP C 157 -16.64 -38.11 -20.61
CA ASP C 157 -16.37 -39.44 -20.11
C ASP C 157 -14.89 -39.79 -20.28
N ALA C 158 -14.41 -40.70 -19.42
CA ALA C 158 -13.04 -41.18 -19.54
C ALA C 158 -12.88 -42.17 -20.67
N ARG C 159 -13.98 -42.74 -21.17
CA ARG C 159 -13.96 -43.65 -22.31
C ARG C 159 -14.24 -42.94 -23.62
N SER C 160 -14.16 -41.62 -23.63
CA SER C 160 -14.40 -40.86 -24.85
C SER C 160 -13.27 -41.06 -25.85
N LEU C 161 -13.64 -41.28 -27.10
CA LEU C 161 -12.67 -41.58 -28.16
C LEU C 161 -12.41 -40.35 -29.02
N GLU C 162 -13.47 -39.74 -29.54
CA GLU C 162 -13.36 -38.47 -30.24
C GLU C 162 -12.99 -37.37 -29.24
N PRO C 163 -12.14 -36.43 -29.63
CA PRO C 163 -11.87 -35.28 -28.77
C PRO C 163 -13.09 -34.40 -28.64
N VAL C 164 -13.23 -33.79 -27.46
CA VAL C 164 -14.31 -32.86 -27.17
C VAL C 164 -13.69 -31.47 -27.09
N THR C 165 -14.38 -30.48 -27.64
CA THR C 165 -13.90 -29.11 -27.62
C THR C 165 -14.98 -28.20 -27.04
N ILE C 166 -14.55 -27.18 -26.33
CA ILE C 166 -15.46 -26.14 -25.85
C ILE C 166 -14.86 -24.80 -26.22
N THR C 167 -15.74 -23.81 -26.43
CA THR C 167 -15.32 -22.46 -26.75
C THR C 167 -15.32 -21.64 -25.49
N MET C 168 -14.22 -20.92 -25.24
CA MET C 168 -14.19 -19.92 -24.19
C MET C 168 -14.70 -18.61 -24.75
N PRO C 169 -15.85 -18.11 -24.32
CA PRO C 169 -16.29 -16.79 -24.75
C PRO C 169 -15.50 -15.71 -24.03
N ASP C 170 -15.39 -14.56 -24.70
CA ASP C 170 -14.64 -13.44 -24.15
C ASP C 170 -15.61 -12.59 -23.33
N LEU C 171 -15.73 -12.95 -22.06
CA LEU C 171 -16.66 -12.31 -21.14
C LEU C 171 -15.90 -11.22 -20.41
N ARG C 172 -15.95 -10.00 -20.94
CA ARG C 172 -15.10 -8.97 -20.39
C ARG C 172 -15.92 -7.77 -19.92
N PRO C 173 -15.46 -7.08 -18.88
CA PRO C 173 -16.05 -5.77 -18.55
C PRO C 173 -15.47 -4.65 -19.41
N ASN C 174 -14.25 -4.85 -19.90
CA ASN C 174 -13.60 -3.86 -20.75
C ASN C 174 -14.11 -3.96 -22.18
N MET C 175 -13.78 -2.95 -22.98
CA MET C 175 -14.08 -3.01 -24.41
C MET C 175 -13.17 -3.99 -25.13
N TYR C 176 -11.87 -3.89 -24.85
CA TYR C 176 -10.85 -4.78 -25.38
C TYR C 176 -9.89 -5.07 -24.25
N HIS C 177 -9.01 -6.03 -24.46
CA HIS C 177 -7.98 -6.30 -23.46
C HIS C 177 -6.66 -5.73 -23.93
N PRO C 178 -6.11 -4.72 -23.26
CA PRO C 178 -4.75 -4.27 -23.58
C PRO C 178 -3.71 -5.33 -23.30
N THR C 179 -2.58 -5.24 -24.00
CA THR C 179 -1.56 -6.29 -23.94
C THR C 179 -0.87 -6.31 -22.57
N GLY C 180 -0.46 -5.14 -22.07
CA GLY C 180 0.22 -5.09 -20.79
C GLY C 180 -0.68 -5.43 -19.62
N ASP C 181 -1.87 -4.83 -19.57
CA ASP C 181 -2.86 -5.11 -18.52
C ASP C 181 -4.11 -5.67 -19.20
N PRO C 182 -4.36 -6.97 -19.10
CA PRO C 182 -5.51 -7.55 -19.82
C PRO C 182 -6.84 -7.28 -19.14
N GLY C 183 -6.81 -7.03 -17.84
CA GLY C 183 -8.03 -6.80 -17.10
C GLY C 183 -8.60 -8.06 -16.48
N LEU C 184 -9.92 -8.17 -16.44
CA LEU C 184 -10.58 -9.35 -15.90
C LEU C 184 -10.95 -10.29 -17.04
N VAL C 185 -10.57 -11.55 -16.90
CA VAL C 185 -10.75 -12.54 -17.96
C VAL C 185 -11.39 -13.79 -17.36
N PRO C 186 -12.17 -14.55 -18.13
CA PRO C 186 -12.75 -15.79 -17.60
C PRO C 186 -11.69 -16.87 -17.40
N THR C 187 -12.06 -17.88 -16.62
CA THR C 187 -11.20 -19.00 -16.30
C THR C 187 -11.91 -20.30 -16.64
N LEU C 188 -11.18 -21.26 -17.17
CA LEU C 188 -11.72 -22.57 -17.55
C LEU C 188 -11.11 -23.62 -16.63
N VAL C 189 -11.96 -24.43 -16.03
CA VAL C 189 -11.52 -25.42 -15.03
C VAL C 189 -12.02 -26.79 -15.46
N LEU C 190 -11.14 -27.79 -15.33
CA LEU C 190 -11.48 -29.18 -15.53
C LEU C 190 -11.33 -29.90 -14.19
N SER C 191 -12.45 -30.23 -13.56
CA SER C 191 -12.42 -30.90 -12.27
C SER C 191 -13.06 -32.26 -12.40
N VAL C 192 -12.83 -33.09 -11.39
CA VAL C 192 -13.33 -34.45 -11.36
C VAL C 192 -14.83 -34.41 -11.13
N TYR C 193 -15.59 -34.85 -12.12
CA TYR C 193 -17.04 -34.94 -11.97
C TYR C 193 -17.43 -36.22 -11.25
N ASN C 194 -16.92 -37.35 -11.73
CA ASN C 194 -17.07 -38.64 -11.10
C ASN C 194 -15.70 -39.24 -10.91
N ASN C 195 -15.53 -39.98 -9.82
CA ASN C 195 -14.24 -40.57 -9.48
C ASN C 195 -13.82 -41.57 -10.54
N LEU C 196 -12.57 -41.42 -11.00
CA LEU C 196 -12.00 -42.37 -11.99
C LEU C 196 -11.94 -43.75 -11.33
N ILE C 197 -12.42 -44.79 -12.01
CA ILE C 197 -12.47 -46.13 -11.34
C ILE C 197 -11.82 -47.21 -12.23
N ASN C 198 -10.66 -47.71 -11.82
CA ASN C 198 -10.04 -48.85 -12.57
C ASN C 198 -10.56 -50.13 -11.91
N PRO C 199 -11.47 -50.89 -12.56
CA PRO C 199 -12.09 -52.05 -11.91
C PRO C 199 -11.10 -53.12 -11.50
N PHE C 200 -9.84 -53.01 -11.94
CA PHE C 200 -8.91 -54.12 -11.86
C PHE C 200 -8.27 -54.17 -10.48
N GLY C 201 -7.72 -53.04 -10.03
CA GLY C 201 -6.95 -52.93 -8.81
C GLY C 201 -5.45 -53.06 -9.03
N GLY C 202 -4.69 -52.04 -8.62
CA GLY C 202 -3.24 -52.10 -8.76
C GLY C 202 -2.63 -50.71 -8.81
N SER C 203 -1.36 -50.68 -9.22
CA SER C 203 -0.57 -49.46 -9.25
C SER C 203 -0.77 -48.66 -10.54
N THR C 204 -1.41 -49.25 -11.55
CA THR C 204 -1.62 -48.61 -12.85
C THR C 204 -2.98 -47.91 -12.88
N SER C 205 -3.13 -46.96 -11.96
CA SER C 205 -4.38 -46.21 -11.81
C SER C 205 -4.08 -44.73 -11.94
N ALA C 206 -4.02 -44.26 -13.20
CA ALA C 206 -3.89 -42.88 -13.61
C ALA C 206 -4.05 -42.83 -15.12
N ILE C 207 -4.73 -41.79 -15.63
CA ILE C 207 -4.77 -41.52 -17.06
C ILE C 207 -4.39 -40.06 -17.25
N GLN C 208 -4.15 -39.70 -18.51
CA GLN C 208 -3.70 -38.36 -18.87
C GLN C 208 -4.63 -37.73 -19.90
N VAL C 209 -4.93 -36.46 -19.70
CA VAL C 209 -5.77 -35.68 -20.61
C VAL C 209 -4.95 -34.52 -21.13
N THR C 210 -4.95 -34.33 -22.45
CA THR C 210 -4.15 -33.31 -23.11
C THR C 210 -5.04 -32.19 -23.62
N VAL C 211 -4.61 -30.95 -23.44
CA VAL C 211 -5.37 -29.78 -23.85
C VAL C 211 -4.65 -29.13 -25.02
N GLU C 212 -5.35 -28.98 -26.14
CA GLU C 212 -4.87 -28.21 -27.26
C GLU C 212 -5.77 -26.98 -27.43
N THR C 213 -5.15 -25.85 -27.72
CA THR C 213 -5.86 -24.58 -27.78
C THR C 213 -5.78 -23.99 -29.19
N ARG C 214 -6.78 -23.18 -29.52
CA ARG C 214 -6.92 -22.58 -30.84
C ARG C 214 -7.78 -21.33 -30.74
N PRO C 215 -7.37 -20.22 -31.36
CA PRO C 215 -8.22 -19.02 -31.35
C PRO C 215 -9.50 -19.23 -32.13
N SER C 216 -10.57 -18.61 -31.65
CA SER C 216 -11.90 -18.83 -32.19
C SER C 216 -12.09 -18.03 -33.48
N GLU C 217 -13.33 -18.03 -33.97
CA GLU C 217 -13.65 -17.28 -35.17
C GLU C 217 -13.81 -15.80 -34.89
N ASP C 218 -14.01 -15.41 -33.64
CA ASP C 218 -14.16 -14.01 -33.27
C ASP C 218 -12.93 -13.45 -32.56
N PHE C 219 -11.83 -14.19 -32.53
CA PHE C 219 -10.58 -13.68 -31.96
C PHE C 219 -9.94 -12.69 -32.93
N GLU C 220 -9.44 -11.58 -32.39
CA GLU C 220 -8.87 -10.53 -33.21
C GLU C 220 -7.93 -9.67 -32.38
N PHE C 221 -6.99 -9.04 -33.08
CA PHE C 221 -6.16 -7.98 -32.51
C PHE C 221 -6.57 -6.64 -33.14
N VAL C 222 -6.57 -5.60 -32.32
CA VAL C 222 -7.26 -4.36 -32.69
C VAL C 222 -6.30 -3.33 -33.30
N MET C 223 -5.30 -2.87 -32.56
CA MET C 223 -4.43 -1.82 -33.06
C MET C 223 -3.00 -2.33 -33.13
N ILE C 224 -2.26 -1.84 -34.11
CA ILE C 224 -0.87 -2.21 -34.23
C ILE C 224 -0.01 -1.26 -33.39
N ARG C 225 1.18 -1.74 -33.02
CA ARG C 225 2.11 -0.94 -32.24
C ARG C 225 3.51 -1.43 -32.54
N ALA C 226 4.48 -0.57 -32.26
CA ALA C 226 5.88 -0.92 -32.51
C ALA C 226 6.34 -1.97 -31.53
N PRO C 227 7.07 -3.00 -31.98
CA PRO C 227 7.63 -3.99 -31.04
C PRO C 227 8.78 -3.45 -30.20
N SER C 228 9.30 -2.26 -30.51
CA SER C 228 10.29 -1.59 -29.66
C SER C 228 9.65 -0.84 -28.50
N SER C 229 8.36 -1.03 -28.26
CA SER C 229 7.64 -0.57 -27.07
C SER C 229 7.91 -1.53 -25.91
N LYS C 230 7.02 -1.53 -24.91
CA LYS C 230 7.11 -2.48 -23.81
C LYS C 230 7.20 -3.92 -24.33
N THR C 231 8.31 -4.57 -24.01
CA THR C 231 8.68 -5.83 -24.65
C THR C 231 8.07 -7.00 -23.90
N VAL C 232 8.50 -8.21 -24.25
CA VAL C 232 8.00 -9.42 -23.61
C VAL C 232 8.56 -9.64 -22.23
N ASP C 233 9.59 -8.90 -21.84
CA ASP C 233 10.12 -8.95 -20.49
C ASP C 233 9.40 -7.97 -19.55
N SER C 234 8.40 -7.25 -20.04
CA SER C 234 7.66 -6.29 -19.24
C SER C 234 6.17 -6.57 -19.16
N ILE C 235 5.63 -7.46 -20.01
CA ILE C 235 4.21 -7.75 -19.98
C ILE C 235 3.91 -9.05 -19.24
N SER C 236 4.85 -9.98 -19.22
CA SER C 236 4.68 -11.26 -18.55
C SER C 236 6.06 -11.77 -18.19
N PRO C 237 6.22 -12.43 -17.04
CA PRO C 237 7.57 -12.93 -16.67
C PRO C 237 7.89 -14.28 -17.28
N ALA C 238 7.59 -14.48 -18.56
CA ALA C 238 7.87 -15.77 -19.19
C ALA C 238 9.34 -15.92 -19.55
N GLY C 239 9.99 -14.84 -19.94
CA GLY C 239 11.39 -14.86 -20.34
C GLY C 239 12.39 -14.75 -19.22
N LEU C 240 11.93 -14.61 -17.97
CA LEU C 240 12.85 -14.55 -16.85
C LEU C 240 13.50 -15.91 -16.59
N LEU C 241 12.71 -16.97 -16.67
CA LEU C 241 13.20 -18.34 -16.54
C LEU C 241 13.21 -18.96 -17.92
N THR C 242 14.40 -19.03 -18.52
CA THR C 242 14.59 -19.68 -19.80
C THR C 242 15.47 -20.92 -19.63
N THR C 243 15.69 -21.63 -20.74
CA THR C 243 16.39 -22.92 -20.68
C THR C 243 17.85 -22.83 -20.24
N PRO C 244 18.72 -21.94 -20.76
CA PRO C 244 20.11 -21.96 -20.28
C PRO C 244 20.30 -21.40 -18.88
N VAL C 245 19.32 -20.68 -18.32
CA VAL C 245 19.49 -20.03 -17.02
C VAL C 245 19.58 -21.08 -15.91
N LEU C 246 18.71 -22.08 -15.95
CA LEU C 246 18.65 -23.07 -14.87
C LEU C 246 19.65 -24.20 -15.03
N THR C 247 20.43 -24.23 -16.11
CA THR C 247 21.37 -25.33 -16.35
C THR C 247 22.80 -24.97 -15.98
N GLY C 248 23.37 -23.95 -16.63
CA GLY C 248 24.76 -23.61 -16.37
C GLY C 248 25.12 -22.15 -16.47
N VAL C 249 24.14 -21.27 -16.63
CA VAL C 249 24.37 -19.84 -16.81
C VAL C 249 23.97 -19.05 -15.59
N GLY C 250 22.74 -19.21 -15.12
CA GLY C 250 22.24 -18.39 -14.04
C GLY C 250 22.86 -18.76 -12.71
N ASN C 251 23.01 -17.74 -11.86
CA ASN C 251 23.57 -17.90 -10.53
C ASN C 251 22.51 -17.54 -9.50
N ASP C 252 22.77 -17.93 -8.26
CA ASP C 252 21.86 -17.53 -7.19
C ASP C 252 22.07 -16.06 -6.84
N ASN C 253 21.18 -15.53 -6.02
CA ASN C 253 21.27 -14.16 -5.54
C ASN C 253 22.05 -14.05 -4.23
N ARG C 254 22.85 -15.06 -3.90
CA ARG C 254 23.61 -15.03 -2.66
C ARG C 254 25.08 -15.37 -2.82
N TRP C 255 25.42 -16.31 -3.72
CA TRP C 255 26.73 -16.94 -3.68
C TRP C 255 27.56 -16.85 -4.96
N ASN C 256 26.95 -16.47 -6.10
CA ASN C 256 27.60 -16.44 -7.42
C ASN C 256 28.18 -17.81 -7.81
N GLY C 257 27.32 -18.81 -7.84
CA GLY C 257 27.73 -20.12 -8.32
C GLY C 257 26.72 -20.69 -9.29
N GLN C 258 27.09 -21.75 -10.01
CA GLN C 258 26.17 -22.39 -10.94
C GLN C 258 25.02 -23.03 -10.19
N ILE C 259 23.78 -22.71 -10.60
CA ILE C 259 22.61 -23.29 -9.97
C ILE C 259 22.50 -24.74 -10.42
N VAL C 260 22.84 -25.66 -9.52
CA VAL C 260 22.87 -27.08 -9.83
C VAL C 260 21.83 -27.87 -9.06
N GLY C 261 20.91 -27.21 -8.34
CA GLY C 261 19.91 -27.96 -7.61
C GLY C 261 18.84 -27.04 -7.05
N LEU C 262 17.74 -27.66 -6.64
CA LEU C 262 16.66 -27.00 -5.94
C LEU C 262 16.52 -27.63 -4.56
N GLN C 263 16.61 -26.80 -3.52
CA GLN C 263 16.50 -27.29 -2.16
C GLN C 263 15.15 -26.87 -1.59
N PRO C 264 14.20 -27.79 -1.41
CA PRO C 264 12.90 -27.41 -0.84
C PRO C 264 13.02 -27.09 0.64
N VAL C 265 12.24 -26.11 1.07
CA VAL C 265 12.18 -25.69 2.46
C VAL C 265 10.79 -26.03 2.98
N PRO C 266 10.65 -27.14 3.73
CA PRO C 266 9.31 -27.51 4.22
C PRO C 266 8.78 -26.60 5.31
N GLY C 267 9.65 -25.93 6.06
CA GLY C 267 9.21 -25.05 7.12
C GLY C 267 9.02 -23.62 6.70
N GLY C 268 9.58 -23.24 5.56
CA GLY C 268 9.46 -21.89 5.06
C GLY C 268 10.64 -21.01 5.48
N PHE C 269 10.81 -19.92 4.75
CA PHE C 269 11.92 -19.01 4.98
C PHE C 269 11.48 -17.58 4.65
N SER C 270 12.42 -16.65 4.76
CA SER C 270 12.16 -15.24 4.47
C SER C 270 13.48 -14.59 4.07
N THR C 271 13.69 -14.40 2.77
CA THR C 271 14.89 -13.75 2.26
C THR C 271 14.58 -12.31 1.91
N CYS C 272 15.36 -11.39 2.47
CA CYS C 272 15.16 -9.96 2.32
C CYS C 272 16.17 -9.31 1.39
N ASN C 273 17.45 -9.62 1.54
CA ASN C 273 18.49 -8.98 0.74
C ASN C 273 18.56 -9.58 -0.65
N ARG C 274 18.69 -8.70 -1.65
CA ARG C 274 18.81 -9.04 -3.08
C ARG C 274 17.64 -9.89 -3.56
N HIS C 275 16.44 -9.58 -3.06
CA HIS C 275 15.22 -10.28 -3.41
C HIS C 275 14.21 -9.27 -3.93
N TRP C 276 13.76 -9.47 -5.16
CA TRP C 276 12.84 -8.55 -5.81
C TRP C 276 11.49 -9.24 -6.00
N ASN C 277 10.42 -8.51 -5.72
CA ASN C 277 9.08 -9.03 -5.94
C ASN C 277 8.64 -8.71 -7.37
N LEU C 278 7.36 -8.94 -7.67
CA LEU C 278 6.83 -8.65 -8.99
C LEU C 278 6.45 -7.19 -9.17
N ASN C 279 6.54 -6.39 -8.12
CA ASN C 279 6.22 -4.97 -8.18
C ASN C 279 7.45 -4.12 -8.49
N GLY C 280 8.58 -4.75 -8.79
CA GLY C 280 9.81 -4.03 -9.07
C GLY C 280 10.41 -3.31 -7.88
N SER C 281 10.35 -3.92 -6.71
CA SER C 281 10.86 -3.32 -5.49
C SER C 281 11.58 -4.37 -4.66
N THR C 282 12.39 -3.91 -3.72
CA THR C 282 13.09 -4.80 -2.81
C THR C 282 13.03 -4.22 -1.40
N TYR C 283 13.25 -5.11 -0.43
CA TYR C 283 13.34 -4.71 0.97
C TYR C 283 14.76 -4.82 1.51
N GLY C 284 15.71 -5.24 0.68
CA GLY C 284 17.08 -5.47 1.10
C GLY C 284 17.93 -4.23 0.98
N TRP C 285 19.23 -4.45 0.81
CA TRP C 285 20.20 -3.36 0.78
C TRP C 285 21.20 -3.51 -0.36
N SER C 286 20.95 -4.43 -1.29
CA SER C 286 21.92 -4.76 -2.33
C SER C 286 21.32 -4.53 -3.71
N SER C 287 22.13 -3.96 -4.59
CA SER C 287 21.82 -3.89 -6.00
C SER C 287 21.85 -5.28 -6.60
N PRO C 288 21.08 -5.54 -7.70
CA PRO C 288 21.04 -6.89 -8.26
C PRO C 288 22.32 -7.32 -8.96
N ARG C 289 23.40 -7.49 -8.19
CA ARG C 289 24.70 -7.87 -8.69
C ARG C 289 25.53 -8.38 -7.54
N PHE C 290 26.77 -8.73 -7.83
CA PHE C 290 27.72 -9.20 -6.85
C PHE C 290 28.93 -8.28 -6.88
N ALA C 291 28.83 -7.18 -6.13
CA ALA C 291 29.87 -6.18 -5.99
C ALA C 291 30.44 -6.24 -4.59
N ASP C 292 31.51 -5.49 -4.37
CA ASP C 292 32.23 -5.50 -3.12
C ASP C 292 31.44 -4.77 -2.03
N ILE C 293 31.83 -5.03 -0.79
CA ILE C 293 31.25 -4.36 0.38
C ILE C 293 32.17 -3.21 0.73
N ASP C 294 31.62 -2.00 0.78
CA ASP C 294 32.39 -0.79 1.04
C ASP C 294 31.62 0.07 2.03
N HIS C 295 32.25 0.37 3.17
CA HIS C 295 31.62 1.21 4.18
C HIS C 295 32.64 2.15 4.78
N ARG C 296 32.23 3.40 4.97
CA ARG C 296 33.03 4.45 5.58
C ARG C 296 32.63 4.59 7.05
N ARG C 297 33.62 4.95 7.89
CA ARG C 297 33.52 5.20 9.34
C ARG C 297 32.81 4.08 10.09
N GLY C 298 33.42 2.90 10.06
CA GLY C 298 33.03 1.79 10.91
C GLY C 298 34.13 1.48 11.92
N SER C 299 33.72 1.31 13.17
CA SER C 299 34.67 1.16 14.26
C SER C 299 35.40 -0.18 14.19
N ALA C 300 36.71 -0.14 14.35
CA ALA C 300 37.56 -1.33 14.34
C ALA C 300 38.41 -1.35 15.60
N SER C 301 38.65 -2.56 16.13
CA SER C 301 39.41 -2.70 17.36
C SER C 301 40.03 -4.10 17.40
N TYR C 302 40.94 -4.28 18.36
CA TYR C 302 41.55 -5.57 18.64
C TYR C 302 41.54 -5.80 20.14
N PRO C 303 41.28 -7.03 20.58
CA PRO C 303 41.23 -7.30 22.03
C PRO C 303 42.61 -7.44 22.63
N GLY C 304 42.67 -7.21 23.95
CA GLY C 304 43.92 -7.30 24.68
C GLY C 304 44.83 -6.12 24.42
N ASN C 305 46.11 -6.31 24.77
CA ASN C 305 47.13 -5.30 24.58
C ASN C 305 48.23 -5.72 23.62
N ASN C 306 48.60 -7.00 23.62
CA ASN C 306 49.60 -7.50 22.68
C ASN C 306 49.02 -7.59 21.29
N ALA C 307 49.87 -7.33 20.29
CA ALA C 307 49.46 -7.30 18.89
C ALA C 307 50.02 -8.44 18.07
N THR C 308 50.22 -9.60 18.71
CA THR C 308 50.74 -10.78 18.04
C THR C 308 49.66 -11.86 18.03
N ASN C 309 49.34 -12.34 16.83
CA ASN C 309 48.31 -13.37 16.58
C ASN C 309 46.95 -12.95 17.15
N VAL C 310 46.60 -11.68 16.93
CA VAL C 310 45.36 -11.10 17.45
C VAL C 310 44.29 -11.29 16.38
N LEU C 311 43.03 -11.21 16.80
CA LEU C 311 41.93 -11.35 15.84
C LEU C 311 41.26 -10.00 15.63
N GLN C 312 41.07 -9.63 14.37
CA GLN C 312 40.60 -8.30 14.01
C GLN C 312 39.09 -8.21 14.15
N PHE C 313 38.62 -7.15 14.82
CA PHE C 313 37.22 -6.94 15.11
C PHE C 313 36.81 -5.63 14.44
N TRP C 314 35.74 -5.67 13.65
CA TRP C 314 35.16 -4.49 13.02
C TRP C 314 33.66 -4.50 13.21
N TYR C 315 33.08 -3.36 13.56
CA TYR C 315 31.64 -3.28 13.74
C TYR C 315 31.15 -1.90 13.35
N ALA C 316 29.88 -1.83 12.92
CA ALA C 316 29.24 -0.58 12.60
C ALA C 316 27.73 -0.76 12.74
N ASN C 317 27.07 0.24 13.31
CA ASN C 317 25.63 0.16 13.56
C ASN C 317 24.86 0.24 12.25
N ALA C 318 23.79 -0.55 12.16
CA ALA C 318 22.93 -0.53 10.99
C ALA C 318 22.11 0.75 10.95
N GLY C 319 21.75 1.17 9.74
CA GLY C 319 21.07 2.43 9.55
C GLY C 319 21.99 3.62 9.40
N SER C 320 23.31 3.43 9.49
CA SER C 320 24.26 4.52 9.38
C SER C 320 25.12 4.44 8.12
N ALA C 321 24.96 3.40 7.32
CA ALA C 321 25.75 3.23 6.09
C ALA C 321 25.08 4.01 4.97
N ILE C 322 25.48 5.27 4.82
CA ILE C 322 24.94 6.12 3.76
C ILE C 322 25.82 5.91 2.54
N ASP C 323 25.54 4.81 1.82
CA ASP C 323 26.26 4.48 0.60
C ASP C 323 25.38 3.97 -0.52
N ASN C 324 24.20 3.43 -0.24
CA ASN C 324 23.33 2.91 -1.27
C ASN C 324 22.23 3.90 -1.60
N PRO C 325 21.77 3.94 -2.86
CA PRO C 325 20.57 4.72 -3.19
C PRO C 325 19.27 4.02 -2.82
N ILE C 326 19.31 2.80 -2.35
CA ILE C 326 18.08 2.04 -2.06
C ILE C 326 17.75 2.03 -0.57
N SER C 327 18.74 1.85 0.30
CA SER C 327 18.51 1.84 1.75
C SER C 327 19.83 2.13 2.45
N GLN C 328 19.72 2.58 3.70
CA GLN C 328 20.89 2.92 4.50
C GLN C 328 21.18 1.88 5.58
N VAL C 329 20.48 0.74 5.54
CA VAL C 329 20.59 -0.24 6.63
C VAL C 329 21.94 -0.94 6.60
N ALA C 330 22.44 -1.27 5.41
CA ALA C 330 23.68 -2.02 5.28
C ALA C 330 24.34 -1.63 3.97
N PRO C 331 25.67 -1.74 3.87
CA PRO C 331 26.33 -1.48 2.58
C PRO C 331 26.01 -2.54 1.55
N ASP C 332 26.35 -2.21 0.30
CA ASP C 332 26.04 -3.08 -0.83
C ASP C 332 26.84 -4.37 -0.79
N GLY C 333 26.17 -5.47 -1.13
CA GLY C 333 26.80 -6.77 -1.11
C GLY C 333 26.93 -7.41 0.24
N PHE C 334 26.28 -6.85 1.27
CA PHE C 334 26.38 -7.42 2.60
C PHE C 334 25.54 -8.69 2.68
N PRO C 335 26.09 -9.80 3.13
CA PRO C 335 25.30 -11.03 3.25
C PRO C 335 24.27 -10.93 4.36
N ASP C 336 23.15 -11.62 4.15
CA ASP C 336 22.08 -11.68 5.16
C ASP C 336 22.27 -12.87 6.10
N MET C 337 23.42 -12.92 6.76
CA MET C 337 23.78 -14.03 7.62
C MET C 337 23.91 -13.57 9.05
N SER C 338 23.44 -14.38 9.99
CA SER C 338 23.70 -14.11 11.39
C SER C 338 25.12 -14.51 11.74
N PHE C 339 25.74 -13.74 12.63
CA PHE C 339 27.10 -14.02 13.09
C PHE C 339 27.08 -15.12 14.13
N VAL C 340 27.73 -16.23 13.81
CA VAL C 340 28.06 -17.23 14.84
C VAL C 340 29.28 -16.76 15.61
N PRO C 341 29.20 -16.65 16.94
CA PRO C 341 30.36 -16.17 17.71
C PRO C 341 31.45 -17.23 17.77
N PHE C 342 32.70 -16.76 17.79
CA PHE C 342 33.86 -17.64 17.85
C PHE C 342 35.04 -16.83 18.35
N ASN C 343 35.85 -17.48 19.20
CA ASN C 343 37.03 -16.84 19.76
C ASN C 343 38.21 -17.79 19.62
N GLY C 344 39.42 -17.22 19.66
CA GLY C 344 40.64 -17.98 19.63
C GLY C 344 40.90 -18.64 18.30
N PRO C 345 41.68 -19.73 18.30
CA PRO C 345 41.99 -20.44 17.05
C PRO C 345 40.93 -21.47 16.68
N GLY C 346 39.69 -21.00 16.53
CA GLY C 346 38.60 -21.89 16.17
C GLY C 346 37.84 -21.44 14.94
N ILE C 347 37.90 -22.25 13.88
CA ILE C 347 37.16 -21.91 12.62
C ILE C 347 35.64 -21.96 12.91
N PRO C 348 34.86 -20.92 12.57
CA PRO C 348 33.37 -20.94 12.74
C PRO C 348 32.73 -21.90 11.75
N ALA C 349 31.39 -22.02 11.79
CA ALA C 349 30.69 -22.98 10.92
C ALA C 349 29.55 -22.30 10.15
N ALA C 350 29.12 -22.90 9.04
CA ALA C 350 28.00 -22.35 8.24
C ALA C 350 27.99 -20.82 8.29
N GLY C 351 29.14 -20.20 7.98
CA GLY C 351 29.23 -18.74 8.01
C GLY C 351 29.74 -18.18 6.70
N TRP C 352 29.37 -16.92 6.45
CA TRP C 352 29.81 -16.22 5.26
C TRP C 352 31.17 -15.58 5.52
N VAL C 353 32.23 -16.18 4.97
CA VAL C 353 33.58 -15.65 5.10
C VAL C 353 34.02 -15.11 3.74
N GLY C 354 34.54 -13.88 3.74
CA GLY C 354 35.07 -13.30 2.53
C GLY C 354 36.42 -12.66 2.80
N PHE C 355 37.19 -12.51 1.73
CA PHE C 355 38.54 -11.95 1.83
C PHE C 355 38.46 -10.43 1.85
N GLY C 356 39.07 -9.82 2.86
CA GLY C 356 38.89 -8.40 3.09
C GLY C 356 40.13 -7.72 3.65
N ALA C 357 39.98 -6.42 3.90
CA ALA C 357 41.03 -5.56 4.42
C ALA C 357 40.38 -4.32 5.04
N ILE C 358 41.19 -3.55 5.76
CA ILE C 358 40.76 -2.33 6.42
C ILE C 358 41.59 -1.17 5.89
N TRP C 359 40.91 -0.10 5.48
CA TRP C 359 41.56 1.09 4.95
C TRP C 359 41.33 2.27 5.88
N ASN C 360 42.28 3.20 5.90
CA ASN C 360 42.11 4.44 6.63
C ASN C 360 41.21 5.37 5.84
N SER C 361 40.22 5.97 6.51
CA SER C 361 39.28 6.84 5.83
C SER C 361 39.88 8.20 5.49
N ASN C 362 40.98 8.58 6.11
CA ASN C 362 41.63 9.84 5.79
C ASN C 362 42.41 9.78 4.49
N SER C 363 42.75 8.59 4.01
CA SER C 363 43.52 8.45 2.77
C SER C 363 42.87 7.51 1.77
N GLY C 364 42.19 6.46 2.24
CA GLY C 364 41.66 5.44 1.36
C GLY C 364 42.61 4.29 1.09
N ALA C 365 43.85 4.38 1.54
CA ALA C 365 44.82 3.31 1.31
C ALA C 365 44.57 2.17 2.29
N PRO C 366 44.43 0.93 1.80
CA PRO C 366 44.28 -0.20 2.72
C PRO C 366 45.58 -0.50 3.46
N ASN C 367 45.44 -1.03 4.67
CA ASN C 367 46.61 -1.40 5.46
C ASN C 367 47.24 -2.67 4.89
N VAL C 368 48.53 -2.83 5.19
CA VAL C 368 49.34 -3.84 4.50
C VAL C 368 49.04 -5.24 5.02
N THR C 369 49.05 -5.43 6.33
CA THR C 369 49.12 -6.77 6.90
C THR C 369 47.76 -7.35 7.30
N THR C 370 46.73 -6.55 7.45
CA THR C 370 45.44 -7.06 7.96
C THR C 370 44.51 -7.45 6.80
N VAL C 371 45.05 -8.29 5.93
CA VAL C 371 44.31 -8.88 4.82
C VAL C 371 44.08 -10.34 5.17
N GLN C 372 42.82 -10.73 5.35
CA GLN C 372 42.47 -12.04 5.84
C GLN C 372 41.10 -12.42 5.30
N ALA C 373 40.63 -13.62 5.65
CA ALA C 373 39.28 -14.07 5.34
C ALA C 373 38.37 -13.64 6.49
N TYR C 374 37.57 -12.61 6.24
CA TYR C 374 36.73 -12.01 7.28
C TYR C 374 35.33 -12.59 7.23
N GLU C 375 34.82 -13.01 8.38
CA GLU C 375 33.42 -13.42 8.49
C GLU C 375 32.55 -12.17 8.50
N LEU C 376 31.49 -12.18 7.71
CA LEU C 376 30.61 -11.03 7.55
C LEU C 376 29.21 -11.41 8.00
N GLY C 377 28.60 -10.58 8.82
CA GLY C 377 27.28 -10.90 9.33
C GLY C 377 26.73 -9.80 10.21
N PHE C 378 25.67 -10.15 10.93
CA PHE C 378 24.98 -9.23 11.83
C PHE C 378 25.08 -9.73 13.25
N ALA C 379 25.29 -8.80 14.19
CA ALA C 379 25.33 -9.11 15.61
C ALA C 379 24.58 -8.04 16.37
N THR C 380 24.32 -8.31 17.66
CA THR C 380 23.59 -7.37 18.51
C THR C 380 24.53 -6.58 19.41
N GLY C 381 25.32 -7.26 20.24
CA GLY C 381 26.21 -6.59 21.16
C GLY C 381 27.67 -6.76 20.82
N ALA C 382 28.31 -5.70 20.34
CA ALA C 382 29.70 -5.74 19.91
C ALA C 382 30.75 -5.71 21.03
N PRO C 383 30.74 -4.78 22.02
CA PRO C 383 31.84 -4.78 22.99
C PRO C 383 31.77 -5.90 24.02
N GLY C 384 30.61 -6.53 24.20
CA GLY C 384 30.51 -7.63 25.15
C GLY C 384 30.43 -8.98 24.48
N ASN C 385 29.48 -9.81 24.92
CA ASN C 385 29.26 -11.12 24.32
C ASN C 385 28.65 -10.98 22.94
N LEU C 386 29.14 -11.78 21.99
CA LEU C 386 28.62 -11.78 20.63
C LEU C 386 27.52 -12.81 20.50
N GLN C 387 26.38 -12.39 19.96
CA GLN C 387 25.24 -13.28 19.78
C GLN C 387 24.66 -13.07 18.38
N PRO C 388 24.06 -14.11 17.80
CA PRO C 388 23.42 -13.93 16.48
C PRO C 388 22.16 -13.12 16.57
N THR C 389 21.72 -12.61 15.42
CA THR C 389 20.48 -11.84 15.35
C THR C 389 19.85 -12.03 13.98
N THR C 390 18.56 -11.71 13.91
CA THR C 390 17.78 -11.80 12.69
C THR C 390 17.23 -10.45 12.26
N ASN C 391 16.61 -9.72 13.17
CA ASN C 391 16.08 -8.40 12.87
C ASN C 391 17.25 -7.41 12.70
N THR C 392 17.03 -6.43 11.83
CA THR C 392 18.02 -5.40 11.57
C THR C 392 17.90 -4.19 12.49
N SER C 393 16.72 -3.98 13.09
CA SER C 393 16.52 -2.84 13.97
C SER C 393 17.20 -3.09 15.30
N GLY C 394 18.22 -2.27 15.61
CA GLY C 394 18.98 -2.43 16.82
C GLY C 394 20.20 -3.33 16.70
N SER C 395 20.37 -4.00 15.57
CA SER C 395 21.54 -4.84 15.34
C SER C 395 22.63 -3.99 14.68
N GLN C 396 23.79 -4.60 14.44
CA GLN C 396 24.90 -3.86 13.85
C GLN C 396 25.67 -4.78 12.91
N THR C 397 26.16 -4.18 11.82
CA THR C 397 26.98 -4.89 10.85
C THR C 397 28.35 -5.15 11.44
N VAL C 398 28.64 -6.42 11.74
CA VAL C 398 29.82 -6.81 12.50
C VAL C 398 30.65 -7.76 11.64
N ALA C 399 31.94 -7.43 11.47
CA ALA C 399 32.86 -8.24 10.68
C ALA C 399 34.05 -8.65 11.53
N LYS C 400 34.55 -9.86 11.30
CA LYS C 400 35.67 -10.38 12.08
C LYS C 400 36.40 -11.43 11.27
N SER C 401 37.74 -11.37 11.28
CA SER C 401 38.54 -12.36 10.59
C SER C 401 38.51 -13.70 11.32
N ILE C 402 38.91 -14.76 10.61
CA ILE C 402 38.92 -16.10 11.20
C ILE C 402 40.31 -16.69 11.34
N TYR C 403 41.33 -16.10 10.72
CA TYR C 403 42.71 -16.52 10.93
C TYR C 403 43.49 -15.40 11.61
N ALA C 404 44.63 -15.77 12.17
CA ALA C 404 45.43 -14.85 12.96
C ALA C 404 46.09 -13.79 12.10
N VAL C 405 46.00 -12.54 12.56
CA VAL C 405 46.58 -11.39 11.87
C VAL C 405 47.54 -10.71 12.83
N VAL C 406 48.78 -10.50 12.39
CA VAL C 406 49.73 -9.73 13.17
C VAL C 406 49.30 -8.27 13.17
N THR C 407 49.24 -7.67 14.37
CA THR C 407 48.72 -6.34 14.66
C THR C 407 47.29 -6.15 14.17
N GLY C 408 46.86 -4.89 14.08
CA GLY C 408 45.50 -4.60 13.67
C GLY C 408 45.11 -3.16 13.95
N THR C 409 44.29 -2.59 13.07
CA THR C 409 43.91 -1.19 13.19
C THR C 409 42.85 -1.02 14.28
N ALA C 410 43.09 -0.08 15.18
CA ALA C 410 42.15 0.28 16.23
C ALA C 410 41.46 1.62 15.94
N GLN C 411 41.56 2.11 14.71
CA GLN C 411 41.02 3.42 14.37
C GLN C 411 39.50 3.39 14.33
N ASN C 412 38.87 4.36 14.99
CA ASN C 412 37.41 4.37 15.06
C ASN C 412 36.72 4.83 13.77
N PRO C 413 37.18 5.90 13.04
CA PRO C 413 36.52 6.18 11.76
C PRO C 413 36.99 5.34 10.58
N ALA C 414 37.59 4.17 10.83
CA ALA C 414 38.14 3.32 9.79
C ALA C 414 37.04 2.74 8.88
N GLY C 415 37.48 2.14 7.78
CA GLY C 415 36.56 1.59 6.81
C GLY C 415 36.88 0.15 6.49
N LEU C 416 35.85 -0.57 6.05
CA LEU C 416 35.96 -1.99 5.75
C LEU C 416 35.70 -2.24 4.28
N PHE C 417 36.59 -2.98 3.62
CA PHE C 417 36.39 -3.47 2.26
C PHE C 417 36.47 -4.98 2.31
N VAL C 418 35.48 -5.65 1.71
CA VAL C 418 35.45 -7.10 1.58
C VAL C 418 34.96 -7.40 0.17
N MET C 419 35.59 -8.38 -0.49
CA MET C 419 35.27 -8.74 -1.86
C MET C 419 33.89 -9.38 -1.95
N ALA C 420 33.40 -9.53 -3.18
CA ALA C 420 31.99 -9.82 -3.43
C ALA C 420 31.60 -11.24 -3.07
N SER C 421 32.23 -12.23 -3.70
CA SER C 421 31.85 -13.62 -3.47
C SER C 421 32.40 -14.13 -2.14
N GLY C 422 31.81 -15.22 -1.66
CA GLY C 422 32.18 -15.77 -0.37
C GLY C 422 32.38 -17.27 -0.44
N VAL C 423 33.13 -17.78 0.55
CA VAL C 423 33.37 -19.20 0.72
C VAL C 423 32.80 -19.59 2.07
N ILE C 424 32.97 -20.86 2.47
CA ILE C 424 32.24 -21.41 3.61
C ILE C 424 33.23 -21.67 4.74
N SER C 425 32.90 -21.18 5.93
CA SER C 425 33.70 -21.47 7.11
C SER C 425 33.29 -22.81 7.70
N THR C 426 34.21 -23.76 7.72
CA THR C 426 33.95 -25.10 8.21
C THR C 426 35.07 -25.48 9.18
N PRO C 427 34.75 -26.03 10.36
CA PRO C 427 35.81 -26.41 11.31
C PRO C 427 36.69 -27.54 10.80
N SER C 428 36.14 -28.47 10.03
CA SER C 428 36.90 -29.60 9.49
C SER C 428 36.78 -29.60 7.97
N ALA C 429 37.36 -30.63 7.35
CA ALA C 429 37.27 -30.79 5.90
C ALA C 429 35.97 -31.43 5.45
N ASN C 430 35.20 -32.01 6.38
CA ASN C 430 33.94 -32.65 6.03
C ASN C 430 32.87 -31.59 5.73
N ALA C 431 32.06 -31.89 4.72
CA ALA C 431 30.98 -31.00 4.34
C ALA C 431 29.82 -31.09 5.32
N ILE C 432 29.00 -30.05 5.33
CA ILE C 432 27.82 -29.97 6.18
C ILE C 432 26.62 -29.66 5.29
N THR C 433 25.48 -29.35 5.91
CA THR C 433 24.25 -29.03 5.14
C THR C 433 24.36 -27.63 4.55
N TYR C 434 23.34 -27.20 3.80
CA TYR C 434 23.36 -25.85 3.17
C TYR C 434 23.51 -24.80 4.27
N THR C 435 24.30 -23.76 4.01
CA THR C 435 24.56 -22.72 5.03
C THR C 435 23.35 -21.84 5.27
N PRO C 436 22.64 -21.27 4.25
CA PRO C 436 21.52 -20.31 4.50
C PRO C 436 20.32 -20.98 5.14
N GLN C 437 20.47 -21.48 6.36
CA GLN C 437 19.34 -22.12 7.08
C GLN C 437 18.35 -21.04 7.51
N PRO C 438 17.02 -21.24 7.33
CA PRO C 438 16.02 -20.19 7.64
C PRO C 438 16.07 -19.69 9.08
N ASP C 439 16.66 -20.46 10.00
CA ASP C 439 16.78 -20.00 11.37
C ASP C 439 17.81 -18.90 11.54
N ARG C 440 18.75 -18.76 10.59
CA ARG C 440 19.72 -17.67 10.60
C ARG C 440 19.75 -17.00 9.22
N ILE C 441 18.80 -16.10 9.00
CA ILE C 441 18.78 -15.23 7.83
C ILE C 441 18.38 -13.84 8.30
N VAL C 442 19.23 -12.85 8.05
CA VAL C 442 18.97 -11.50 8.51
C VAL C 442 17.88 -10.87 7.65
N THR C 443 16.81 -10.42 8.28
CA THR C 443 15.62 -9.96 7.58
C THR C 443 15.18 -8.62 8.14
N THR C 444 14.92 -7.66 7.25
CA THR C 444 14.38 -6.38 7.66
C THR C 444 12.92 -6.56 8.10
N PRO C 445 12.45 -5.75 9.05
CA PRO C 445 11.04 -5.81 9.44
C PRO C 445 10.14 -5.23 8.35
N GLY C 446 9.32 -6.09 7.75
CA GLY C 446 8.39 -5.66 6.73
C GLY C 446 8.29 -6.59 5.53
N THR C 447 9.23 -7.52 5.39
CA THR C 447 9.20 -8.43 4.26
C THR C 447 8.11 -9.48 4.42
N PRO C 448 7.48 -9.91 3.32
CA PRO C 448 6.56 -11.04 3.40
C PRO C 448 7.32 -12.34 3.65
N ALA C 449 6.61 -13.29 4.24
CA ALA C 449 7.18 -14.59 4.56
C ALA C 449 6.75 -15.64 3.54
N ALA C 450 7.69 -16.49 3.16
CA ALA C 450 7.40 -17.60 2.24
C ALA C 450 6.84 -18.75 3.06
N ALA C 451 5.53 -18.89 3.05
CA ALA C 451 4.87 -19.94 3.79
C ALA C 451 4.41 -21.05 2.85
N PRO C 452 4.40 -22.30 3.33
CA PRO C 452 3.88 -23.40 2.48
C PRO C 452 2.38 -23.28 2.28
N VAL C 453 1.96 -23.41 1.03
CA VAL C 453 0.55 -23.26 0.64
C VAL C 453 0.08 -24.63 0.18
N GLY C 454 -0.58 -25.35 1.08
CA GLY C 454 -1.04 -26.70 0.76
C GLY C 454 0.15 -27.65 0.71
N LYS C 455 0.21 -28.45 -0.35
CA LYS C 455 1.36 -29.32 -0.55
C LYS C 455 2.53 -28.60 -1.21
N ASN C 456 2.32 -27.39 -1.72
CA ASN C 456 3.41 -26.60 -2.24
C ASN C 456 4.28 -26.07 -1.10
N THR C 457 5.59 -26.09 -1.30
CA THR C 457 6.54 -25.68 -0.30
C THR C 457 7.56 -24.74 -0.93
N PRO C 458 8.10 -23.79 -0.16
CA PRO C 458 9.18 -22.94 -0.69
C PRO C 458 10.42 -23.72 -1.06
N ILE C 459 11.07 -23.29 -2.14
CA ILE C 459 12.31 -23.88 -2.58
C ILE C 459 13.37 -22.80 -2.67
N MET C 460 14.63 -23.22 -2.58
CA MET C 460 15.76 -22.33 -2.60
C MET C 460 16.84 -22.91 -3.51
N PHE C 461 17.40 -22.06 -4.34
CA PHE C 461 18.16 -22.49 -5.52
C PHE C 461 19.57 -22.87 -5.11
N ALA C 462 19.86 -24.17 -5.11
CA ALA C 462 21.13 -24.67 -4.61
C ALA C 462 22.26 -24.42 -5.62
N SER C 463 23.48 -24.33 -5.09
CA SER C 463 24.67 -24.12 -5.89
C SER C 463 25.87 -24.65 -5.13
N VAL C 464 26.88 -25.11 -5.86
CA VAL C 464 28.09 -25.65 -5.24
C VAL C 464 28.97 -24.48 -4.80
N VAL C 465 29.20 -24.37 -3.49
CA VAL C 465 30.02 -23.32 -2.92
C VAL C 465 31.15 -23.99 -2.13
N ARG C 466 32.37 -23.54 -2.40
CA ARG C 466 33.56 -24.14 -1.82
C ARG C 466 33.82 -23.59 -0.43
N ARG C 467 34.52 -24.39 0.38
CA ARG C 467 34.69 -24.12 1.80
C ARG C 467 36.16 -23.92 2.12
N THR C 468 36.39 -23.36 3.31
CA THR C 468 37.74 -23.26 3.86
C THR C 468 38.20 -24.56 4.52
N GLY C 469 37.32 -25.56 4.64
CA GLY C 469 37.77 -26.86 5.06
C GLY C 469 38.33 -27.69 3.92
N ASP C 470 37.92 -27.38 2.68
CA ASP C 470 38.43 -28.09 1.51
C ASP C 470 38.27 -27.14 0.33
N VAL C 471 39.40 -26.63 -0.17
CA VAL C 471 39.42 -25.89 -1.42
C VAL C 471 38.98 -26.69 -2.63
N ASN C 472 39.50 -27.90 -2.81
CA ASN C 472 39.26 -28.66 -4.04
C ASN C 472 37.90 -29.35 -4.08
N ALA C 473 37.05 -29.14 -3.08
CA ALA C 473 35.74 -29.77 -3.04
C ALA C 473 34.83 -29.12 -4.09
N THR C 474 34.48 -29.90 -5.12
CA THR C 474 33.58 -29.50 -6.18
C THR C 474 32.41 -30.48 -6.12
N ALA C 475 31.48 -30.41 -7.08
CA ALA C 475 30.37 -31.36 -7.14
C ALA C 475 30.89 -32.76 -7.47
N GLY C 476 30.39 -33.74 -6.73
CA GLY C 476 30.84 -35.11 -6.88
C GLY C 476 32.15 -35.43 -6.19
N SER C 477 32.61 -34.57 -5.28
CA SER C 477 33.86 -34.82 -4.57
C SER C 477 33.70 -35.95 -3.55
N ALA C 478 34.80 -36.62 -3.27
CA ALA C 478 34.80 -37.69 -2.26
C ALA C 478 34.69 -37.15 -0.85
N ASN C 479 35.15 -35.93 -0.61
CA ASN C 479 35.05 -35.32 0.71
C ASN C 479 33.63 -34.90 1.06
N GLY C 480 32.78 -34.71 0.06
CA GLY C 480 31.40 -34.29 0.31
C GLY C 480 31.17 -32.91 -0.27
N THR C 481 30.11 -32.81 -1.06
CA THR C 481 29.78 -31.53 -1.69
C THR C 481 29.13 -30.58 -0.69
N GLN C 482 29.35 -29.29 -0.91
CA GLN C 482 28.81 -28.24 -0.07
C GLN C 482 27.89 -27.37 -0.91
N TYR C 483 26.68 -27.14 -0.42
CA TYR C 483 25.63 -26.50 -1.19
C TYR C 483 25.32 -25.12 -0.63
N GLY C 484 25.35 -24.11 -1.50
CA GLY C 484 24.91 -22.79 -1.15
C GLY C 484 23.62 -22.47 -1.87
N THR C 485 22.64 -21.95 -1.15
CA THR C 485 21.28 -21.81 -1.65
C THR C 485 20.85 -20.35 -1.69
N GLY C 486 20.17 -19.96 -2.76
CA GLY C 486 19.64 -18.62 -2.89
C GLY C 486 18.15 -18.66 -3.18
N SER C 487 17.49 -17.54 -2.88
CA SER C 487 16.04 -17.47 -3.04
C SER C 487 15.64 -17.41 -4.51
N GLN C 488 16.29 -16.54 -5.28
CA GLN C 488 15.97 -16.37 -6.70
C GLN C 488 17.23 -16.52 -7.53
N PRO C 489 17.10 -16.94 -8.79
CA PRO C 489 18.23 -16.84 -9.72
C PRO C 489 18.59 -15.40 -10.00
N LEU C 490 19.88 -15.17 -10.26
CA LEU C 490 20.35 -13.81 -10.57
C LEU C 490 19.77 -13.20 -11.85
N PRO C 491 19.60 -13.92 -12.98
CA PRO C 491 18.83 -13.30 -14.09
C PRO C 491 17.39 -12.97 -13.74
N VAL C 492 16.76 -13.75 -12.86
CA VAL C 492 15.37 -13.50 -12.49
C VAL C 492 15.27 -12.20 -11.69
N THR C 493 16.14 -12.04 -10.68
CA THR C 493 16.09 -10.81 -9.90
C THR C 493 16.70 -9.63 -10.65
N ILE C 494 17.50 -9.87 -11.68
CA ILE C 494 17.95 -8.77 -12.54
C ILE C 494 16.78 -8.27 -13.39
N GLY C 495 16.02 -9.20 -13.99
CA GLY C 495 14.88 -8.80 -14.80
C GLY C 495 13.69 -8.29 -14.00
N LEU C 496 13.58 -8.69 -12.74
CA LEU C 496 12.51 -8.20 -11.88
C LEU C 496 12.76 -6.78 -11.42
N SER C 497 14.01 -6.33 -11.40
CA SER C 497 14.35 -4.99 -10.94
C SER C 497 14.23 -3.94 -12.04
N LEU C 498 14.01 -4.34 -13.28
CA LEU C 498 13.89 -3.41 -14.39
C LEU C 498 12.45 -3.22 -14.86
N ASN C 499 11.60 -4.24 -14.70
CA ASN C 499 10.24 -4.19 -15.20
C ASN C 499 9.25 -4.42 -14.06
N ASN C 500 8.00 -4.08 -14.33
CA ASN C 500 6.92 -4.21 -13.35
C ASN C 500 5.88 -5.18 -13.89
N TYR C 501 5.56 -6.19 -13.09
CA TYR C 501 4.50 -7.14 -13.46
C TYR C 501 3.36 -7.07 -12.46
N SER C 502 2.99 -5.84 -12.07
CA SER C 502 1.88 -5.66 -11.14
C SER C 502 0.56 -6.08 -11.77
N SER C 503 0.35 -5.74 -13.03
CA SER C 503 -0.82 -6.20 -13.78
C SER C 503 -0.53 -7.48 -14.54
N ALA C 504 0.04 -8.46 -13.84
CA ALA C 504 0.28 -9.79 -14.41
C ALA C 504 -0.09 -10.93 -13.48
N LEU C 505 -0.02 -10.70 -12.16
CA LEU C 505 -0.33 -11.77 -11.17
C LEU C 505 -1.03 -11.16 -9.97
N MET C 506 -2.34 -11.38 -9.84
CA MET C 506 -3.07 -10.88 -8.63
C MET C 506 -2.66 -11.74 -7.44
N PRO C 507 -2.60 -11.19 -6.20
CA PRO C 507 -2.14 -11.95 -5.00
C PRO C 507 -2.92 -13.26 -4.89
N GLY C 508 -2.20 -14.37 -4.68
CA GLY C 508 -2.86 -15.69 -4.58
C GLY C 508 -2.78 -16.44 -5.91
N GLN C 509 -1.94 -15.97 -6.83
CA GLN C 509 -1.77 -16.66 -8.13
C GLN C 509 -0.29 -16.99 -8.36
N PHE C 510 -0.01 -18.15 -8.96
CA PHE C 510 1.37 -18.51 -9.27
C PHE C 510 1.61 -18.33 -10.76
N PHE C 511 2.83 -17.98 -11.12
CA PHE C 511 3.29 -18.09 -12.50
C PHE C 511 4.15 -19.34 -12.60
N VAL C 512 3.71 -20.30 -13.40
CA VAL C 512 4.23 -21.67 -13.36
C VAL C 512 5.02 -21.94 -14.63
N TRP C 513 6.25 -22.42 -14.47
CA TRP C 513 7.05 -22.94 -15.56
C TRP C 513 7.11 -24.46 -15.48
N GLN C 514 7.29 -25.11 -16.63
CA GLN C 514 7.41 -26.56 -16.69
C GLN C 514 8.87 -26.93 -16.92
N LEU C 515 9.42 -27.71 -16.00
CA LEU C 515 10.79 -28.21 -16.12
C LEU C 515 10.73 -29.71 -16.41
N THR C 516 11.15 -30.10 -17.60
CA THR C 516 11.18 -31.50 -18.00
C THR C 516 12.60 -32.02 -17.87
N PHE C 517 12.73 -33.23 -17.33
CA PHE C 517 14.02 -33.86 -17.11
C PHE C 517 14.20 -35.02 -18.08
N ALA C 518 15.31 -35.74 -17.91
CA ALA C 518 15.56 -36.92 -18.73
C ALA C 518 14.63 -38.07 -18.37
N SER C 519 14.12 -38.12 -17.14
CA SER C 519 13.25 -39.18 -16.68
C SER C 519 11.81 -38.72 -16.50
N GLY C 520 11.58 -37.67 -15.71
CA GLY C 520 10.25 -37.15 -15.49
C GLY C 520 10.13 -35.66 -15.74
N PHE C 521 9.12 -35.03 -15.16
CA PHE C 521 8.95 -33.58 -15.29
C PHE C 521 8.38 -33.07 -13.97
N MET C 522 8.59 -31.78 -13.73
CA MET C 522 8.14 -31.16 -12.49
C MET C 522 7.93 -29.67 -12.76
N GLU C 523 7.16 -29.04 -11.88
CA GLU C 523 6.69 -27.68 -12.07
C GLU C 523 7.06 -26.83 -10.87
N ILE C 524 7.57 -25.63 -11.13
CA ILE C 524 7.80 -24.63 -10.09
C ILE C 524 6.94 -23.41 -10.40
N GLY C 525 6.64 -22.64 -9.36
CA GLY C 525 5.78 -21.49 -9.49
C GLY C 525 6.34 -20.28 -8.76
N LEU C 526 5.99 -19.10 -9.26
CA LEU C 526 6.46 -17.84 -8.73
C LEU C 526 5.30 -17.07 -8.12
N SER C 527 5.49 -16.59 -6.89
CA SER C 527 4.44 -15.86 -6.20
C SER C 527 4.59 -14.36 -6.43
N VAL C 528 3.68 -13.59 -5.84
CA VAL C 528 3.73 -12.13 -5.94
C VAL C 528 4.93 -11.58 -5.19
N ASP C 529 5.23 -12.15 -4.02
CA ASP C 529 6.36 -11.71 -3.20
C ASP C 529 7.71 -12.05 -3.81
N GLY C 530 7.76 -12.87 -4.86
CA GLY C 530 9.00 -13.21 -5.53
C GLY C 530 9.60 -14.53 -5.15
N TYR C 531 8.96 -15.28 -4.26
CA TYR C 531 9.48 -16.57 -3.84
C TYR C 531 9.08 -17.66 -4.82
N PHE C 532 9.89 -18.70 -4.90
CA PHE C 532 9.67 -19.80 -5.83
C PHE C 532 9.06 -20.98 -5.08
N TYR C 533 8.02 -21.56 -5.64
CA TYR C 533 7.23 -22.61 -4.99
C TYR C 533 7.14 -23.82 -5.90
N ALA C 534 7.50 -24.98 -5.35
CA ALA C 534 7.34 -26.26 -6.03
C ALA C 534 6.62 -27.21 -5.08
N GLY C 535 5.79 -28.09 -5.63
CA GLY C 535 5.00 -28.95 -4.78
C GLY C 535 5.60 -30.32 -4.51
N THR C 536 6.28 -30.45 -3.37
CA THR C 536 6.82 -31.74 -2.93
C THR C 536 6.32 -32.16 -1.56
N GLY C 537 5.48 -31.36 -0.92
CA GLY C 537 4.96 -31.73 0.39
C GLY C 537 5.97 -31.46 1.47
N ALA C 538 6.27 -32.48 2.27
CA ALA C 538 7.23 -32.38 3.35
C ALA C 538 8.61 -32.93 2.96
N SER C 539 8.81 -33.25 1.68
CA SER C 539 10.09 -33.79 1.25
C SER C 539 11.15 -32.70 1.21
N THR C 540 12.36 -33.06 1.62
CA THR C 540 13.49 -32.14 1.66
C THR C 540 14.67 -32.64 0.82
N THR C 541 14.42 -33.56 -0.12
CA THR C 541 15.47 -34.08 -0.96
C THR C 541 15.86 -33.04 -2.02
N LEU C 542 17.17 -32.86 -2.20
CA LEU C 542 17.66 -31.91 -3.19
C LEU C 542 17.46 -32.43 -4.60
N ILE C 543 16.92 -31.57 -5.47
CA ILE C 543 16.69 -31.92 -6.86
C ILE C 543 18.02 -31.95 -7.60
N ASP C 544 18.22 -32.98 -8.43
CA ASP C 544 19.51 -33.20 -9.08
C ASP C 544 19.83 -32.11 -10.10
N LEU C 545 18.85 -31.78 -10.95
CA LEU C 545 18.84 -30.66 -11.91
C LEU C 545 19.91 -30.77 -13.00
N THR C 546 20.70 -31.84 -13.04
CA THR C 546 21.74 -31.98 -14.06
C THR C 546 21.19 -32.53 -15.37
N GLU C 547 19.97 -33.06 -15.39
CA GLU C 547 19.37 -33.63 -16.58
C GLU C 547 18.24 -32.76 -17.13
N LEU C 548 18.23 -31.48 -16.80
CA LEU C 548 17.18 -30.59 -17.26
C LEU C 548 17.40 -30.28 -18.74
N ILE C 549 16.35 -30.42 -19.55
CA ILE C 549 16.44 -30.25 -20.99
C ILE C 549 15.55 -29.11 -21.49
N ASP C 550 14.34 -28.99 -20.94
CA ASP C 550 13.37 -28.06 -21.48
C ASP C 550 12.79 -27.29 -20.30
N VAL C 551 12.73 -25.96 -20.45
CA VAL C 551 12.05 -25.07 -19.51
C VAL C 551 11.06 -24.25 -20.32
N ARG C 552 9.77 -24.42 -20.02
CA ARG C 552 8.75 -23.69 -20.74
C ARG C 552 7.69 -23.15 -19.78
N PRO C 553 7.06 -22.03 -20.10
CA PRO C 553 6.01 -21.49 -19.22
C PRO C 553 4.62 -21.94 -19.62
N VAL C 554 3.74 -22.01 -18.62
CA VAL C 554 2.35 -22.37 -18.86
C VAL C 554 1.38 -21.25 -18.51
N GLY C 555 1.79 -20.26 -17.72
CA GLY C 555 0.93 -19.13 -17.42
C GLY C 555 0.46 -19.09 -15.98
N PRO C 556 -0.52 -18.24 -15.70
CA PRO C 556 -0.98 -18.06 -14.31
C PRO C 556 -1.83 -19.24 -13.83
N ARG C 557 -1.56 -19.68 -12.60
CA ARG C 557 -2.25 -20.76 -11.93
C ARG C 557 -2.55 -20.37 -10.50
N PRO C 558 -3.62 -20.90 -9.90
CA PRO C 558 -3.93 -20.57 -8.51
C PRO C 558 -2.91 -21.13 -7.53
N SER C 559 -2.79 -20.45 -6.39
CA SER C 559 -1.78 -20.82 -5.40
C SER C 559 -2.11 -22.13 -4.70
N LYS C 560 -3.40 -22.36 -4.42
CA LYS C 560 -3.83 -23.56 -3.70
C LYS C 560 -4.11 -24.71 -4.65
N SER C 561 -3.14 -25.00 -5.50
CA SER C 561 -3.20 -26.12 -6.43
C SER C 561 -1.86 -26.84 -6.39
N THR C 562 -1.90 -28.17 -6.41
CA THR C 562 -0.68 -28.96 -6.31
C THR C 562 0.04 -28.95 -7.64
N LEU C 563 1.26 -28.41 -7.66
CA LEU C 563 2.10 -28.51 -8.85
C LEU C 563 2.59 -29.95 -8.99
N VAL C 564 2.51 -30.48 -10.21
CA VAL C 564 2.84 -31.88 -10.45
C VAL C 564 4.36 -32.07 -10.35
N PHE C 565 4.77 -33.07 -9.57
CA PHE C 565 6.18 -33.32 -9.33
C PHE C 565 6.41 -34.82 -9.41
N ASN C 566 7.15 -35.27 -10.42
CA ASN C 566 7.52 -36.67 -10.53
C ASN C 566 8.84 -36.77 -11.29
N LEU C 567 9.87 -37.22 -10.60
CA LEU C 567 11.19 -37.41 -11.22
C LEU C 567 11.36 -38.86 -11.66
N GLY C 568 10.45 -39.30 -12.54
CA GLY C 568 10.46 -40.65 -13.05
C GLY C 568 9.12 -41.10 -13.59
#